data_7EGG
#
_entry.id   7EGG
#
_cell.length_a   1.00
_cell.length_b   1.00
_cell.length_c   1.00
_cell.angle_alpha   90.00
_cell.angle_beta   90.00
_cell.angle_gamma   90.00
#
_symmetry.space_group_name_H-M   'P 1'
#
loop_
_entity.id
_entity.type
_entity.pdbx_description
1 polymer 'Transcription initiation factor TFIID subunit 4'
2 polymer 'Transcription initiation factor TFIID subunit 5'
3 polymer 'Transcription initiation factor TFIID subunit 6'
4 polymer 'Transcription initiation factor TFIID subunit 8'
5 polymer 'Transcription initiation factor TFIID subunit 9'
6 polymer 'Transcription initiation factor TFIID subunit 10'
7 polymer 'Transcription initiation factor TFIID subunit 12'
#
loop_
_entity_poly.entity_id
_entity_poly.type
_entity_poly.pdbx_seq_one_letter_code
_entity_poly.pdbx_strand_id
1 'polypeptide(L)'
;MAAGSDLLDEVFFNSEVDEKVVSDLVGSLESQLAASAAHHHHLAPRTPEVRAAAAGALGNHVVSGSPAGAAGAGPAAPAE
GAPGAAPEPPPAGRARPGGGGPQRPGPPSPRRPLVPAGPAPPAAKLRPPPEGSAGSCAPVPAAAAVAAGPEPAPAGPAKP
AGPAALAARAGPGPGPGPGPGPGPGPGKPAGPGAAQTLNGSAALLNSHHAAAPAVSLVNNGPAALLPLPKPAAPGTVIQT
PPFVGAAAPPAPAAPSPPAAPAPAAPAAAPPPPPPAPATLARPPGHPAGPPTAAPAVPPPAAAQNGGSAGAAPAPAPAAG
GPAGVSGQPGPGAAAAAPAPGVKAESPKRVVQAAPPAAQTLAASGPASTAASMVIGPTMQGALPSPAAVPPPAPGTPTGL
PKGAAGAVTQSLSRTPTATTSGIRATLTPTVLAPRLPQPPQNPTNIQNFQLPPGMVLVRSENGQLLMIPQQALAQMQAQA
HAQPQTTMAPRPATPTSAPPVQISTVQAPGTPIIARQVTPTTIIKQVSQAQTTVQPSATLQRSPGVQPQLVLGGAAQTAS
LGTATAVQTGTPQRTVPGATTTSSAATETMENVKKCKNFLSTLIKLASSGKQSTETAANVKELVQNLLDGKIEAEDFTSR
LYRELNSSPQPYLVPFLKRSLPALRQLTPDSAAFIQQSQQQPPPPTSQATTALTAVVLSSSVQRTAGKTAATVTSALQPP
VLSLTQPTQVGVGKQGQPTPLVIQQPPKPGALIRPPQVTLTQTPMVALRQPHNRIMLTTPQQIQLNPLQPVPVVKPAVLP
GTKALSAVSAQAAAAQKNKLKEPGGGSFRDDDDINDVASMAGVNLSEESARILATNSELVGTLTRSCKDETFLLQAPLQR
RILEIGKKHGITELHPDVVSYVSHATQQRLQNLVEKISETAQQKNFSYKDDDRYEQASDVRAQLKFFEQLDQIEKQRKDE
QEREILMRAAKSRSRQEDPEQLRLKQKAKEMQQQELAQMRQRDANLTALAAIGPRKKRKVDCPGPGSGAEGSGPGSVVPG
SSGVGTPRQFTRQRITRVNLRDLIFCLENERETSHSLLLYKAFLK
;
D
2 'polypeptide(L)'
;MAALAEEQTEVAVKLEPEGPPTLLPPQAGDGAGEGSGGTTNNGPNGGGGNVAASSSTGGDGGTPKPTVAVSAAAPAGAAP
VPAAAPDAGAPHDRQTLLAVLQFLRQSKLREAEEALRREAGLLEEAVAGSGAPGEVDSAGAEVTSALLSRVTASAPGPAA
PDPPGTGASGATVVSGSASGPAAPGKVGSVAVEDQPDVSAVLSAYNQQGDPTMYEEYYSGLKHFIECSLDCHRAELSQLF
YPLFVHMYLELVYNQHENEAKSFFEKFHGDQECYYQDDLRVLSSLTKKEHMKGNETMLDFRTSKFVLRISRDSYQLLKRH
LQEKQNNQIWNIVQEHLYIDIFDGMPRSKQQIDAMVGSLAGEAKREANKSKVFFGLLKEPEIEVPLDDEDEEGENEEGKP
KKKKPKKDSIGSKSKKQDPNAPPQNRIPLPELKDSDKLDKIMNMKETTKRVRLGPDCLPSICFYTFLNAYQGLTAVDVTD
DSSLIAGGFADSTVRVWSVTPKKLRSVKQASDLSLIDKESDDVLERIMDEKTASELKILYGHSGPVYGASFSPDRNYLLS
SSEDGTVRLWSLQTFTCLVGYKGHNYPVWDTQFSPYGYYFVSGGHDRVARLWATDHYQPLRIFAGHLADVNCTRFHPNSN
YVATGSADRTVRLWDVLNGNCVRIFTGHKGPIHSLTFSPNGRFLATGATDGRVLLWDIGHGLMVGELKGHTDTVCSLRFS
RDGEILASGSMDNTVRLWDAIKAFEDLETDDFTTATGHINLPENSQELLLGTYMTKSTPVVHLHFTRRNLVLAAGAYSPQ
;
E
3 'polypeptide(L)'
;MAEEKKLKLSNTVLPSESMKVVAESMGIAQIQEETCQLLTDEVSYRIKEIAQDALKFMHMGKRQKLTTSDIDYALKLKNV
EPLYGFHAQEFIPFRFASGGGRELYFYEEKEVDLSDIINTPLPRVPLDVCLKAHWLSIEGCQPAIPENPPPAPKEQQKAE
ATEPLKSAKPGQEEDGPLKGKGQGATTADGKGKEKKAPPLLEGAPLRLKPRSIHELSVEQQLYYKEITEACVGSCEAKRA
EALQSIATDPGLYQMLPRFSTFISEGVRVNVVQNNLALLIYLMRMVKALMDNPTLYLEKYVHELIPAVMTCIVSRQLCLR
PDVDNHWALRDFAARLVAQICKHFSTTTNNIQSRITKTFTKSWVDEKTPWTTRYGSIAGLAELGHDVIKTLILPRLQQEG
ERIRSVLDGPVLSNIDRIGADHVQSLLLKHCAPVLAKLRPPPDNQDAYRAEFGSLGPLLCSQVVKARAQAALQAQQVNRT
TLTITQPRPTLTLSQAPQPGPRTPGLLKVPGSIALPVQTLVSARAAAPPQPSPPPTKFIVMSSSSSAPSTQQVLSLSTSA
PGSGSTTTSPVTTTVPSVQPIVKLVSTATTAPPSTAPSGPGSVQKYIVVSLPPTGEGKGGPTSHPSPVPPPASSPSPLSG
SALCGGKQEAGDSPPPAPGTPKANGSQPNSGSPQPAP
;
F
4 'polypeptide(L)'
;MADAAATAGAGGSGTRSGSKQSTNPADNYHLARRRTLQVVVSSLLTEAGFESAEKASVETLTEMLQSYISEIGRSAKSYC
EHTARTQPTLSDIVVTLVEMGFNVDTLPAYAKRSQRMVITAPPVTNQPVTPKALTAGQNRPHPPHIPSHFPEFPDPHTYI
KTPTYREPVSDYQVLREKAASQRRDVERALTRFMAKTGETQSLFKDDVSTFPLIAARPFTIPYLTALLPSELEMQQMEET
DSSEQDEQTDTENLALHISMEDSGAEKENTSVLQQNPSLSGSRNGEENIIDNPYLRPVKKPKIRRKKSLS
;
H
5 'polypeptide(L)'
;MESGKTASPKSMPKDAQMMAQILKDMGITEYEPRVINQMLEFAFRYVTTILDDAKIYSSHAKKATVDADDVRLAIQCRAD
QSFTSPPPRDFLLDIARQRNQTPLPLIKPYSGPRLPPDRYCLTAPNYRLKSLQKKASTSAGRITVPRLSVGSVTSRPSTP
TLGTPTPQTMSVSTKVGTPMSLTGQRFTVQMPTSQSPAVKASIPATSAVQNVLINPSLIGSKNILITTNMMSSQNTANES
SNALKRKREDDDDDDDDDDDYDNL
;
I
6 'polypeptide(L)'
;MSCSGSGADPEAAPASAASAPGPAPPVSAPAALPSSTAAENKASPAGTAGGPGAGAAAGGTGPLAARAGEPAERRGAAPV
SAGGAAPPEGAISNGVYVLPSAANGDVKPVVSSTPLVDFLMQLEDYTPTIPDAVTGYYLNRAGFEASDPRIIRLISLAAQ
KFISDIANDALQHCKMKGTASGSSRSKSKDRKYTLTMEDLTPALSEYGINVKKPHYFT
;
J
7 'polypeptide(L)'
;MNQFGPSALINLSNFSSIKPEPASTPPQGSMANSTAVVKIPGTPGAGGRLSPENNQVLTKKKLQDLVREVDPNEQLDEDV
EEMLLQIADDFIESVVTAACQLARHRKSSTLEVKDVQLHLERQWNMWIPGFGSEEIRPYKKACTTEAHKQRMALIRKTTK
K
;
L
#
# COMPACT_ATOMS: atom_id res chain seq x y z
N VAL A 837 3.89 -30.78 -15.09
CA VAL A 837 4.15 -32.15 -15.53
C VAL A 837 4.33 -33.05 -14.31
N ALA A 838 4.87 -32.48 -13.22
CA ALA A 838 5.00 -33.24 -11.99
C ALA A 838 3.64 -33.45 -11.33
N SER A 839 2.71 -32.52 -11.53
CA SER A 839 1.36 -32.61 -11.03
C SER A 839 0.43 -33.07 -12.15
N MET A 840 -0.29 -34.17 -11.92
CA MET A 840 -1.13 -34.72 -12.98
C MET A 840 -2.41 -33.91 -13.16
N ALA A 841 -2.97 -33.39 -12.07
CA ALA A 841 -4.13 -32.51 -12.12
C ALA A 841 -3.75 -31.05 -11.92
N GLY A 842 -2.62 -30.63 -12.51
CA GLY A 842 -2.07 -29.32 -12.22
C GLY A 842 -2.96 -28.20 -12.72
N VAL A 843 -2.90 -27.06 -12.02
CA VAL A 843 -3.90 -26.02 -12.21
C VAL A 843 -3.49 -25.05 -13.31
N ASN A 844 -2.19 -24.95 -13.60
CA ASN A 844 -1.76 -24.19 -14.77
C ASN A 844 -1.83 -25.00 -16.05
N LEU A 845 -2.08 -26.30 -15.95
CA LEU A 845 -2.38 -27.10 -17.13
C LEU A 845 -3.74 -26.73 -17.70
N SER A 846 -4.74 -26.56 -16.82
CA SER A 846 -6.09 -26.24 -17.28
C SER A 846 -6.20 -24.77 -17.66
N GLU A 847 -5.27 -23.93 -17.19
CA GLU A 847 -5.30 -22.52 -17.56
C GLU A 847 -4.96 -22.31 -19.01
N GLU A 848 -3.77 -22.73 -19.45
CA GLU A 848 -3.31 -22.47 -20.81
C GLU A 848 -3.94 -23.41 -21.83
N SER A 849 -4.74 -24.39 -21.40
CA SER A 849 -5.54 -25.17 -22.33
C SER A 849 -6.91 -24.54 -22.55
N ALA A 850 -7.41 -23.80 -21.57
CA ALA A 850 -8.67 -23.07 -21.75
C ALA A 850 -8.43 -21.64 -22.23
N ARG A 851 -7.20 -21.15 -22.06
CA ARG A 851 -6.84 -19.83 -22.58
C ARG A 851 -6.73 -19.88 -24.10
N ILE A 852 -6.17 -20.97 -24.62
CA ILE A 852 -5.99 -21.11 -26.07
C ILE A 852 -7.35 -21.23 -26.76
N LEU A 853 -8.29 -21.94 -26.15
CA LEU A 853 -9.64 -22.02 -26.71
C LEU A 853 -10.41 -20.72 -26.52
N ALA A 854 -9.96 -19.86 -25.60
CA ALA A 854 -10.55 -18.53 -25.50
C ALA A 854 -10.00 -17.60 -26.58
N THR A 855 -8.73 -17.79 -26.97
CA THR A 855 -8.19 -17.00 -28.07
C THR A 855 -8.60 -17.57 -29.42
N ASN A 856 -8.94 -18.86 -29.46
CA ASN A 856 -9.53 -19.43 -30.67
C ASN A 856 -10.97 -19.00 -30.82
N SER A 857 -11.64 -18.68 -29.72
CA SER A 857 -12.99 -18.13 -29.75
C SER A 857 -12.99 -16.61 -29.82
N GLU A 858 -11.81 -16.00 -29.98
CA GLU A 858 -11.62 -14.55 -30.18
C GLU A 858 -12.20 -13.68 -29.07
N THR A 871 10.77 -18.40 -29.76
CA THR A 871 11.70 -17.34 -30.09
C THR A 871 12.90 -17.89 -30.86
N PHE A 872 13.46 -18.99 -30.36
CA PHE A 872 14.62 -19.68 -30.94
C PHE A 872 15.81 -18.72 -31.09
N LEU A 873 16.35 -18.36 -29.92
CA LEU A 873 17.43 -17.39 -29.80
C LEU A 873 18.65 -17.79 -30.63
N LEU A 874 19.37 -16.77 -31.10
CA LEU A 874 20.51 -17.00 -31.98
C LEU A 874 21.67 -17.62 -31.21
N GLN A 875 22.20 -18.72 -31.72
CA GLN A 875 23.11 -19.56 -30.95
C GLN A 875 24.49 -18.92 -30.78
N ALA A 876 24.90 -18.08 -31.72
CA ALA A 876 26.23 -17.49 -31.63
C ALA A 876 26.33 -16.32 -30.64
N PRO A 877 25.43 -15.31 -30.62
CA PRO A 877 25.56 -14.29 -29.56
C PRO A 877 25.09 -14.76 -28.19
N LEU A 878 24.30 -15.84 -28.12
CA LEU A 878 23.87 -16.34 -26.81
C LEU A 878 25.01 -17.06 -26.11
N GLN A 879 25.84 -17.79 -26.87
CA GLN A 879 26.93 -18.56 -26.28
C GLN A 879 28.00 -17.63 -25.69
N ARG A 880 28.18 -16.45 -26.29
CA ARG A 880 29.04 -15.44 -25.67
C ARG A 880 28.37 -14.81 -24.45
N ARG A 881 27.04 -14.80 -24.43
CA ARG A 881 26.31 -14.16 -23.34
C ARG A 881 26.34 -15.01 -22.07
N ILE A 882 26.23 -16.33 -22.21
CA ILE A 882 26.30 -17.22 -21.05
C ILE A 882 27.71 -17.20 -20.45
N LEU A 883 28.73 -17.15 -21.31
CA LEU A 883 30.10 -17.29 -20.84
C LEU A 883 30.59 -16.06 -20.09
N GLU A 884 30.06 -14.88 -20.40
CA GLU A 884 30.51 -13.67 -19.71
C GLU A 884 29.94 -13.60 -18.29
N ILE A 885 28.70 -14.04 -18.10
CA ILE A 885 28.16 -14.17 -16.76
C ILE A 885 28.82 -15.33 -16.00
N GLY A 886 29.40 -16.29 -16.73
CA GLY A 886 30.09 -17.39 -16.10
C GLY A 886 31.46 -17.03 -15.56
N LYS A 887 32.00 -15.87 -15.97
CA LYS A 887 33.27 -15.41 -15.41
C LYS A 887 33.12 -14.98 -13.96
N LYS A 888 31.92 -14.52 -13.57
CA LYS A 888 31.67 -14.07 -12.21
C LYS A 888 31.45 -15.22 -11.23
N HIS A 889 31.36 -16.46 -11.72
CA HIS A 889 31.18 -17.61 -10.85
C HIS A 889 32.22 -18.70 -11.04
N GLY A 890 32.98 -18.68 -12.13
CA GLY A 890 33.97 -19.72 -12.39
C GLY A 890 33.38 -20.89 -13.13
N ILE A 891 32.66 -20.61 -14.21
CA ILE A 891 31.89 -21.60 -14.97
C ILE A 891 32.44 -21.56 -16.40
N THR A 892 33.78 -21.52 -16.51
CA THR A 892 34.58 -21.18 -17.69
C THR A 892 34.13 -21.76 -19.03
N GLU A 893 33.52 -22.95 -19.06
CA GLU A 893 32.97 -23.48 -20.29
C GLU A 893 31.59 -24.07 -20.02
N LEU A 894 30.79 -24.19 -21.08
CA LEU A 894 29.42 -24.64 -20.96
C LEU A 894 29.18 -25.88 -21.83
N HIS A 895 28.18 -26.66 -21.43
CA HIS A 895 27.84 -27.88 -22.14
C HIS A 895 27.17 -27.53 -23.48
N PRO A 896 27.44 -28.29 -24.54
CA PRO A 896 26.91 -27.93 -25.87
C PRO A 896 25.40 -28.06 -26.02
N ASP A 897 24.70 -28.71 -25.09
CA ASP A 897 23.25 -28.81 -25.15
C ASP A 897 22.55 -27.79 -24.27
N VAL A 898 23.29 -26.81 -23.75
CA VAL A 898 22.72 -25.82 -22.84
C VAL A 898 22.29 -24.56 -23.59
N VAL A 899 23.09 -24.12 -24.55
CA VAL A 899 22.80 -22.89 -25.29
C VAL A 899 21.56 -23.05 -26.17
N SER A 900 21.19 -24.27 -26.53
CA SER A 900 19.90 -24.52 -27.17
C SER A 900 18.82 -24.89 -26.17
N TYR A 901 19.18 -25.19 -24.93
CA TYR A 901 18.18 -25.43 -23.90
C TYR A 901 17.69 -24.12 -23.30
N VAL A 902 18.59 -23.14 -23.16
CA VAL A 902 18.19 -21.81 -22.69
C VAL A 902 17.35 -21.12 -23.76
N SER A 903 17.64 -21.39 -25.03
CA SER A 903 16.82 -20.84 -26.12
C SER A 903 15.43 -21.46 -26.14
N HIS A 904 15.30 -22.74 -25.80
CA HIS A 904 13.99 -23.35 -25.63
C HIS A 904 13.32 -22.91 -24.35
N ALA A 905 14.09 -22.48 -23.34
CA ALA A 905 13.52 -21.98 -22.11
C ALA A 905 13.09 -20.53 -22.23
N THR A 906 13.77 -19.75 -23.07
CA THR A 906 13.36 -18.37 -23.31
C THR A 906 12.12 -18.33 -24.19
N GLN A 907 11.96 -19.32 -25.07
CA GLN A 907 10.79 -19.39 -25.94
C GLN A 907 9.53 -19.68 -25.12
N GLN A 908 9.60 -20.67 -24.24
CA GLN A 908 8.44 -20.99 -23.41
C GLN A 908 8.18 -19.96 -22.31
N ARG A 909 9.12 -19.04 -22.07
CA ARG A 909 8.83 -17.91 -21.19
C ARG A 909 8.04 -16.85 -21.93
N LEU A 910 8.41 -16.55 -23.17
CA LEU A 910 7.72 -15.49 -23.90
C LEU A 910 6.46 -15.99 -24.58
N GLN A 911 6.40 -17.26 -24.96
CA GLN A 911 5.16 -17.80 -25.51
C GLN A 911 4.09 -17.95 -24.43
N ASN A 912 4.51 -18.18 -23.19
CA ASN A 912 3.57 -18.11 -22.07
C ASN A 912 3.15 -16.68 -21.76
N LEU A 913 3.90 -15.69 -22.25
CA LEU A 913 3.54 -14.30 -22.06
C LEU A 913 2.89 -13.68 -23.29
N VAL A 914 3.19 -14.18 -24.49
CA VAL A 914 2.50 -13.71 -25.69
C VAL A 914 1.07 -14.22 -25.72
N GLU A 915 0.86 -15.48 -25.33
CA GLU A 915 -0.49 -16.02 -25.20
C GLU A 915 -1.27 -15.34 -24.08
N LYS A 916 -0.59 -14.90 -23.02
CA LYS A 916 -1.27 -14.26 -21.91
C LYS A 916 -1.70 -12.83 -22.26
N ILE A 917 -0.89 -12.11 -23.03
CA ILE A 917 -1.29 -10.77 -23.42
C ILE A 917 -2.23 -10.77 -24.62
N SER A 918 -2.33 -11.88 -25.36
CA SER A 918 -3.28 -11.96 -26.45
C SER A 918 -4.70 -12.19 -25.98
N GLU A 919 -4.88 -12.87 -24.85
CA GLU A 919 -6.22 -13.10 -24.33
C GLU A 919 -6.74 -11.91 -23.54
N THR A 920 -5.90 -10.91 -23.28
CA THR A 920 -6.38 -9.64 -22.73
C THR A 920 -6.37 -8.52 -23.75
N ALA A 921 -5.69 -8.70 -24.89
CA ALA A 921 -5.83 -7.76 -25.99
C ALA A 921 -7.07 -8.05 -26.83
N GLN A 922 -7.63 -9.24 -26.73
CA GLN A 922 -8.92 -9.56 -27.33
C GLN A 922 -10.07 -9.40 -26.33
N GLN A 923 -9.76 -9.08 -25.08
CA GLN A 923 -10.80 -8.78 -24.10
C GLN A 923 -11.44 -7.43 -24.39
N LYS A 924 -10.71 -6.51 -25.02
CA LYS A 924 -11.22 -5.19 -25.37
C LYS A 924 -11.95 -5.18 -26.71
N ASN A 925 -11.77 -6.21 -27.53
CA ASN A 925 -12.41 -6.28 -28.84
C ASN A 925 -13.71 -7.09 -28.81
N PHE A 926 -14.37 -7.15 -27.67
CA PHE A 926 -15.68 -7.78 -27.55
C PHE A 926 -16.72 -6.67 -27.46
N SER A 927 -17.37 -6.38 -28.57
CA SER A 927 -18.40 -5.35 -28.61
C SER A 927 -19.72 -5.95 -28.13
N TYR A 928 -20.23 -5.43 -27.02
CA TYR A 928 -21.50 -5.92 -26.47
C TYR A 928 -22.69 -5.38 -27.25
N LYS A 929 -22.56 -4.20 -27.87
CA LYS A 929 -23.72 -3.51 -28.44
C LYS A 929 -24.21 -4.15 -29.73
N ASP A 930 -23.40 -4.98 -30.38
CA ASP A 930 -23.91 -5.73 -31.53
C ASP A 930 -24.84 -6.85 -31.07
N ASP A 931 -24.51 -7.50 -29.95
CA ASP A 931 -25.38 -8.50 -29.36
C ASP A 931 -26.57 -7.83 -28.67
N ASP A 932 -27.71 -8.51 -28.68
CA ASP A 932 -28.89 -8.03 -27.99
C ASP A 932 -29.33 -9.01 -26.89
N ARG A 933 -28.39 -9.82 -26.42
CA ARG A 933 -28.57 -10.51 -25.15
C ARG A 933 -28.12 -9.64 -23.98
N TYR A 934 -27.35 -8.59 -24.26
CA TYR A 934 -26.87 -7.67 -23.24
C TYR A 934 -27.65 -6.37 -23.28
N GLU A 935 -27.74 -5.72 -22.12
CA GLU A 935 -28.44 -4.45 -21.97
C GLU A 935 -27.48 -3.43 -21.35
N GLN A 936 -27.58 -2.20 -21.82
CA GLN A 936 -26.74 -1.14 -21.27
C GLN A 936 -27.24 -0.74 -19.89
N ALA A 937 -26.30 -0.50 -18.97
CA ALA A 937 -26.64 -0.20 -17.59
C ALA A 937 -26.24 1.19 -17.13
N SER A 938 -25.06 1.68 -17.52
CA SER A 938 -24.61 2.99 -17.07
C SER A 938 -23.58 3.52 -18.06
N ASP A 939 -23.96 4.54 -18.82
CA ASP A 939 -23.05 5.22 -19.74
C ASP A 939 -22.59 6.52 -19.06
N VAL A 940 -21.35 6.59 -18.57
CA VAL A 940 -20.88 7.81 -17.86
C VAL A 940 -20.16 8.73 -18.82
N ARG A 941 -19.63 8.18 -19.89
CA ARG A 941 -18.94 9.00 -20.91
C ARG A 941 -19.95 9.97 -21.49
N ALA A 942 -21.18 9.56 -21.73
CA ALA A 942 -22.24 10.43 -22.25
C ALA A 942 -22.63 11.56 -21.29
N GLN A 943 -22.71 11.28 -19.98
CA GLN A 943 -22.97 12.32 -18.97
C GLN A 943 -21.81 13.31 -18.97
N LEU A 944 -20.59 12.81 -19.12
CA LEU A 944 -19.40 13.69 -19.20
C LEU A 944 -19.45 14.54 -20.46
N LYS A 945 -19.93 14.00 -21.56
CA LYS A 945 -20.08 14.77 -22.81
C LYS A 945 -21.11 15.86 -22.61
N PHE A 946 -22.19 15.59 -21.88
CA PHE A 946 -23.15 16.68 -21.57
C PHE A 946 -22.46 17.77 -20.77
N PHE A 947 -21.65 17.40 -19.79
CA PHE A 947 -20.92 18.46 -19.03
C PHE A 947 -19.98 19.27 -19.93
N GLU A 948 -19.29 18.62 -20.86
CA GLU A 948 -18.41 19.35 -21.82
C GLU A 948 -19.22 20.29 -22.69
N GLN A 949 -20.41 19.90 -23.12
CA GLN A 949 -21.31 20.79 -23.90
C GLN A 949 -21.71 21.99 -23.08
N LEU A 950 -22.02 21.79 -21.80
CA LEU A 950 -22.33 22.96 -20.93
C LEU A 950 -21.12 23.90 -20.85
N ASP A 951 -19.92 23.33 -20.75
CA ASP A 951 -18.69 24.18 -20.75
C ASP A 951 -18.52 24.92 -22.07
N GLN A 952 -18.80 24.29 -23.20
CA GLN A 952 -18.73 25.02 -24.49
C GLN A 952 -19.76 26.13 -24.52
N ILE A 953 -20.94 25.92 -23.97
CA ILE A 953 -21.94 27.03 -23.90
C ILE A 953 -21.38 28.16 -23.06
N GLU A 954 -20.76 27.89 -21.91
CA GLU A 954 -20.12 28.99 -21.12
C GLU A 954 -19.04 29.68 -21.95
N LYS A 955 -18.23 28.93 -22.69
CA LYS A 955 -17.14 29.53 -23.50
C LYS A 955 -17.72 30.42 -24.58
N GLN A 956 -18.78 30.01 -25.27
CA GLN A 956 -19.39 30.92 -26.27
C GLN A 956 -19.97 32.13 -25.57
N ARG A 957 -20.62 31.99 -24.43
CA ARG A 957 -21.11 33.24 -23.79
C ARG A 957 -19.93 34.14 -23.50
N LYS A 958 -18.84 33.61 -22.95
CA LYS A 958 -17.71 34.51 -22.56
C LYS A 958 -17.18 35.19 -23.81
N ASP A 959 -17.00 34.43 -24.87
CA ASP A 959 -16.39 35.02 -26.08
C ASP A 959 -17.30 36.12 -26.62
N GLU A 960 -18.60 35.86 -26.69
CA GLU A 960 -19.55 36.85 -27.24
C GLU A 960 -19.56 38.10 -26.35
N GLN A 961 -19.55 37.93 -25.03
CA GLN A 961 -19.51 39.10 -24.10
C GLN A 961 -18.23 39.92 -24.32
N GLU A 962 -17.08 39.26 -24.41
CA GLU A 962 -15.83 40.02 -24.67
C GLU A 962 -15.91 40.73 -26.04
N ARG A 963 -16.42 40.07 -27.09
CA ARG A 963 -16.43 40.74 -28.41
C ARG A 963 -17.32 41.97 -28.30
N GLU A 964 -18.46 41.84 -27.62
CA GLU A 964 -19.42 42.97 -27.54
C GLU A 964 -18.80 44.11 -26.73
N ILE A 965 -18.10 43.81 -25.64
CA ILE A 965 -17.43 44.90 -24.88
C ILE A 965 -16.32 45.55 -25.73
N LEU A 966 -15.58 44.78 -26.53
CA LEU A 966 -14.55 45.38 -27.40
C LEU A 966 -15.23 46.31 -28.42
N MET A 967 -16.38 45.88 -28.96
CA MET A 967 -17.13 46.71 -29.94
C MET A 967 -17.52 48.01 -29.24
N ARG A 968 -18.01 47.91 -27.99
CA ARG A 968 -18.46 49.11 -27.27
C ARG A 968 -17.26 50.03 -27.05
N ALA A 969 -16.12 49.48 -26.67
CA ALA A 969 -14.92 50.28 -26.37
C ALA A 969 -14.48 51.02 -27.64
N ALA A 970 -14.60 50.37 -28.80
CA ALA A 970 -14.26 51.15 -30.02
C ALA A 970 -15.37 52.17 -30.29
N GLN A 1053 -10.84 -6.21 -42.16
CA GLN A 1053 -10.14 -7.12 -41.25
C GLN A 1053 -9.70 -6.40 -39.99
N ARG A 1054 -10.31 -6.76 -38.86
CA ARG A 1054 -9.99 -6.14 -37.57
C ARG A 1054 -8.64 -6.67 -37.09
N ILE A 1055 -7.64 -5.80 -37.04
CA ILE A 1055 -6.31 -6.16 -36.56
C ILE A 1055 -6.24 -5.88 -35.08
N THR A 1056 -6.10 -6.94 -34.28
CA THR A 1056 -5.98 -6.79 -32.84
C THR A 1056 -4.60 -6.25 -32.49
N ARG A 1057 -4.55 -5.13 -31.77
CA ARG A 1057 -3.30 -4.47 -31.45
C ARG A 1057 -3.06 -4.51 -29.95
N VAL A 1058 -1.88 -4.95 -29.56
CA VAL A 1058 -1.52 -5.11 -28.16
C VAL A 1058 -0.83 -3.85 -27.68
N ASN A 1059 -1.42 -3.18 -26.70
CA ASN A 1059 -0.86 -1.97 -26.13
C ASN A 1059 0.13 -2.33 -25.02
N LEU A 1060 0.76 -1.31 -24.45
CA LEU A 1060 1.59 -1.52 -23.26
C LEU A 1060 0.76 -1.79 -22.02
N ARG A 1061 -0.53 -1.42 -22.03
CA ARG A 1061 -1.40 -1.75 -20.91
C ARG A 1061 -1.63 -3.25 -20.82
N ASP A 1062 -1.75 -3.92 -21.98
CA ASP A 1062 -1.97 -5.37 -21.98
C ASP A 1062 -0.74 -6.13 -21.51
N LEU A 1063 0.45 -5.57 -21.72
CA LEU A 1063 1.65 -6.19 -21.19
C LEU A 1063 1.81 -5.91 -19.70
N ILE A 1064 1.46 -4.70 -19.26
CA ILE A 1064 1.55 -4.35 -17.84
C ILE A 1064 0.52 -5.13 -17.04
N PHE A 1065 -0.66 -5.37 -17.61
CA PHE A 1065 -1.71 -6.14 -16.96
C PHE A 1065 -1.30 -7.59 -16.75
N CYS A 1066 -0.45 -8.13 -17.61
CA CYS A 1066 0.04 -9.49 -17.47
C CYS A 1066 1.34 -9.58 -16.70
N LEU A 1067 1.79 -8.48 -16.08
CA LEU A 1067 2.99 -8.48 -15.25
C LEU A 1067 2.69 -8.34 -13.78
N GLU A 1068 1.73 -7.51 -13.39
CA GLU A 1068 1.39 -7.36 -11.99
C GLU A 1068 0.53 -8.50 -11.46
N ASN A 1069 0.06 -9.39 -12.32
CA ASN A 1069 -0.72 -10.54 -11.88
C ASN A 1069 0.16 -11.74 -11.55
N GLU A 1070 1.17 -12.03 -12.38
CA GLU A 1070 2.07 -13.13 -12.10
C GLU A 1070 3.02 -12.77 -10.97
N ARG A 1071 3.53 -13.81 -10.30
CA ARG A 1071 4.30 -13.60 -9.07
C ARG A 1071 5.67 -13.01 -9.36
N GLU A 1072 6.38 -13.58 -10.32
CA GLU A 1072 7.53 -12.90 -10.88
C GLU A 1072 7.07 -11.66 -11.63
N THR A 1073 7.94 -10.65 -11.64
CA THR A 1073 7.71 -9.33 -12.27
C THR A 1073 6.48 -8.61 -11.74
N SER A 1074 6.03 -8.90 -10.52
CA SER A 1074 4.98 -8.11 -9.89
C SER A 1074 5.57 -6.95 -9.10
N HIS A 1075 6.59 -7.23 -8.29
CA HIS A 1075 7.39 -6.18 -7.66
C HIS A 1075 8.77 -6.26 -8.28
N SER A 1076 8.91 -5.61 -9.43
CA SER A 1076 10.15 -5.64 -10.18
C SER A 1076 10.41 -4.25 -10.77
N LEU A 1077 11.68 -3.98 -11.06
CA LEU A 1077 12.05 -2.70 -11.65
C LEU A 1077 11.69 -2.60 -13.12
N LEU A 1078 11.30 -3.69 -13.76
CA LEU A 1078 10.91 -3.64 -15.15
C LEU A 1078 9.43 -3.28 -15.31
N LEU A 1079 8.60 -3.65 -14.34
CA LEU A 1079 7.22 -3.20 -14.33
C LEU A 1079 7.10 -1.79 -13.76
N TYR A 1080 7.93 -1.46 -12.79
CA TYR A 1080 7.93 -0.13 -12.19
C TYR A 1080 8.35 0.93 -13.18
N LYS A 1081 9.31 0.62 -14.05
CA LYS A 1081 9.70 1.57 -15.09
C LYS A 1081 8.68 1.59 -16.22
N ALA A 1082 7.95 0.49 -16.42
CA ALA A 1082 6.95 0.42 -17.48
C ALA A 1082 5.73 1.29 -17.19
N PHE A 1083 5.53 1.68 -15.94
CA PHE A 1083 4.48 2.62 -15.58
C PHE A 1083 4.76 4.04 -16.08
N LEU A 1084 5.98 4.32 -16.52
CA LEU A 1084 6.36 5.63 -17.00
C LEU A 1084 6.73 5.65 -18.48
N LYS A 1085 6.59 4.53 -19.19
CA LYS A 1085 6.94 4.47 -20.60
C LYS A 1085 5.74 4.76 -21.49
N ASP B 210 41.85 -3.72 10.98
CA ASP B 210 40.74 -2.76 11.14
C ASP B 210 39.49 -3.26 11.91
N PRO B 211 38.82 -4.36 11.50
CA PRO B 211 37.46 -4.60 12.03
C PRO B 211 37.42 -5.06 13.48
N THR B 212 38.48 -5.68 13.98
CA THR B 212 38.47 -6.16 15.36
C THR B 212 38.74 -5.06 16.37
N MET B 213 39.10 -3.86 15.93
CA MET B 213 39.41 -2.76 16.83
C MET B 213 38.44 -1.59 16.66
N TYR B 214 37.22 -1.86 16.20
CA TYR B 214 36.23 -0.80 16.10
C TYR B 214 35.69 -0.43 17.48
N GLU B 215 35.74 -1.36 18.43
CA GLU B 215 35.38 -1.04 19.81
C GLU B 215 36.50 -0.32 20.55
N GLU B 216 37.67 -0.17 19.92
CA GLU B 216 38.74 0.66 20.44
C GLU B 216 38.76 2.04 19.80
N TYR B 217 38.33 2.16 18.55
CA TYR B 217 38.23 3.46 17.91
C TYR B 217 37.06 4.26 18.45
N TYR B 218 35.90 3.62 18.57
CA TYR B 218 34.69 4.32 18.99
C TYR B 218 34.75 4.67 20.48
N SER B 219 35.32 3.79 21.30
CA SER B 219 35.42 4.07 22.73
C SER B 219 36.49 5.10 23.03
N GLY B 220 37.45 5.28 22.14
CA GLY B 220 38.42 6.36 22.32
C GLY B 220 37.80 7.72 22.07
N LEU B 221 37.00 7.84 21.01
CA LEU B 221 36.30 9.11 20.74
C LEU B 221 35.17 9.33 21.74
N LYS B 222 34.58 8.26 22.27
CA LYS B 222 33.62 8.40 23.35
C LYS B 222 34.29 8.89 24.62
N HIS B 223 35.54 8.54 24.83
CA HIS B 223 36.28 9.02 25.99
C HIS B 223 36.73 10.47 25.84
N PHE B 224 36.97 10.91 24.59
CA PHE B 224 37.39 12.29 24.36
C PHE B 224 36.23 13.26 24.55
N ILE B 225 35.03 12.88 24.10
CA ILE B 225 33.90 13.79 24.10
C ILE B 225 33.35 13.97 25.51
N GLU B 226 33.22 12.88 26.26
CA GLU B 226 32.71 12.98 27.63
C GLU B 226 33.72 13.59 28.60
N CYS B 227 34.99 13.68 28.22
CA CYS B 227 35.98 14.38 29.03
C CYS B 227 36.16 15.83 28.60
N SER B 228 35.37 16.31 27.65
CA SER B 228 35.45 17.70 27.24
C SER B 228 34.68 18.60 28.19
N LEU B 229 34.87 19.90 28.02
CA LEU B 229 34.09 20.87 28.77
C LEU B 229 32.63 20.86 28.30
N ASP B 230 31.73 21.26 29.20
CA ASP B 230 30.31 21.02 29.01
C ASP B 230 29.68 21.85 27.90
N CYS B 231 30.32 22.95 27.49
CA CYS B 231 29.77 23.74 26.39
C CYS B 231 29.94 23.02 25.06
N HIS B 232 31.09 22.37 24.86
CA HIS B 232 31.37 21.63 23.65
C HIS B 232 30.98 20.17 23.74
N ARG B 233 30.68 19.67 24.94
CA ARG B 233 30.34 18.26 25.10
C ARG B 233 28.96 17.95 24.54
N ALA B 234 28.01 18.87 24.72
CA ALA B 234 26.65 18.65 24.24
C ALA B 234 26.58 18.74 22.72
N GLU B 235 27.49 19.49 22.10
CA GLU B 235 27.48 19.57 20.65
C GLU B 235 28.31 18.46 20.02
N LEU B 236 29.35 17.99 20.71
CA LEU B 236 30.14 16.88 20.21
C LEU B 236 29.51 15.53 20.47
N SER B 237 28.40 15.47 21.20
CA SER B 237 27.66 14.22 21.36
C SER B 237 26.78 13.91 20.15
N GLN B 238 26.79 14.77 19.13
CA GLN B 238 25.96 14.53 17.96
C GLN B 238 26.51 13.42 17.08
N LEU B 239 27.83 13.24 17.06
CA LEU B 239 28.45 12.22 16.23
C LEU B 239 28.64 10.90 16.95
N PHE B 240 27.90 10.66 18.03
CA PHE B 240 27.85 9.32 18.61
C PHE B 240 27.00 8.41 17.76
N TYR B 241 25.80 8.86 17.38
CA TYR B 241 24.88 8.00 16.63
C TYR B 241 25.34 7.70 15.21
N PRO B 242 25.76 8.67 14.36
CA PRO B 242 26.17 8.27 13.01
C PRO B 242 27.47 7.49 12.96
N LEU B 243 28.38 7.70 13.90
CA LEU B 243 29.58 6.87 13.95
C LEU B 243 29.31 5.49 14.51
N PHE B 244 28.24 5.33 15.29
CA PHE B 244 27.87 4.00 15.75
C PHE B 244 27.25 3.19 14.64
N VAL B 245 26.41 3.81 13.80
CA VAL B 245 25.74 3.06 12.76
C VAL B 245 26.66 2.81 11.58
N HIS B 246 27.47 3.80 11.19
CA HIS B 246 28.36 3.62 10.04
C HIS B 246 29.48 2.64 10.33
N MET B 247 29.87 2.49 11.59
CA MET B 247 30.83 1.45 11.93
C MET B 247 30.16 0.09 12.05
N TYR B 248 28.90 0.05 12.50
CA TYR B 248 28.18 -1.21 12.62
C TYR B 248 27.76 -1.73 11.25
N LEU B 249 27.31 -0.85 10.36
CA LEU B 249 26.87 -1.29 9.05
C LEU B 249 28.04 -1.66 8.15
N GLU B 250 29.22 -1.08 8.39
CA GLU B 250 30.40 -1.47 7.63
C GLU B 250 30.96 -2.80 8.12
N LEU B 251 30.74 -3.14 9.39
CA LEU B 251 31.11 -4.47 9.88
C LEU B 251 30.23 -5.55 9.26
N VAL B 252 28.92 -5.33 9.18
CA VAL B 252 28.02 -6.35 8.65
C VAL B 252 28.03 -6.39 7.13
N TYR B 253 28.55 -5.36 6.46
CA TYR B 253 28.66 -5.42 5.01
C TYR B 253 29.93 -6.14 4.56
N ASN B 254 30.96 -6.13 5.40
CA ASN B 254 32.19 -6.86 5.13
C ASN B 254 32.20 -8.24 5.77
N GLN B 255 31.03 -8.72 6.20
CA GLN B 255 30.81 -10.06 6.75
C GLN B 255 31.66 -10.32 7.99
N HIS B 256 31.52 -9.44 8.99
CA HIS B 256 32.24 -9.57 10.29
C HIS B 256 31.17 -9.62 11.37
N GLU B 257 30.29 -10.62 11.30
CA GLU B 257 29.10 -10.67 12.18
C GLU B 257 29.42 -10.71 13.66
N ASN B 258 30.37 -11.50 14.12
CA ASN B 258 30.58 -11.58 15.59
C ASN B 258 31.04 -10.22 16.11
N GLU B 259 31.96 -9.59 15.38
CA GLU B 259 32.50 -8.28 15.83
C GLU B 259 31.36 -7.26 15.78
N ALA B 260 30.51 -7.35 14.77
CA ALA B 260 29.37 -6.43 14.68
C ALA B 260 28.49 -6.61 15.88
N LYS B 261 28.17 -7.84 16.25
CA LYS B 261 27.26 -8.11 17.38
C LYS B 261 27.87 -7.56 18.67
N SER B 262 29.16 -7.76 18.85
CA SER B 262 29.85 -7.26 20.07
C SER B 262 29.83 -5.73 20.13
N PHE B 263 30.07 -5.06 19.00
CA PHE B 263 30.04 -3.58 18.95
C PHE B 263 28.63 -3.15 19.30
N PHE B 264 27.63 -3.81 18.74
CA PHE B 264 26.25 -3.36 19.00
C PHE B 264 25.98 -3.50 20.48
N GLU B 265 26.39 -4.59 21.09
CA GLU B 265 26.07 -4.79 22.52
C GLU B 265 26.80 -3.77 23.38
N LYS B 266 28.05 -3.44 23.06
CA LYS B 266 28.82 -2.53 23.94
C LYS B 266 28.33 -1.09 23.87
N PHE B 267 27.92 -0.60 22.70
CA PHE B 267 27.63 0.83 22.51
C PHE B 267 26.18 1.17 22.25
N HIS B 268 25.28 0.22 22.11
CA HIS B 268 23.89 0.59 21.75
C HIS B 268 23.19 1.38 22.85
N GLY B 269 23.60 1.22 24.10
CA GLY B 269 22.85 1.81 25.20
C GLY B 269 23.32 3.18 25.59
N ASP B 270 24.34 3.69 24.91
CA ASP B 270 24.80 5.07 25.17
C ASP B 270 24.24 5.96 24.07
N GLN B 271 23.41 5.39 23.22
CA GLN B 271 22.78 6.17 22.14
C GLN B 271 21.58 6.91 22.71
N GLU B 272 21.21 8.03 22.09
CA GLU B 272 20.12 8.89 22.60
C GLU B 272 18.81 8.13 22.57
N CYS B 273 17.94 8.39 23.53
CA CYS B 273 16.69 7.60 23.67
C CYS B 273 15.80 7.70 22.45
N TYR B 274 15.89 8.78 21.69
CA TYR B 274 15.00 9.00 20.53
C TYR B 274 15.35 8.05 19.40
N TYR B 275 16.43 7.28 19.52
CA TYR B 275 16.89 6.47 18.38
C TYR B 275 16.56 4.99 18.54
N GLN B 276 15.70 4.63 19.50
CA GLN B 276 15.42 3.21 19.82
C GLN B 276 14.87 2.48 18.61
N ASP B 277 14.00 3.08 17.81
CA ASP B 277 13.43 2.30 16.69
C ASP B 277 14.51 1.92 15.68
N ASP B 278 15.36 2.86 15.33
CA ASP B 278 16.43 2.56 14.34
C ASP B 278 17.35 1.54 14.97
N LEU B 279 17.60 1.70 16.27
CA LEU B 279 18.51 0.75 16.94
C LEU B 279 17.92 -0.66 16.87
N ARG B 280 16.62 -0.85 17.06
CA ARG B 280 16.00 -2.19 16.92
C ARG B 280 16.07 -2.72 15.48
N VAL B 281 15.81 -1.87 14.51
CA VAL B 281 15.99 -2.40 13.13
C VAL B 281 17.43 -2.87 12.96
N LEU B 282 18.41 -2.14 13.47
CA LEU B 282 19.85 -2.50 13.32
C LEU B 282 20.18 -3.78 14.07
N SER B 283 19.64 -3.97 15.26
CA SER B 283 19.87 -5.20 16.05
C SER B 283 19.38 -6.37 15.23
N SER B 284 18.25 -6.23 14.54
CA SER B 284 17.88 -7.36 13.65
C SER B 284 18.96 -7.59 12.59
N LEU B 285 19.52 -6.58 11.93
CA LEU B 285 20.49 -6.66 10.81
C LEU B 285 21.81 -7.18 11.37
N THR B 286 22.17 -8.41 11.04
CA THR B 286 23.43 -8.99 11.48
C THR B 286 24.19 -9.56 10.28
N LYS B 287 23.46 -9.97 9.25
CA LYS B 287 24.07 -10.50 8.05
C LYS B 287 24.23 -9.41 7.00
N LYS B 288 24.96 -9.75 5.93
CA LYS B 288 25.11 -8.81 4.82
C LYS B 288 23.88 -8.82 3.92
N GLU B 289 23.37 -10.02 3.60
CA GLU B 289 22.21 -10.15 2.73
C GLU B 289 20.93 -9.69 3.39
N HIS B 290 20.90 -9.61 4.72
CA HIS B 290 19.77 -8.98 5.40
C HIS B 290 19.73 -7.49 5.13
N MET B 291 20.90 -6.86 5.04
CA MET B 291 21.00 -5.44 4.76
C MET B 291 20.97 -5.12 3.28
N LYS B 292 21.27 -6.09 2.42
CA LYS B 292 21.24 -5.87 0.97
C LYS B 292 19.83 -5.74 0.41
N GLY B 293 18.80 -6.03 1.21
CA GLY B 293 17.43 -5.87 0.77
C GLY B 293 16.60 -5.01 1.70
N ASN B 294 17.25 -4.14 2.47
CA ASN B 294 16.54 -3.25 3.38
C ASN B 294 16.17 -1.94 2.71
N GLU B 295 17.07 -1.39 1.89
CA GLU B 295 16.94 -0.19 1.05
C GLU B 295 16.78 1.11 1.83
N THR B 296 16.75 1.08 3.15
CA THR B 296 16.85 2.28 3.98
C THR B 296 18.20 2.41 4.64
N MET B 297 18.73 1.30 5.17
CA MET B 297 20.13 1.24 5.59
C MET B 297 21.08 1.09 4.42
N LEU B 298 20.59 0.72 3.25
CA LEU B 298 21.41 0.73 2.05
C LEU B 298 21.63 2.16 1.55
N ASP B 299 20.65 3.02 1.73
CA ASP B 299 20.79 4.42 1.39
C ASP B 299 21.43 5.23 2.51
N PHE B 300 21.38 4.71 3.73
CA PHE B 300 22.09 5.35 4.84
C PHE B 300 23.59 5.11 4.73
N ARG B 301 24.01 3.97 4.17
CA ARG B 301 25.42 3.65 4.09
C ARG B 301 26.11 4.45 2.99
N THR B 302 25.37 4.85 1.96
CA THR B 302 25.95 5.58 0.85
C THR B 302 25.83 7.08 0.98
N SER B 303 24.90 7.57 1.78
CA SER B 303 24.76 9.00 1.99
C SER B 303 25.74 9.48 3.06
N LYS B 304 25.69 10.77 3.36
CA LYS B 304 26.56 11.39 4.36
C LYS B 304 25.71 12.04 5.43
N PHE B 305 26.00 11.72 6.69
CA PHE B 305 25.37 12.41 7.80
C PHE B 305 25.87 13.84 7.85
N VAL B 306 24.97 14.79 8.04
CA VAL B 306 25.32 16.19 7.78
C VAL B 306 26.00 16.82 8.99
N LEU B 307 25.43 16.64 10.18
CA LEU B 307 26.08 16.88 11.48
C LEU B 307 26.54 18.35 11.64
N ARG B 308 25.55 19.23 11.74
CA ARG B 308 25.82 20.65 11.92
C ARG B 308 26.48 20.91 13.27
N ILE B 309 27.73 21.38 13.24
CA ILE B 309 28.51 21.68 14.43
C ILE B 309 29.04 23.10 14.32
N SER B 310 29.38 23.68 15.46
CA SER B 310 29.92 25.03 15.50
C SER B 310 31.43 24.99 15.30
N ARG B 311 32.00 26.15 14.95
CA ARG B 311 33.43 26.24 14.74
C ARG B 311 34.20 26.26 16.06
N ASP B 312 33.54 26.63 17.16
CA ASP B 312 34.21 26.59 18.46
C ASP B 312 34.40 25.15 18.94
N SER B 313 33.49 24.25 18.58
CA SER B 313 33.61 22.84 18.93
C SER B 313 34.33 22.02 17.88
N TYR B 314 34.35 22.48 16.62
CA TYR B 314 35.04 21.75 15.57
C TYR B 314 36.55 21.87 15.71
N GLN B 315 37.03 22.94 16.33
CA GLN B 315 38.47 23.10 16.55
C GLN B 315 38.98 22.09 17.57
N LEU B 316 38.19 21.76 18.58
CA LEU B 316 38.56 20.72 19.52
C LEU B 316 38.46 19.34 18.88
N LEU B 317 37.52 19.16 17.96
CA LEU B 317 37.38 17.87 17.28
C LEU B 317 38.52 17.63 16.30
N LYS B 318 38.88 18.65 15.53
CA LYS B 318 39.94 18.49 14.54
C LYS B 318 41.33 18.48 15.17
N ARG B 319 41.47 18.98 16.39
CA ARG B 319 42.72 18.83 17.13
C ARG B 319 42.84 17.48 17.81
N HIS B 320 41.80 16.66 17.75
CA HIS B 320 41.83 15.29 18.24
C HIS B 320 41.77 14.26 17.11
N LEU B 321 41.63 14.70 15.87
CA LEU B 321 41.53 13.79 14.73
C LEU B 321 42.62 13.96 13.71
N GLN B 322 43.20 15.16 13.57
CA GLN B 322 44.28 15.37 12.60
C GLN B 322 45.58 14.72 13.05
N GLU B 323 45.65 14.33 14.33
CA GLU B 323 46.84 13.62 14.87
C GLU B 323 46.77 12.14 14.46
N LYS B 324 47.93 11.47 14.34
CA LYS B 324 47.96 10.06 13.87
C LYS B 324 47.43 9.11 14.95
N GLN B 325 47.32 9.58 16.20
CA GLN B 325 46.85 8.71 17.31
C GLN B 325 45.45 8.21 16.98
N ASN B 326 44.61 9.08 16.38
CA ASN B 326 43.24 8.67 15.97
C ASN B 326 43.06 9.00 14.49
N ASN B 327 43.79 8.31 13.62
CA ASN B 327 43.71 8.56 12.15
C ASN B 327 42.73 7.57 11.52
N GLN B 328 42.19 6.63 12.30
CA GLN B 328 41.26 5.62 11.76
C GLN B 328 39.83 6.13 11.94
N ILE B 329 39.49 6.63 13.13
CA ILE B 329 38.17 7.21 13.36
C ILE B 329 38.06 8.55 12.64
N TRP B 330 39.19 9.22 12.40
CA TRP B 330 39.20 10.39 11.52
C TRP B 330 38.98 9.97 10.07
N ASN B 331 39.41 8.78 9.69
CA ASN B 331 39.17 8.30 8.33
C ASN B 331 37.72 7.90 8.14
N ILE B 332 37.04 7.44 9.19
CA ILE B 332 35.62 7.10 9.07
C ILE B 332 34.78 8.37 9.05
N VAL B 333 35.21 9.40 9.78
CA VAL B 333 34.47 10.67 9.84
C VAL B 333 34.51 11.37 8.48
N GLN B 334 35.69 11.47 7.87
CA GLN B 334 35.80 12.17 6.60
C GLN B 334 35.38 11.32 5.41
N GLU B 335 34.95 10.08 5.63
CA GLU B 335 34.39 9.23 4.58
C GLU B 335 32.87 9.15 4.65
N HIS B 336 32.31 9.06 5.85
CA HIS B 336 30.88 8.83 6.02
C HIS B 336 30.11 10.02 6.53
N LEU B 337 30.78 11.03 7.09
CA LEU B 337 30.11 12.16 7.70
C LEU B 337 30.48 13.45 6.97
N TYR B 338 29.47 14.17 6.51
CA TYR B 338 29.64 15.59 6.27
C TYR B 338 29.71 16.31 7.62
N ILE B 339 30.34 17.49 7.62
CA ILE B 339 30.31 18.39 8.76
C ILE B 339 30.03 19.78 8.23
N ASP B 340 28.90 20.34 8.63
CA ASP B 340 28.47 21.67 8.20
C ASP B 340 28.73 22.63 9.35
N ILE B 341 29.64 23.57 9.14
CA ILE B 341 30.14 24.43 10.21
C ILE B 341 29.42 25.77 10.16
N PHE B 342 28.94 26.22 11.31
CA PHE B 342 28.39 27.56 11.46
C PHE B 342 29.22 28.31 12.48
N ASP B 343 29.34 29.62 12.27
CA ASP B 343 30.08 30.48 13.17
C ASP B 343 29.11 31.08 14.18
N GLY B 344 29.16 30.57 15.41
CA GLY B 344 28.29 31.07 16.44
C GLY B 344 28.51 30.35 17.75
N MET B 345 27.53 30.51 18.63
CA MET B 345 27.54 29.84 19.93
C MET B 345 27.29 28.35 19.75
N PRO B 346 27.93 27.51 20.56
CA PRO B 346 27.55 26.09 20.59
C PRO B 346 26.18 25.93 21.21
N ARG B 347 25.34 25.11 20.55
CA ARG B 347 23.95 24.96 20.97
C ARG B 347 23.84 24.20 22.27
N SER B 348 22.75 24.44 23.00
CA SER B 348 22.50 23.71 24.24
C SER B 348 22.02 22.30 23.93
N LYS B 349 21.96 21.47 24.97
CA LYS B 349 21.54 20.09 24.79
C LYS B 349 20.05 19.97 24.50
N GLN B 350 19.23 20.84 25.08
CA GLN B 350 17.79 20.82 24.79
C GLN B 350 17.43 21.58 23.53
N GLN B 351 18.40 22.23 22.88
CA GLN B 351 18.23 22.78 21.55
C GLN B 351 18.74 21.84 20.47
N ILE B 352 19.79 21.07 20.76
CA ILE B 352 20.24 20.02 19.85
C ILE B 352 19.22 18.89 19.82
N ASP B 353 18.58 18.62 20.96
CA ASP B 353 17.55 17.59 21.04
C ASP B 353 16.31 17.97 20.23
N ALA B 354 16.11 19.26 20.00
CA ALA B 354 14.91 19.71 19.30
C ALA B 354 15.05 19.53 17.79
N MET B 355 16.28 19.53 17.26
CA MET B 355 16.47 19.56 15.79
C MET B 355 17.15 18.32 15.21
N VAL B 356 17.48 17.31 16.02
CA VAL B 356 18.03 16.08 15.49
C VAL B 356 16.97 14.99 15.60
N GLY B 357 17.28 13.83 15.06
CA GLY B 357 16.39 12.69 15.22
C GLY B 357 16.22 11.86 13.98
N SER B 358 16.64 12.40 12.83
CA SER B 358 16.46 11.71 11.57
C SER B 358 17.70 10.90 11.20
N LEU B 359 17.52 10.01 10.22
CA LEU B 359 18.64 9.30 9.61
C LEU B 359 19.10 10.10 8.40
N ALA B 360 20.42 10.27 8.30
CA ALA B 360 21.07 11.28 7.45
C ALA B 360 20.45 12.65 7.69
N GLY B 361 20.43 13.05 8.97
CA GLY B 361 19.63 14.15 9.44
C GLY B 361 20.41 15.44 9.65
N GLU B 362 19.64 16.48 10.02
CA GLU B 362 20.12 17.83 10.30
C GLU B 362 20.85 18.43 9.11
N ALA B 363 20.12 18.56 8.00
CA ALA B 363 20.67 18.84 6.68
C ALA B 363 21.36 20.20 6.60
N LYS B 364 22.11 20.39 5.51
CA LYS B 364 22.97 21.55 5.32
C LYS B 364 22.15 22.83 5.20
N ARG B 365 22.77 23.95 5.55
CA ARG B 365 22.11 25.23 5.33
C ARG B 365 22.10 25.63 3.86
N GLU B 366 22.98 25.05 3.03
CA GLU B 366 22.97 25.34 1.61
C GLU B 366 21.74 24.76 0.90
N ALA B 367 21.05 23.80 1.53
CA ALA B 367 19.78 23.34 0.99
C ALA B 367 18.64 24.27 1.36
N ASN B 368 18.70 24.91 2.54
CA ASN B 368 17.64 25.78 3.03
C ASN B 368 17.88 27.24 2.69
N LYS B 369 18.62 27.54 1.63
CA LYS B 369 18.87 28.91 1.22
C LYS B 369 18.32 29.23 -0.16
N SER B 370 17.62 28.31 -0.80
CA SER B 370 17.01 28.59 -2.09
C SER B 370 15.82 29.53 -1.91
N LYS B 371 15.52 30.28 -2.97
CA LYS B 371 14.41 31.24 -2.93
C LYS B 371 13.09 30.50 -3.09
N VAL B 372 12.22 30.62 -2.11
CA VAL B 372 10.93 29.95 -2.08
C VAL B 372 9.84 31.01 -2.18
N PHE B 373 8.95 30.86 -3.16
CA PHE B 373 7.82 31.77 -3.33
C PHE B 373 6.68 31.30 -2.44
N PHE B 374 6.79 31.66 -1.16
CA PHE B 374 5.84 31.21 -0.14
C PHE B 374 4.64 32.14 0.02
N GLY B 375 4.41 33.06 -0.92
CA GLY B 375 3.29 33.96 -0.81
C GLY B 375 2.07 33.46 -1.54
N LEU B 376 0.94 34.09 -1.27
CA LEU B 376 -0.32 33.69 -1.87
C LEU B 376 -0.51 34.37 -3.22
N LEU B 377 -1.30 33.72 -4.07
CA LEU B 377 -1.66 34.30 -5.35
C LEU B 377 -2.82 35.29 -5.19
N LYS B 378 -3.13 35.98 -6.27
CA LYS B 378 -4.17 37.00 -6.26
C LYS B 378 -5.50 36.42 -6.74
N GLN B 417 1.22 44.46 -3.77
CA GLN B 417 1.58 43.13 -4.26
C GLN B 417 2.62 42.48 -3.36
N ASP B 418 2.57 41.15 -3.28
CA ASP B 418 3.47 40.39 -2.43
C ASP B 418 4.75 40.08 -3.19
N PRO B 419 5.92 40.50 -2.70
CA PRO B 419 7.17 40.11 -3.37
C PRO B 419 7.50 38.63 -3.25
N ASN B 420 6.98 37.95 -2.22
CA ASN B 420 7.15 36.52 -2.05
C ASN B 420 6.13 35.70 -2.81
N ALA B 421 5.30 36.34 -3.62
CA ALA B 421 4.29 35.57 -4.35
C ALA B 421 4.83 35.16 -5.71
N PRO B 422 4.55 33.95 -6.17
CA PRO B 422 4.93 33.56 -7.52
C PRO B 422 4.00 34.19 -8.54
N PRO B 423 4.43 34.32 -9.80
CA PRO B 423 3.51 34.76 -10.84
C PRO B 423 2.43 33.73 -11.11
N GLN B 424 1.33 34.21 -11.71
CA GLN B 424 0.22 33.32 -12.01
C GLN B 424 0.55 32.34 -13.12
N ASN B 425 1.47 32.70 -14.01
CA ASN B 425 1.86 31.84 -15.11
C ASN B 425 3.12 31.03 -14.81
N ARG B 426 3.55 30.98 -13.55
CA ARG B 426 4.68 30.13 -13.19
C ARG B 426 4.29 28.65 -13.28
N ILE B 427 3.29 28.25 -12.52
CA ILE B 427 2.66 26.95 -12.66
C ILE B 427 1.39 27.14 -13.48
N PRO B 428 1.19 26.36 -14.55
CA PRO B 428 -0.01 26.55 -15.37
C PRO B 428 -1.26 26.05 -14.66
N LEU B 429 -1.85 26.92 -13.85
CA LEU B 429 -3.05 26.65 -13.08
C LEU B 429 -4.30 26.78 -13.96
N PRO B 430 -5.37 26.05 -13.64
CA PRO B 430 -6.57 26.10 -14.49
C PRO B 430 -7.34 27.41 -14.34
N GLU B 431 -8.22 27.62 -15.31
CA GLU B 431 -9.07 28.80 -15.36
C GLU B 431 -10.09 28.78 -14.23
N LEU B 432 -10.63 29.95 -13.93
CA LEU B 432 -11.68 30.09 -12.92
C LEU B 432 -13.01 30.24 -13.65
N LYS B 433 -13.83 29.19 -13.61
CA LYS B 433 -15.09 29.17 -14.34
C LYS B 433 -16.15 29.99 -13.61
N ASP B 434 -17.28 30.19 -14.29
CA ASP B 434 -18.36 30.98 -13.69
C ASP B 434 -19.07 30.23 -12.58
N SER B 435 -19.04 28.89 -12.61
CA SER B 435 -19.53 28.13 -11.46
C SER B 435 -18.52 28.13 -10.33
N ASP B 436 -17.23 28.22 -10.65
CA ASP B 436 -16.21 28.36 -9.61
C ASP B 436 -16.16 29.79 -9.08
N LYS B 437 -16.47 30.77 -9.91
CA LYS B 437 -16.63 32.14 -9.41
C LYS B 437 -17.92 32.31 -8.63
N LEU B 438 -18.93 31.49 -8.90
CA LEU B 438 -20.15 31.49 -8.09
C LEU B 438 -19.92 30.87 -6.72
N ASP B 439 -18.91 30.00 -6.59
CA ASP B 439 -18.59 29.42 -5.29
C ASP B 439 -18.00 30.45 -4.35
N LYS B 440 -17.07 31.27 -4.85
CA LYS B 440 -16.43 32.27 -4.01
C LYS B 440 -17.37 33.41 -3.62
N ILE B 441 -18.49 33.57 -4.32
CA ILE B 441 -19.48 34.57 -3.92
C ILE B 441 -20.20 34.13 -2.65
N MET B 442 -20.59 32.86 -2.57
CA MET B 442 -21.18 32.35 -1.34
C MET B 442 -20.15 31.98 -0.29
N ASN B 443 -18.86 31.92 -0.66
CA ASN B 443 -17.82 31.70 0.32
C ASN B 443 -17.57 32.94 1.18
N MET B 444 -17.65 34.12 0.57
CA MET B 444 -17.45 35.35 1.33
C MET B 444 -18.70 35.76 2.11
N LYS B 445 -19.85 35.14 1.86
CA LYS B 445 -20.98 35.28 2.77
C LYS B 445 -20.74 34.50 4.04
N GLU B 446 -20.00 33.39 3.97
CA GLU B 446 -19.62 32.66 5.17
C GLU B 446 -18.53 33.39 5.94
N THR B 447 -17.63 34.06 5.22
CA THR B 447 -16.58 34.86 5.83
C THR B 447 -17.14 36.07 6.59
N THR B 448 -18.34 36.52 6.23
CA THR B 448 -18.99 37.60 6.96
C THR B 448 -19.33 37.18 8.39
N LYS B 449 -19.79 35.94 8.56
CA LYS B 449 -20.10 35.42 9.90
C LYS B 449 -18.90 34.79 10.59
N ARG B 450 -17.71 34.90 10.01
CA ARG B 450 -16.53 34.27 10.58
C ARG B 450 -16.07 35.01 11.83
N VAL B 451 -15.90 34.27 12.90
CA VAL B 451 -15.50 34.86 14.18
C VAL B 451 -13.98 34.92 14.25
N ARG B 452 -13.48 35.96 14.92
CA ARG B 452 -12.06 36.05 15.24
C ARG B 452 -11.80 35.21 16.47
N LEU B 453 -10.96 34.18 16.34
CA LEU B 453 -10.85 33.21 17.42
C LEU B 453 -9.96 33.70 18.55
N GLY B 454 -8.67 33.85 18.28
CA GLY B 454 -7.71 34.30 19.27
C GLY B 454 -7.59 33.44 20.50
N PRO B 455 -6.92 33.94 21.54
CA PRO B 455 -6.84 33.20 22.80
C PRO B 455 -8.02 33.41 23.73
N ASP B 456 -8.98 34.26 23.37
CA ASP B 456 -10.13 34.55 24.22
C ASP B 456 -11.40 33.87 23.72
N CYS B 457 -11.75 34.06 22.45
CA CYS B 457 -12.95 33.46 21.88
C CYS B 457 -12.57 32.09 21.32
N LEU B 458 -12.50 31.11 22.22
CA LEU B 458 -12.11 29.77 21.84
C LEU B 458 -13.22 29.13 20.99
N PRO B 459 -12.86 28.42 19.92
CA PRO B 459 -13.88 27.91 19.01
C PRO B 459 -14.63 26.73 19.58
N SER B 460 -15.82 26.51 19.05
CA SER B 460 -16.62 25.35 19.38
C SER B 460 -16.26 24.20 18.45
N ILE B 461 -16.10 23.01 19.02
CA ILE B 461 -15.69 21.82 18.28
C ILE B 461 -16.90 20.92 18.14
N CYS B 462 -17.24 20.57 16.90
CA CYS B 462 -18.33 19.65 16.60
C CYS B 462 -17.72 18.35 16.11
N PHE B 463 -17.72 17.33 16.98
CA PHE B 463 -17.13 16.05 16.64
C PHE B 463 -18.11 15.21 15.86
N TYR B 464 -17.71 14.78 14.65
CA TYR B 464 -18.53 13.92 13.80
C TYR B 464 -18.02 12.49 13.93
N THR B 465 -18.46 11.82 14.98
CA THR B 465 -17.95 10.48 15.26
C THR B 465 -18.62 9.43 14.37
N PHE B 466 -17.82 8.46 13.94
CA PHE B 466 -18.32 7.29 13.25
C PHE B 466 -18.63 6.23 14.30
N LEU B 467 -19.90 5.87 14.43
CA LEU B 467 -20.31 5.12 15.63
C LEU B 467 -19.95 3.65 15.53
N ASN B 468 -20.43 2.96 14.50
CA ASN B 468 -20.22 1.52 14.47
C ASN B 468 -18.81 1.18 14.00
N ALA B 469 -18.53 1.46 12.73
CA ALA B 469 -17.18 1.51 12.14
C ALA B 469 -16.36 0.25 12.40
N TYR B 470 -16.99 -0.91 12.26
CA TYR B 470 -16.29 -2.15 12.58
C TYR B 470 -15.37 -2.57 11.44
N GLN B 471 -15.59 -2.05 10.25
CA GLN B 471 -14.51 -1.90 9.29
C GLN B 471 -13.73 -0.66 9.68
N GLY B 472 -12.41 -0.77 9.75
CA GLY B 472 -11.61 0.27 10.37
C GLY B 472 -11.53 1.51 9.49
N LEU B 473 -11.89 2.66 10.05
CA LEU B 473 -11.83 3.90 9.30
C LEU B 473 -10.37 4.36 9.17
N THR B 474 -9.91 4.55 7.94
CA THR B 474 -8.47 4.87 7.73
C THR B 474 -8.29 6.24 7.08
N ALA B 475 -9.35 6.89 6.59
CA ALA B 475 -9.20 8.16 5.88
C ALA B 475 -10.47 8.97 6.01
N VAL B 476 -10.34 10.25 6.36
CA VAL B 476 -11.45 11.20 6.40
C VAL B 476 -11.06 12.41 5.57
N ASP B 477 -12.01 12.97 4.84
CA ASP B 477 -11.86 14.32 4.33
C ASP B 477 -13.21 15.03 4.35
N VAL B 478 -13.15 16.34 4.56
CA VAL B 478 -14.30 17.22 4.52
C VAL B 478 -14.07 18.20 3.39
N THR B 479 -15.13 18.60 2.69
CA THR B 479 -15.03 19.66 1.70
C THR B 479 -14.74 21.00 2.37
N ASP B 480 -14.38 21.98 1.54
CA ASP B 480 -13.96 23.29 2.05
C ASP B 480 -15.11 24.02 2.70
N ASP B 481 -16.29 24.02 2.07
CA ASP B 481 -17.53 24.26 2.80
C ASP B 481 -17.98 22.96 3.44
N SER B 482 -18.42 23.04 4.69
CA SER B 482 -18.73 21.84 5.47
C SER B 482 -20.03 21.24 4.95
N SER B 483 -19.94 20.50 3.85
CA SER B 483 -21.11 19.94 3.19
C SER B 483 -21.00 18.44 2.98
N LEU B 484 -19.82 17.92 2.68
CA LEU B 484 -19.61 16.49 2.54
C LEU B 484 -18.53 16.03 3.51
N ILE B 485 -18.63 14.78 3.92
CA ILE B 485 -17.61 14.11 4.72
C ILE B 485 -17.36 12.76 4.08
N ALA B 486 -16.13 12.51 3.67
CA ALA B 486 -15.76 11.22 3.11
C ALA B 486 -15.15 10.34 4.18
N GLY B 487 -15.30 9.04 4.00
CA GLY B 487 -14.70 8.09 4.90
C GLY B 487 -14.02 6.97 4.14
N GLY B 488 -12.71 6.82 4.33
CA GLY B 488 -11.99 5.69 3.79
C GLY B 488 -11.91 4.61 4.84
N PHE B 489 -12.27 3.39 4.46
CA PHE B 489 -12.42 2.31 5.42
C PHE B 489 -11.55 1.13 5.02
N ALA B 490 -11.33 0.23 5.98
CA ALA B 490 -10.49 -0.94 5.78
C ALA B 490 -11.17 -2.04 4.97
N ASP B 491 -12.50 -1.97 4.78
CA ASP B 491 -13.20 -2.92 3.92
C ASP B 491 -13.23 -2.46 2.47
N SER B 492 -12.28 -1.61 2.08
CA SER B 492 -11.99 -1.22 0.70
C SER B 492 -13.11 -0.37 0.11
N THR B 493 -13.73 0.46 0.94
CA THR B 493 -14.84 1.29 0.51
C THR B 493 -14.57 2.76 0.85
N VAL B 494 -15.12 3.63 0.02
CA VAL B 494 -15.21 5.06 0.31
C VAL B 494 -16.69 5.39 0.46
N ARG B 495 -17.03 6.10 1.52
CA ARG B 495 -18.42 6.40 1.84
C ARG B 495 -18.57 7.90 2.04
N VAL B 496 -19.35 8.53 1.17
CA VAL B 496 -19.61 9.96 1.23
C VAL B 496 -20.88 10.19 2.02
N TRP B 497 -20.81 11.10 3.00
CA TRP B 497 -21.96 11.49 3.80
C TRP B 497 -22.24 12.96 3.55
N SER B 498 -23.53 13.30 3.34
CA SER B 498 -23.94 14.69 3.35
C SER B 498 -24.25 15.09 4.78
N VAL B 499 -23.71 16.23 5.21
CA VAL B 499 -23.93 16.71 6.56
C VAL B 499 -24.92 17.87 6.60
N THR B 500 -25.09 18.59 5.52
CA THR B 500 -26.15 19.58 5.35
C THR B 500 -27.48 18.86 5.08
N PRO B 501 -28.64 19.51 5.32
CA PRO B 501 -29.89 18.78 5.02
C PRO B 501 -30.22 18.82 3.53
N LYS B 502 -29.42 18.06 2.78
CA LYS B 502 -29.51 18.06 1.32
C LYS B 502 -28.91 16.73 0.88
N LYS B 503 -29.75 15.82 0.40
CA LYS B 503 -29.32 14.46 0.12
C LYS B 503 -28.40 14.41 -1.09
N LEU B 504 -27.57 13.37 -1.12
CA LEU B 504 -26.62 13.18 -2.20
C LEU B 504 -27.34 12.64 -3.42
N ARG B 505 -27.34 13.41 -4.50
CA ARG B 505 -28.00 13.00 -5.73
C ARG B 505 -26.98 12.81 -6.83
N SER B 506 -27.22 11.80 -7.66
CA SER B 506 -26.48 11.63 -8.89
C SER B 506 -27.17 12.40 -10.00
N VAL B 507 -26.42 12.72 -11.03
CA VAL B 507 -27.03 13.34 -12.20
C VAL B 507 -27.76 12.30 -13.01
N LYS B 508 -28.68 12.76 -13.85
CA LYS B 508 -29.53 11.87 -14.63
C LYS B 508 -28.72 11.13 -15.69
N GLN B 509 -29.29 10.03 -16.18
CA GLN B 509 -28.64 9.24 -17.21
C GLN B 509 -28.69 9.99 -18.54
N ALA B 510 -27.90 9.49 -19.51
CA ALA B 510 -27.72 10.17 -20.78
C ALA B 510 -28.98 10.23 -21.62
N SER B 511 -29.91 9.30 -21.41
CA SER B 511 -31.19 9.38 -22.11
C SER B 511 -32.05 10.51 -21.56
N ASP B 512 -31.99 10.75 -20.24
CA ASP B 512 -32.77 11.82 -19.63
C ASP B 512 -32.18 13.19 -19.91
N LEU B 513 -30.86 13.29 -20.08
CA LEU B 513 -30.23 14.55 -20.41
C LEU B 513 -30.40 14.93 -21.87
N SER B 514 -30.62 13.94 -22.74
CA SER B 514 -30.77 14.25 -24.17
C SER B 514 -32.13 14.87 -24.47
N LEU B 515 -33.14 14.61 -23.64
CA LEU B 515 -34.46 15.18 -23.89
C LEU B 515 -34.62 16.57 -23.30
N ILE B 516 -33.86 16.89 -22.25
CA ILE B 516 -33.91 18.25 -21.69
C ILE B 516 -33.01 19.13 -22.54
N ASP B 517 -33.14 20.45 -22.37
CA ASP B 517 -32.33 21.41 -23.11
C ASP B 517 -31.29 22.03 -22.19
N LYS B 518 -30.18 22.44 -22.80
CA LYS B 518 -29.16 23.23 -22.11
C LYS B 518 -29.57 24.70 -22.17
N GLU B 519 -28.61 25.60 -21.91
CA GLU B 519 -28.85 27.07 -21.99
C GLU B 519 -29.93 27.53 -21.00
N SER B 520 -30.61 26.61 -20.31
CA SER B 520 -31.60 27.02 -19.28
C SER B 520 -30.87 27.54 -18.03
N ASP B 521 -31.51 28.43 -17.27
CA ASP B 521 -30.89 28.93 -16.01
C ASP B 521 -30.76 27.78 -15.02
N ASP B 522 -31.81 26.95 -14.87
CA ASP B 522 -31.81 25.84 -13.87
C ASP B 522 -30.73 24.81 -14.23
N VAL B 523 -30.63 24.40 -15.50
CA VAL B 523 -29.63 23.39 -15.98
C VAL B 523 -29.16 22.42 -14.88
N LEU B 524 -28.33 22.86 -13.92
CA LEU B 524 -27.79 21.88 -12.93
C LEU B 524 -28.95 21.27 -12.14
N GLU B 525 -29.89 22.14 -11.75
CA GLU B 525 -31.07 21.65 -11.01
C GLU B 525 -31.80 20.69 -11.92
N ARG B 526 -32.06 21.05 -13.19
CA ARG B 526 -32.77 20.15 -14.14
C ARG B 526 -32.08 18.78 -14.19
N ILE B 527 -30.75 18.74 -14.30
CA ILE B 527 -29.98 17.47 -14.42
C ILE B 527 -30.07 16.60 -13.18
N MET B 528 -30.09 17.16 -11.96
CA MET B 528 -30.09 16.19 -10.80
C MET B 528 -31.14 15.04 -10.84
N ASP B 529 -30.76 13.80 -10.50
CA ASP B 529 -31.79 12.77 -10.41
C ASP B 529 -32.31 12.71 -8.98
N GLU B 530 -33.64 12.75 -8.82
CA GLU B 530 -34.25 12.63 -7.50
C GLU B 530 -34.57 11.17 -7.16
N LYS B 531 -34.57 10.29 -8.15
CA LYS B 531 -34.73 8.85 -7.89
C LYS B 531 -33.56 8.30 -7.09
N THR B 532 -32.37 8.86 -7.29
CA THR B 532 -31.18 8.50 -6.52
C THR B 532 -30.90 9.65 -5.58
N ALA B 533 -31.28 9.50 -4.31
CA ALA B 533 -31.08 10.56 -3.32
C ALA B 533 -30.95 9.89 -1.96
N SER B 534 -29.72 9.82 -1.45
CA SER B 534 -29.44 9.21 -0.17
C SER B 534 -28.64 10.18 0.70
N GLU B 535 -28.57 9.87 1.98
CA GLU B 535 -27.67 10.55 2.90
C GLU B 535 -26.31 9.88 2.97
N LEU B 536 -26.06 8.89 2.11
CA LEU B 536 -24.85 8.08 2.15
C LEU B 536 -24.69 7.39 0.81
N LYS B 537 -23.52 7.54 0.20
CA LYS B 537 -23.17 6.85 -1.03
C LYS B 537 -21.90 6.06 -0.80
N ILE B 538 -21.94 4.75 -1.07
CA ILE B 538 -20.80 3.87 -0.90
C ILE B 538 -20.12 3.69 -2.25
N LEU B 539 -18.80 3.80 -2.27
CA LEU B 539 -18.01 3.70 -3.50
C LEU B 539 -17.13 2.47 -3.43
N TYR B 540 -17.29 1.55 -4.37
CA TYR B 540 -16.54 0.32 -4.44
C TYR B 540 -15.55 0.36 -5.59
N GLY B 541 -14.43 -0.36 -5.43
CA GLY B 541 -13.48 -0.47 -6.51
C GLY B 541 -12.02 -0.59 -6.10
N HIS B 542 -11.68 -0.16 -4.89
CA HIS B 542 -10.35 -0.42 -4.36
C HIS B 542 -10.28 -1.86 -3.88
N SER B 543 -9.17 -2.53 -4.17
CA SER B 543 -8.91 -3.85 -3.62
C SER B 543 -7.93 -3.78 -2.44
N GLY B 544 -8.30 -3.00 -1.43
CA GLY B 544 -7.44 -2.79 -0.29
C GLY B 544 -7.91 -1.61 0.54
N PRO B 545 -7.38 -1.47 1.76
CA PRO B 545 -7.83 -0.39 2.66
C PRO B 545 -7.46 0.98 2.14
N VAL B 546 -8.49 1.82 1.99
CA VAL B 546 -8.33 3.19 1.45
C VAL B 546 -7.62 4.06 2.49
N TYR B 547 -6.43 4.55 2.17
CA TYR B 547 -5.64 5.30 3.13
C TYR B 547 -5.70 6.80 2.95
N GLY B 548 -5.89 7.28 1.73
CA GLY B 548 -6.01 8.71 1.47
C GLY B 548 -7.42 9.04 1.01
N ALA B 549 -7.87 10.25 1.33
CA ALA B 549 -9.16 10.75 0.87
C ALA B 549 -9.04 12.25 0.70
N SER B 550 -9.44 12.75 -0.45
CA SER B 550 -9.25 14.16 -0.77
C SER B 550 -10.36 14.65 -1.68
N PHE B 551 -11.06 15.69 -1.26
CA PHE B 551 -12.06 16.32 -2.10
C PHE B 551 -11.43 17.35 -3.02
N SER B 552 -12.10 17.62 -4.08
CA SER B 552 -11.69 18.73 -4.93
C SER B 552 -12.39 20.00 -4.47
N PRO B 553 -11.78 21.18 -4.69
CA PRO B 553 -12.40 22.43 -4.20
C PRO B 553 -13.71 22.81 -4.88
N ASP B 554 -14.04 22.23 -6.03
CA ASP B 554 -15.34 22.46 -6.67
C ASP B 554 -16.38 21.45 -6.22
N ARG B 555 -16.08 20.64 -5.20
CA ARG B 555 -16.94 19.65 -4.56
C ARG B 555 -17.36 18.51 -5.48
N ASN B 556 -16.74 18.37 -6.64
CA ASN B 556 -16.78 17.12 -7.38
C ASN B 556 -15.51 16.36 -7.03
N TYR B 557 -15.23 15.28 -7.76
CA TYR B 557 -13.89 14.68 -7.89
C TYR B 557 -13.28 14.28 -6.55
N LEU B 558 -13.88 13.27 -5.92
CA LEU B 558 -13.25 12.69 -4.75
C LEU B 558 -12.02 11.91 -5.19
N LEU B 559 -10.97 11.95 -4.38
CA LEU B 559 -9.75 11.19 -4.60
C LEU B 559 -9.58 10.17 -3.49
N SER B 560 -9.08 8.99 -3.85
CA SER B 560 -8.81 7.99 -2.83
C SER B 560 -7.64 7.14 -3.27
N SER B 561 -6.79 6.80 -2.31
CA SER B 561 -5.63 5.95 -2.53
C SER B 561 -5.69 4.82 -1.51
N SER B 562 -5.08 3.69 -1.85
CA SER B 562 -5.24 2.52 -1.02
C SER B 562 -3.99 1.64 -1.07
N GLU B 563 -4.10 0.48 -0.40
CA GLU B 563 -3.01 -0.48 -0.31
C GLU B 563 -2.67 -1.13 -1.64
N ASP B 564 -3.62 -1.18 -2.57
CA ASP B 564 -3.42 -1.88 -3.83
C ASP B 564 -2.55 -1.12 -4.82
N GLY B 565 -2.11 0.09 -4.48
CA GLY B 565 -1.18 0.82 -5.31
C GLY B 565 -1.81 1.72 -6.34
N THR B 566 -3.10 1.96 -6.27
CA THR B 566 -3.79 2.82 -7.22
C THR B 566 -4.35 4.04 -6.50
N VAL B 567 -4.40 5.15 -7.22
CA VAL B 567 -5.13 6.34 -6.82
C VAL B 567 -6.36 6.41 -7.70
N ARG B 568 -7.52 6.63 -7.09
CA ARG B 568 -8.77 6.59 -7.82
C ARG B 568 -9.48 7.94 -7.73
N LEU B 569 -10.04 8.35 -8.86
CA LEU B 569 -10.77 9.62 -8.98
C LEU B 569 -12.25 9.29 -9.12
N TRP B 570 -12.99 9.47 -8.04
CA TRP B 570 -14.43 9.23 -8.04
C TRP B 570 -15.16 10.51 -8.40
N SER B 571 -16.10 10.42 -9.32
CA SER B 571 -16.98 11.55 -9.56
C SER B 571 -17.98 11.68 -8.41
N LEU B 572 -18.40 12.91 -8.18
CA LEU B 572 -19.46 13.19 -7.21
C LEU B 572 -20.71 13.71 -7.89
N GLN B 573 -20.75 13.69 -9.21
CA GLN B 573 -21.96 13.94 -9.98
C GLN B 573 -22.59 12.66 -10.51
N THR B 574 -21.78 11.66 -10.84
CA THR B 574 -22.27 10.35 -11.24
C THR B 574 -22.06 9.29 -10.17
N PHE B 575 -21.21 9.56 -9.18
CA PHE B 575 -20.89 8.67 -8.07
C PHE B 575 -20.34 7.33 -8.54
N THR B 576 -19.56 7.36 -9.61
CA THR B 576 -18.81 6.22 -10.10
C THR B 576 -17.32 6.56 -10.07
N CYS B 577 -16.50 5.55 -10.37
CA CYS B 577 -15.08 5.80 -10.55
C CYS B 577 -14.81 6.26 -11.97
N LEU B 578 -13.87 7.19 -12.11
CA LEU B 578 -13.49 7.69 -13.43
C LEU B 578 -12.14 7.14 -13.87
N VAL B 579 -11.09 7.37 -13.09
CA VAL B 579 -9.73 7.00 -13.48
C VAL B 579 -9.11 6.19 -12.35
N GLY B 580 -8.26 5.23 -12.71
CA GLY B 580 -7.37 4.60 -11.74
C GLY B 580 -5.92 4.87 -12.09
N TYR B 581 -5.23 5.63 -11.24
CA TYR B 581 -3.87 6.07 -11.52
C TYR B 581 -2.89 5.05 -10.95
N LYS B 582 -2.31 4.23 -11.81
CA LYS B 582 -1.41 3.16 -11.39
C LYS B 582 0.02 3.59 -11.69
N GLY B 583 0.67 4.21 -10.72
CA GLY B 583 2.08 4.47 -10.84
C GLY B 583 2.90 3.77 -9.77
N HIS B 584 2.35 3.65 -8.57
CA HIS B 584 2.98 2.87 -7.52
C HIS B 584 2.58 1.41 -7.67
N ASN B 585 3.50 0.51 -7.36
CA ASN B 585 3.15 -0.88 -7.12
C ASN B 585 2.91 -1.17 -5.66
N TYR B 586 2.90 -0.14 -4.82
CA TYR B 586 3.03 -0.24 -3.39
C TYR B 586 1.95 0.62 -2.74
N PRO B 587 1.60 0.37 -1.45
CA PRO B 587 0.57 1.18 -0.77
C PRO B 587 0.77 2.69 -0.79
N VAL B 588 -0.17 3.39 -1.41
CA VAL B 588 -0.16 4.84 -1.47
C VAL B 588 -0.75 5.35 -0.16
N TRP B 589 0.08 5.96 0.68
CA TRP B 589 -0.33 6.30 2.03
C TRP B 589 -1.14 7.59 2.11
N ASP B 590 -1.04 8.46 1.11
CA ASP B 590 -1.76 9.72 1.14
C ASP B 590 -1.93 10.24 -0.27
N THR B 591 -2.96 11.05 -0.44
CA THR B 591 -3.17 11.83 -1.65
C THR B 591 -3.86 13.13 -1.26
N GLN B 592 -3.66 14.16 -2.08
CA GLN B 592 -4.38 15.41 -1.88
C GLN B 592 -4.50 16.14 -3.21
N PHE B 593 -5.68 16.68 -3.48
CA PHE B 593 -5.85 17.60 -4.59
C PHE B 593 -5.14 18.92 -4.33
N SER B 594 -4.82 19.62 -5.41
CA SER B 594 -4.35 20.99 -5.30
C SER B 594 -5.49 21.88 -4.80
N PRO B 595 -5.18 22.98 -4.11
CA PRO B 595 -6.25 23.91 -3.72
C PRO B 595 -6.89 24.65 -4.88
N TYR B 596 -6.38 24.50 -6.10
CA TYR B 596 -7.04 24.96 -7.32
C TYR B 596 -7.65 23.84 -8.12
N GLY B 597 -7.32 22.58 -7.80
CA GLY B 597 -8.14 21.45 -8.17
C GLY B 597 -7.74 20.69 -9.42
N TYR B 598 -6.62 21.03 -10.05
CA TYR B 598 -6.21 20.31 -11.25
C TYR B 598 -5.16 19.24 -10.96
N TYR B 599 -4.05 19.63 -10.36
CA TYR B 599 -3.00 18.69 -10.00
C TYR B 599 -3.34 17.98 -8.71
N PHE B 600 -2.75 16.81 -8.52
CA PHE B 600 -2.79 16.18 -7.21
C PHE B 600 -1.51 15.40 -6.98
N VAL B 601 -1.13 15.29 -5.72
CA VAL B 601 0.10 14.63 -5.31
C VAL B 601 -0.26 13.40 -4.50
N SER B 602 0.43 12.29 -4.75
CA SER B 602 0.21 11.05 -4.03
C SER B 602 1.57 10.49 -3.60
N GLY B 603 1.69 10.19 -2.32
CA GLY B 603 2.91 9.61 -1.77
C GLY B 603 2.68 8.19 -1.32
N GLY B 604 3.63 7.30 -1.63
CA GLY B 604 3.44 5.90 -1.36
C GLY B 604 4.57 5.20 -0.65
N HIS B 605 4.49 3.87 -0.58
CA HIS B 605 5.50 3.06 0.09
C HIS B 605 6.80 2.99 -0.69
N ASP B 606 6.77 3.30 -1.99
CA ASP B 606 7.96 3.22 -2.84
C ASP B 606 8.88 4.44 -2.71
N ARG B 607 8.73 5.22 -1.63
CA ARG B 607 9.61 6.30 -1.22
C ARG B 607 9.67 7.46 -2.20
N VAL B 608 8.68 7.61 -3.06
CA VAL B 608 8.53 8.79 -3.90
C VAL B 608 7.16 9.40 -3.64
N ALA B 609 6.99 10.62 -4.14
CA ALA B 609 5.69 11.25 -4.25
C ALA B 609 5.53 11.69 -5.70
N ARG B 610 4.43 11.33 -6.32
CA ARG B 610 4.19 11.65 -7.71
C ARG B 610 3.26 12.85 -7.81
N LEU B 611 3.46 13.65 -8.85
CA LEU B 611 2.55 14.75 -9.17
C LEU B 611 1.76 14.38 -10.41
N TRP B 612 0.46 14.33 -10.29
CA TRP B 612 -0.44 13.97 -11.36
C TRP B 612 -1.23 15.20 -11.78
N ALA B 613 -2.03 15.07 -12.84
CA ALA B 613 -2.76 16.24 -13.34
C ALA B 613 -4.21 15.97 -13.72
N THR B 614 -4.75 14.78 -13.43
CA THR B 614 -6.09 14.31 -13.82
C THR B 614 -6.32 14.29 -15.32
N ASP B 615 -5.28 14.46 -16.14
CA ASP B 615 -5.38 14.41 -17.58
C ASP B 615 -4.43 13.41 -18.21
N HIS B 616 -3.44 12.94 -17.47
CA HIS B 616 -2.45 12.02 -17.98
C HIS B 616 -2.47 10.76 -17.13
N TYR B 617 -2.30 9.61 -17.77
CA TYR B 617 -2.20 8.36 -17.05
C TYR B 617 -0.87 8.21 -16.33
N GLN B 618 0.13 9.00 -16.70
CA GLN B 618 1.47 9.06 -16.13
C GLN B 618 1.66 10.35 -15.34
N PRO B 619 2.51 10.35 -14.31
CA PRO B 619 2.72 11.57 -13.53
C PRO B 619 3.52 12.61 -14.30
N LEU B 620 3.56 13.81 -13.72
CA LEU B 620 4.36 14.90 -14.27
C LEU B 620 5.65 15.12 -13.52
N ARG B 621 5.62 15.07 -12.19
CA ARG B 621 6.79 15.23 -11.36
C ARG B 621 6.91 14.05 -10.41
N ILE B 622 8.12 13.54 -10.26
CA ILE B 622 8.43 12.48 -9.30
C ILE B 622 9.37 13.08 -8.26
N PHE B 623 8.92 13.12 -7.02
CA PHE B 623 9.69 13.69 -5.91
C PHE B 623 10.35 12.54 -5.17
N ALA B 624 11.61 12.26 -5.52
CA ALA B 624 12.24 10.99 -5.19
C ALA B 624 13.48 11.12 -4.32
N GLY B 625 13.41 11.91 -3.25
CA GLY B 625 14.57 12.12 -2.41
C GLY B 625 14.49 11.55 -1.01
N HIS B 626 13.32 11.07 -0.61
CA HIS B 626 13.16 10.49 0.71
C HIS B 626 13.81 9.12 0.77
N LEU B 627 14.18 8.70 1.99
CA LEU B 627 14.80 7.41 2.21
C LEU B 627 13.85 6.39 2.80
N ALA B 628 12.62 6.78 3.11
CA ALA B 628 11.59 5.88 3.61
C ALA B 628 10.27 6.26 2.96
N ASP B 629 9.18 5.71 3.48
CA ASP B 629 7.86 5.91 2.89
C ASP B 629 7.42 7.36 3.00
N VAL B 630 6.86 7.89 1.92
CA VAL B 630 6.28 9.22 1.92
C VAL B 630 4.90 9.10 2.57
N ASN B 631 4.83 9.44 3.85
CA ASN B 631 3.59 9.25 4.60
C ASN B 631 2.57 10.32 4.23
N CYS B 632 2.97 11.58 4.21
CA CYS B 632 2.10 12.70 3.93
C CYS B 632 2.53 13.42 2.68
N THR B 633 1.56 14.05 2.00
CA THR B 633 1.81 14.90 0.84
C THR B 633 0.84 16.07 0.92
N ARG B 634 1.36 17.28 1.11
CA ARG B 634 0.51 18.46 1.19
C ARG B 634 0.95 19.52 0.21
N PHE B 635 -0.01 20.15 -0.44
CA PHE B 635 0.22 21.27 -1.34
C PHE B 635 0.33 22.58 -0.57
N HIS B 636 1.11 23.50 -1.11
CA HIS B 636 1.13 24.86 -0.60
C HIS B 636 -0.17 25.56 -0.99
N PRO B 637 -0.58 26.58 -0.22
CA PRO B 637 -1.75 27.38 -0.63
C PRO B 637 -1.65 28.07 -1.98
N ASN B 638 -0.45 28.28 -2.53
CA ASN B 638 -0.34 28.74 -3.91
C ASN B 638 -0.14 27.60 -4.90
N SER B 639 0.01 26.36 -4.41
CA SER B 639 0.17 25.13 -5.18
C SER B 639 1.39 25.13 -6.09
N ASN B 640 2.41 25.92 -5.76
CA ASN B 640 3.69 25.85 -6.43
C ASN B 640 4.67 24.96 -5.70
N TYR B 641 4.34 24.55 -4.47
CA TYR B 641 5.23 23.79 -3.62
C TYR B 641 4.47 22.65 -2.98
N VAL B 642 5.12 21.50 -2.85
CA VAL B 642 4.53 20.31 -2.24
C VAL B 642 5.39 19.91 -1.06
N ALA B 643 4.79 19.85 0.13
CA ALA B 643 5.46 19.36 1.31
C ALA B 643 5.16 17.88 1.47
N THR B 644 6.21 17.06 1.59
CA THR B 644 6.08 15.62 1.78
C THR B 644 6.79 15.23 3.07
N GLY B 645 6.01 15.00 4.13
CA GLY B 645 6.56 14.33 5.30
C GLY B 645 6.76 12.86 5.05
N SER B 646 7.59 12.22 5.86
CA SER B 646 7.99 10.85 5.57
C SER B 646 8.34 10.11 6.86
N ALA B 647 8.70 8.84 6.68
CA ALA B 647 9.00 7.94 7.78
C ALA B 647 10.47 7.96 8.18
N ASP B 648 11.33 8.62 7.41
CA ASP B 648 12.72 8.84 7.81
C ASP B 648 12.90 10.14 8.58
N ARG B 649 11.83 10.63 9.21
CA ARG B 649 11.82 11.75 10.15
C ARG B 649 12.23 13.08 9.51
N THR B 650 12.00 13.24 8.20
CA THR B 650 12.25 14.49 7.52
C THR B 650 10.99 14.97 6.83
N VAL B 651 10.85 16.29 6.77
CA VAL B 651 9.83 16.97 5.97
C VAL B 651 10.55 17.73 4.87
N ARG B 652 10.09 17.57 3.64
CA ARG B 652 10.76 18.18 2.49
C ARG B 652 9.76 18.94 1.64
N LEU B 653 10.08 20.19 1.33
CA LEU B 653 9.33 20.96 0.36
C LEU B 653 9.90 20.72 -1.03
N TRP B 654 9.02 20.57 -2.00
CA TRP B 654 9.41 20.27 -3.37
C TRP B 654 8.79 21.31 -4.29
N ASP B 655 9.62 21.92 -5.13
CA ASP B 655 9.09 22.84 -6.13
C ASP B 655 8.44 22.05 -7.25
N VAL B 656 7.27 22.50 -7.69
CA VAL B 656 6.54 21.81 -8.74
C VAL B 656 7.26 21.99 -10.08
N LEU B 657 7.79 23.19 -10.34
CA LEU B 657 8.80 23.33 -11.38
C LEU B 657 10.08 22.63 -10.96
N ASN B 658 10.66 21.88 -11.89
CA ASN B 658 11.98 21.24 -11.83
C ASN B 658 12.06 20.06 -10.86
N GLY B 659 11.01 19.83 -10.07
CA GLY B 659 10.98 18.76 -9.09
C GLY B 659 12.04 18.81 -8.02
N ASN B 660 12.61 19.99 -7.75
CA ASN B 660 13.73 20.11 -6.84
C ASN B 660 13.26 20.26 -5.40
N CYS B 661 13.99 19.62 -4.50
CA CYS B 661 13.77 19.80 -3.07
C CYS B 661 14.37 21.15 -2.67
N VAL B 662 13.53 22.06 -2.19
CA VAL B 662 13.98 23.39 -1.84
C VAL B 662 14.13 23.60 -0.33
N ARG B 663 13.54 22.74 0.49
CA ARG B 663 13.67 22.81 1.93
C ARG B 663 13.72 21.39 2.49
N ILE B 664 14.50 21.21 3.54
CA ILE B 664 14.54 19.94 4.28
C ILE B 664 14.39 20.25 5.75
N PHE B 665 13.31 19.78 6.36
CA PHE B 665 12.98 20.07 7.75
C PHE B 665 13.17 18.80 8.57
N THR B 666 14.21 18.78 9.40
CA THR B 666 14.51 17.65 10.27
C THR B 666 14.38 18.08 11.72
N GLY B 667 14.04 17.12 12.59
CA GLY B 667 13.88 17.42 13.98
C GLY B 667 12.77 16.62 14.64
N HIS B 668 12.09 15.80 13.86
CA HIS B 668 11.10 14.88 14.40
C HIS B 668 11.79 13.57 14.80
N LYS B 669 11.22 12.92 15.80
CA LYS B 669 11.77 11.67 16.32
C LYS B 669 11.01 10.45 15.82
N GLY B 670 9.84 10.63 15.24
CA GLY B 670 9.09 9.54 14.67
C GLY B 670 8.63 9.87 13.27
N PRO B 671 8.00 8.91 12.60
CA PRO B 671 7.45 9.17 11.25
C PRO B 671 6.37 10.24 11.26
N ILE B 672 6.48 11.17 10.33
CA ILE B 672 5.56 12.31 10.29
C ILE B 672 4.22 11.84 9.76
N HIS B 673 3.16 12.06 10.54
CA HIS B 673 1.83 11.59 10.21
C HIS B 673 0.83 12.71 9.93
N SER B 674 1.26 13.96 9.96
CA SER B 674 0.38 15.08 9.66
C SER B 674 1.21 16.29 9.27
N LEU B 675 0.78 16.99 8.22
CA LEU B 675 1.32 18.28 7.83
C LEU B 675 0.16 19.23 7.58
N THR B 676 0.39 20.51 7.86
CA THR B 676 -0.53 21.55 7.42
C THR B 676 0.25 22.83 7.19
N PHE B 677 -0.30 23.68 6.34
CA PHE B 677 0.30 24.97 6.04
C PHE B 677 -0.49 26.08 6.73
N SER B 678 0.20 27.16 7.06
CA SER B 678 -0.47 28.36 7.51
C SER B 678 -1.22 28.99 6.33
N PRO B 679 -2.34 29.67 6.60
CA PRO B 679 -3.05 30.36 5.50
C PRO B 679 -2.28 31.54 4.93
N ASN B 680 -1.31 32.08 5.67
CA ASN B 680 -0.39 33.05 5.10
C ASN B 680 0.49 32.42 4.04
N GLY B 681 0.82 31.13 4.19
CA GLY B 681 1.83 30.49 3.40
C GLY B 681 3.22 30.63 3.95
N ARG B 682 3.39 31.32 5.09
CA ARG B 682 4.71 31.54 5.66
C ARG B 682 5.18 30.38 6.52
N PHE B 683 4.26 29.60 7.08
CA PHE B 683 4.61 28.63 8.10
C PHE B 683 4.05 27.26 7.74
N LEU B 684 4.56 26.25 8.45
CA LEU B 684 4.22 24.85 8.20
C LEU B 684 4.27 24.13 9.53
N ALA B 685 3.16 23.50 9.91
CA ALA B 685 3.09 22.71 11.13
C ALA B 685 3.14 21.23 10.76
N THR B 686 4.00 20.47 11.43
CA THR B 686 4.16 19.05 11.19
C THR B 686 4.00 18.30 12.50
N GLY B 687 3.36 17.14 12.44
CA GLY B 687 3.22 16.28 13.60
C GLY B 687 3.67 14.88 13.28
N ALA B 688 4.13 14.19 14.32
CA ALA B 688 4.69 12.85 14.16
C ALA B 688 4.34 12.01 15.37
N THR B 689 4.91 10.81 15.44
CA THR B 689 4.59 9.85 16.49
C THR B 689 5.17 10.21 17.85
N ASP B 690 6.08 11.18 17.91
CA ASP B 690 6.64 11.60 19.20
C ASP B 690 5.74 12.60 19.93
N GLY B 691 4.57 12.91 19.39
CA GLY B 691 3.68 13.86 20.01
C GLY B 691 4.11 15.30 19.92
N ARG B 692 5.06 15.61 19.05
CA ARG B 692 5.59 16.96 18.91
C ARG B 692 5.01 17.60 17.66
N VAL B 693 4.53 18.84 17.81
CA VAL B 693 4.11 19.66 16.69
C VAL B 693 5.18 20.72 16.49
N LEU B 694 5.92 20.63 15.41
CA LEU B 694 7.02 21.54 15.13
C LEU B 694 6.59 22.54 14.08
N LEU B 695 6.73 23.82 14.40
CA LEU B 695 6.31 24.90 13.52
C LEU B 695 7.53 25.44 12.78
N TRP B 696 7.50 25.33 11.46
CA TRP B 696 8.65 25.66 10.62
C TRP B 696 8.38 26.95 9.85
N ASP B 697 9.42 27.77 9.70
CA ASP B 697 9.36 28.83 8.72
C ASP B 697 9.68 28.27 7.35
N ILE B 698 9.21 28.92 6.30
CA ILE B 698 9.40 28.36 4.93
C ILE B 698 10.38 29.25 4.17
N GLY B 699 10.27 30.57 4.34
CA GLY B 699 11.26 31.48 3.72
C GLY B 699 12.64 31.32 4.31
N HIS B 700 12.73 31.19 5.63
CA HIS B 700 14.05 31.07 6.31
C HIS B 700 14.47 29.61 6.43
N GLY B 701 13.55 28.67 6.19
CA GLY B 701 13.86 27.24 6.38
C GLY B 701 14.30 26.94 7.79
N LEU B 702 13.66 27.56 8.79
CA LEU B 702 14.07 27.38 10.21
C LEU B 702 12.83 26.99 11.03
N MET B 703 12.97 26.05 11.97
CA MET B 703 11.81 25.77 12.85
C MET B 703 11.61 26.97 13.77
N VAL B 704 10.36 27.40 13.95
CA VAL B 704 10.10 28.63 14.75
C VAL B 704 9.47 28.29 16.11
N GLY B 705 8.95 27.07 16.29
CA GLY B 705 8.45 26.65 17.60
C GLY B 705 8.25 25.16 17.74
N GLU B 706 8.12 24.67 18.97
CA GLU B 706 7.87 23.23 19.24
C GLU B 706 6.71 23.10 20.23
N LEU B 707 5.64 22.42 19.83
CA LEU B 707 4.48 22.20 20.68
C LEU B 707 4.50 20.75 21.15
N LYS B 708 4.67 20.55 22.44
CA LYS B 708 4.93 19.22 23.00
C LYS B 708 3.91 18.88 24.08
N GLY B 709 2.64 19.08 23.78
CA GLY B 709 1.58 18.72 24.72
C GLY B 709 1.05 17.32 24.52
N HIS B 710 1.00 16.86 23.27
CA HIS B 710 0.38 15.58 22.95
C HIS B 710 1.27 14.42 23.40
N THR B 711 0.63 13.29 23.67
CA THR B 711 1.32 12.09 24.13
C THR B 711 1.60 11.09 23.03
N ASP B 712 0.59 10.73 22.25
CA ASP B 712 0.73 9.73 21.21
C ASP B 712 0.82 10.44 19.86
N THR B 713 0.72 9.66 18.77
CA THR B 713 0.90 10.13 17.40
C THR B 713 -0.09 11.23 17.04
N VAL B 714 0.43 12.39 16.65
CA VAL B 714 -0.38 13.52 16.22
C VAL B 714 -0.75 13.28 14.76
N CYS B 715 -2.01 12.92 14.51
CA CYS B 715 -2.45 12.46 13.20
C CYS B 715 -3.26 13.49 12.43
N SER B 716 -3.53 14.66 13.01
CA SER B 716 -4.27 15.70 12.31
C SER B 716 -3.90 17.07 12.83
N LEU B 717 -3.58 17.98 11.90
CA LEU B 717 -3.33 19.38 12.21
C LEU B 717 -4.11 20.24 11.23
N ARG B 718 -4.57 21.39 11.71
CA ARG B 718 -5.09 22.43 10.84
C ARG B 718 -4.98 23.78 11.55
N PHE B 719 -4.67 24.81 10.77
CA PHE B 719 -4.76 26.19 11.24
C PHE B 719 -6.18 26.70 11.06
N SER B 720 -6.47 27.82 11.69
CA SER B 720 -7.77 28.47 11.53
C SER B 720 -7.88 29.09 10.14
N ARG B 721 -9.07 29.59 9.84
CA ARG B 721 -9.27 30.28 8.56
C ARG B 721 -8.57 31.64 8.57
N ASP B 722 -8.51 32.29 9.73
CA ASP B 722 -7.72 33.51 9.86
C ASP B 722 -6.25 33.20 10.09
N GLY B 723 -5.93 32.05 10.66
CA GLY B 723 -4.60 31.73 11.12
C GLY B 723 -4.39 31.93 12.60
N GLU B 724 -5.46 32.17 13.37
CA GLU B 724 -5.35 32.55 14.76
C GLU B 724 -5.04 31.36 15.67
N ILE B 725 -5.45 30.16 15.30
CA ILE B 725 -5.35 28.98 16.15
C ILE B 725 -4.96 27.79 15.28
N LEU B 726 -3.97 27.03 15.73
CA LEU B 726 -3.65 25.72 15.18
C LEU B 726 -4.30 24.65 16.04
N ALA B 727 -5.10 23.78 15.42
CA ALA B 727 -5.76 22.70 16.12
C ALA B 727 -5.02 21.40 15.86
N SER B 728 -4.79 20.63 16.92
CA SER B 728 -4.02 19.39 16.85
C SER B 728 -4.84 18.25 17.41
N GLY B 729 -4.92 17.16 16.66
CA GLY B 729 -5.62 15.97 17.12
C GLY B 729 -4.73 14.76 17.02
N SER B 730 -4.73 13.98 18.10
CA SER B 730 -3.81 12.84 18.14
C SER B 730 -4.51 11.59 18.65
N MET B 731 -3.76 10.51 18.81
CA MET B 731 -4.26 9.24 19.30
C MET B 731 -4.41 9.22 20.82
N ASP B 732 -4.16 10.32 21.52
CA ASP B 732 -4.45 10.33 22.99
C ASP B 732 -5.90 10.79 23.18
N ASN B 733 -6.68 10.86 22.10
CA ASN B 733 -8.10 11.25 22.11
C ASN B 733 -8.27 12.65 22.67
N THR B 734 -7.44 13.58 22.19
CA THR B 734 -7.51 14.97 22.60
C THR B 734 -7.43 15.88 21.39
N VAL B 735 -8.14 16.99 21.43
CA VAL B 735 -8.06 18.04 20.42
C VAL B 735 -7.46 19.26 21.10
N ARG B 736 -6.16 19.45 20.97
CA ARG B 736 -5.50 20.58 21.58
C ARG B 736 -5.51 21.77 20.64
N LEU B 737 -5.71 22.96 21.21
CA LEU B 737 -5.71 24.21 20.47
C LEU B 737 -4.48 25.02 20.88
N TRP B 738 -3.74 25.47 19.88
CA TRP B 738 -2.50 26.22 20.10
C TRP B 738 -2.67 27.63 19.56
N ASP B 739 -2.07 28.59 20.24
CA ASP B 739 -2.10 29.99 19.83
C ASP B 739 -1.14 30.17 18.67
N ALA B 740 -1.69 30.24 17.46
CA ALA B 740 -0.88 30.36 16.25
C ALA B 740 -0.61 31.81 15.85
N ILE B 741 -0.78 32.74 16.78
CA ILE B 741 -0.35 34.11 16.60
C ILE B 741 0.82 34.45 17.53
N LYS B 742 0.72 34.05 18.79
CA LYS B 742 1.82 34.20 19.73
C LYS B 742 2.98 33.24 19.45
N ALA B 743 2.77 32.23 18.61
CA ALA B 743 3.84 31.32 18.22
C ALA B 743 4.68 31.86 17.07
N PHE B 744 4.21 32.90 16.37
CA PHE B 744 4.89 33.48 15.22
C PHE B 744 5.04 34.98 15.38
N GLU B 745 5.47 35.42 16.56
CA GLU B 745 5.62 36.85 16.82
C GLU B 745 6.93 37.43 16.28
N ASP B 746 7.94 36.61 16.08
CA ASP B 746 9.24 37.07 15.59
C ASP B 746 9.50 36.50 14.21
N LEU B 747 9.82 37.37 13.26
CA LEU B 747 10.14 36.95 11.90
C LEU B 747 11.45 37.58 11.44
N THR B 754 20.19 35.10 9.16
CA THR B 754 20.57 34.27 10.33
C THR B 754 22.03 33.85 10.16
N ALA B 755 22.28 32.83 9.33
CA ALA B 755 23.67 32.40 9.06
C ALA B 755 24.13 31.41 10.13
N THR B 756 23.39 31.29 11.23
CA THR B 756 23.69 30.24 12.22
C THR B 756 22.71 29.13 11.85
N GLY B 757 21.68 29.48 11.10
CA GLY B 757 20.74 28.46 10.58
C GLY B 757 19.82 27.90 11.62
N HIS B 758 19.69 28.60 12.74
CA HIS B 758 18.83 28.13 13.83
C HIS B 758 18.46 29.33 14.69
N ILE B 759 17.38 29.21 15.44
CA ILE B 759 16.94 30.32 16.33
C ILE B 759 16.77 29.67 17.69
N ASN B 760 16.80 30.45 18.76
CA ASN B 760 16.72 29.78 20.08
C ASN B 760 15.25 29.56 20.34
N LEU B 761 14.80 28.30 20.26
CA LEU B 761 13.36 27.99 20.41
C LEU B 761 12.99 28.33 21.84
N PRO B 762 11.79 28.84 22.12
CA PRO B 762 11.43 29.31 23.45
C PRO B 762 10.98 28.39 24.59
N GLU B 763 10.70 27.11 24.36
CA GLU B 763 10.12 26.23 25.43
C GLU B 763 8.84 26.89 25.95
N ASN B 764 7.95 27.35 25.07
CA ASN B 764 6.78 28.13 25.51
C ASN B 764 5.48 27.35 25.32
N SER B 765 5.52 26.03 25.20
CA SER B 765 4.29 25.28 24.87
C SER B 765 3.19 25.57 25.88
N GLN B 766 3.51 25.72 27.17
CA GLN B 766 2.46 25.90 28.20
C GLN B 766 1.67 27.19 27.93
N GLU B 767 2.33 28.23 27.42
CA GLU B 767 1.65 29.52 27.18
C GLU B 767 0.91 29.48 25.85
N LEU B 768 1.20 28.52 25.00
CA LEU B 768 0.57 28.48 23.66
C LEU B 768 -0.60 27.51 23.65
N LEU B 769 -0.87 26.82 24.75
CA LEU B 769 -2.04 25.91 24.84
C LEU B 769 -3.26 26.66 25.32
N LEU B 770 -4.24 26.78 24.44
CA LEU B 770 -5.44 27.55 24.79
C LEU B 770 -6.38 26.56 25.44
N GLY B 771 -6.40 25.33 24.95
CA GLY B 771 -7.18 24.30 25.64
C GLY B 771 -6.93 22.90 25.15
N THR B 772 -7.25 21.90 25.97
CA THR B 772 -7.19 20.47 25.56
C THR B 772 -8.55 19.85 25.83
N TYR B 773 -9.16 19.22 24.83
CA TYR B 773 -10.51 18.62 24.94
C TYR B 773 -10.37 17.13 24.64
N MET B 774 -10.80 16.27 25.56
CA MET B 774 -10.63 14.81 25.42
C MET B 774 -11.82 14.15 24.76
N THR B 775 -11.59 13.32 23.75
CA THR B 775 -12.66 12.55 23.09
C THR B 775 -12.96 11.28 23.87
N LYS B 776 -14.19 10.77 23.78
CA LYS B 776 -14.56 9.51 24.47
C LYS B 776 -13.99 8.35 23.69
N SER B 777 -12.77 7.96 24.03
CA SER B 777 -12.23 6.72 23.44
C SER B 777 -12.15 6.79 21.91
N THR B 778 -11.87 7.96 21.37
CA THR B 778 -12.03 8.21 19.95
C THR B 778 -10.81 8.96 19.41
N PRO B 779 -9.97 8.32 18.59
CA PRO B 779 -8.81 9.01 18.05
C PRO B 779 -9.20 10.01 16.97
N VAL B 780 -8.67 11.22 17.07
CA VAL B 780 -9.10 12.33 16.22
C VAL B 780 -8.39 12.23 14.88
N VAL B 781 -9.06 11.60 13.90
CA VAL B 781 -8.42 11.31 12.62
C VAL B 781 -8.34 12.56 11.76
N HIS B 782 -9.38 13.38 11.75
CA HIS B 782 -9.43 14.58 10.94
C HIS B 782 -9.74 15.80 11.79
N LEU B 783 -9.21 16.95 11.34
CA LEU B 783 -9.56 18.24 11.90
C LEU B 783 -9.86 19.18 10.75
N HIS B 784 -10.98 19.89 10.85
CA HIS B 784 -11.44 20.77 9.79
C HIS B 784 -11.91 22.07 10.43
N PHE B 785 -11.73 23.17 9.71
CA PHE B 785 -12.19 24.47 10.15
C PHE B 785 -13.26 24.97 9.19
N THR B 786 -14.46 25.18 9.71
CA THR B 786 -15.53 25.80 8.94
C THR B 786 -15.14 27.22 8.59
N ARG B 787 -15.70 27.73 7.49
CA ARG B 787 -15.39 29.09 7.06
C ARG B 787 -15.93 30.16 8.00
N ARG B 788 -16.82 29.81 8.92
CA ARG B 788 -17.18 30.66 10.03
C ARG B 788 -16.38 30.34 11.30
N ASN B 789 -15.24 29.68 11.14
CA ASN B 789 -14.30 29.33 12.21
C ASN B 789 -14.95 28.46 13.28
N LEU B 790 -15.44 27.30 12.85
CA LEU B 790 -15.96 26.27 13.72
C LEU B 790 -15.18 25.00 13.46
N VAL B 791 -14.67 24.38 14.51
CA VAL B 791 -13.84 23.19 14.36
C VAL B 791 -14.72 21.98 14.14
N LEU B 792 -14.43 21.22 13.08
CA LEU B 792 -15.03 19.93 12.83
C LEU B 792 -13.98 18.85 13.03
N ALA B 793 -14.37 17.73 13.61
CA ALA B 793 -13.47 16.60 13.82
C ALA B 793 -14.22 15.31 13.60
N ALA B 794 -13.50 14.38 13.00
CA ALA B 794 -14.11 13.08 12.66
C ALA B 794 -13.19 11.98 13.17
N GLY B 795 -13.76 10.96 13.80
CA GLY B 795 -12.97 9.83 14.28
C GLY B 795 -13.89 8.68 14.57
N ALA B 796 -13.48 7.46 14.19
CA ALA B 796 -14.30 6.28 14.52
C ALA B 796 -14.26 6.09 16.04
N TYR B 797 -15.41 5.82 16.66
CA TYR B 797 -15.39 5.53 18.12
C TYR B 797 -14.91 4.10 18.28
N SER B 798 -13.76 3.92 18.93
CA SER B 798 -13.25 2.56 19.19
C SER B 798 -13.27 2.34 20.70
N PRO B 799 -14.12 1.46 21.25
CA PRO B 799 -14.22 1.31 22.70
C PRO B 799 -12.88 0.83 23.26
N GLN B 800 -12.21 -0.10 22.56
CA GLN B 800 -10.90 -0.62 23.01
C GLN B 800 -10.87 -0.76 24.53
N LYS C 6 19.57 4.25 29.59
CA LYS C 6 19.68 2.81 29.77
C LYS C 6 18.78 2.06 28.79
N LEU C 7 19.37 1.20 27.98
CA LEU C 7 18.62 0.35 27.06
C LEU C 7 19.39 -0.96 26.90
N LYS C 8 18.86 -2.02 27.49
CA LYS C 8 19.43 -3.36 27.29
C LYS C 8 18.61 -4.13 26.25
N LEU C 9 18.61 -3.60 25.03
CA LEU C 9 17.90 -4.23 23.93
C LEU C 9 18.72 -5.42 23.40
N SER C 10 18.03 -6.54 23.18
CA SER C 10 18.67 -7.77 22.73
C SER C 10 18.16 -8.15 21.35
N ASN C 11 18.66 -9.28 20.85
CA ASN C 11 18.23 -9.85 19.58
C ASN C 11 17.74 -11.27 19.86
N THR C 12 16.43 -11.43 20.00
CA THR C 12 15.83 -12.72 20.32
C THR C 12 15.46 -13.44 19.03
N VAL C 13 15.94 -14.68 18.90
CA VAL C 13 15.65 -15.51 17.75
C VAL C 13 14.85 -16.72 18.21
N LEU C 14 14.26 -17.42 17.24
CA LEU C 14 13.53 -18.65 17.51
C LEU C 14 14.52 -19.73 17.96
N PRO C 15 14.09 -20.68 18.79
CA PRO C 15 15.02 -21.71 19.28
C PRO C 15 15.38 -22.70 18.19
N SER C 16 16.64 -23.15 18.22
CA SER C 16 17.13 -24.11 17.26
C SER C 16 16.59 -25.52 17.52
N GLU C 17 16.25 -25.84 18.76
CA GLU C 17 15.70 -27.16 19.05
C GLU C 17 14.27 -27.32 18.55
N SER C 18 13.64 -26.25 18.07
CA SER C 18 12.40 -26.39 17.32
C SER C 18 12.66 -26.58 15.84
N MET C 19 13.82 -26.16 15.34
CA MET C 19 14.13 -26.28 13.92
C MET C 19 14.60 -27.67 13.56
N LYS C 20 15.18 -28.42 14.50
CA LYS C 20 15.56 -29.79 14.23
C LYS C 20 14.36 -30.72 14.25
N VAL C 21 13.36 -30.41 15.06
CA VAL C 21 12.12 -31.18 15.08
C VAL C 21 11.41 -31.07 13.74
N VAL C 22 11.38 -29.86 13.16
CA VAL C 22 10.76 -29.64 11.87
C VAL C 22 11.53 -30.34 10.76
N ALA C 23 12.87 -30.37 10.86
CA ALA C 23 13.69 -30.95 9.80
C ALA C 23 13.59 -32.47 9.78
N GLU C 24 13.63 -33.12 10.95
CA GLU C 24 13.54 -34.57 11.01
C GLU C 24 12.12 -35.08 10.82
N SER C 25 11.10 -34.24 10.97
CA SER C 25 9.74 -34.60 10.62
C SER C 25 9.41 -34.35 9.16
N MET C 26 10.42 -34.06 8.35
CA MET C 26 10.25 -33.80 6.93
C MET C 26 11.01 -34.78 6.05
N GLY C 27 11.96 -35.52 6.60
CA GLY C 27 12.81 -36.40 5.81
C GLY C 27 14.26 -35.97 5.76
N ILE C 28 14.61 -34.83 6.36
CA ILE C 28 15.98 -34.33 6.38
C ILE C 28 16.52 -34.66 7.77
N ALA C 29 17.22 -35.78 7.87
CA ALA C 29 17.81 -36.22 9.12
C ALA C 29 19.31 -35.89 9.12
N GLN C 30 19.89 -35.97 10.32
CA GLN C 30 21.32 -35.75 10.59
C GLN C 30 21.77 -34.37 10.13
N ILE C 31 21.18 -33.34 10.72
CA ILE C 31 21.56 -31.96 10.45
C ILE C 31 22.46 -31.47 11.57
N GLN C 32 23.50 -30.72 11.20
CA GLN C 32 24.46 -30.21 12.16
C GLN C 32 23.86 -29.03 12.93
N GLU C 33 24.55 -28.62 13.99
CA GLU C 33 24.07 -27.49 14.79
C GLU C 33 24.29 -26.17 14.06
N GLU C 34 25.40 -26.04 13.34
CA GLU C 34 25.64 -24.85 12.54
C GLU C 34 24.71 -24.79 11.34
N THR C 35 24.29 -25.95 10.83
CA THR C 35 23.25 -25.98 9.81
C THR C 35 21.91 -25.57 10.40
N CYS C 36 21.65 -25.96 11.65
CA CYS C 36 20.37 -25.68 12.29
C CYS C 36 20.31 -24.26 12.82
N GLN C 37 21.44 -23.72 13.29
CA GLN C 37 21.49 -22.31 13.70
C GLN C 37 21.35 -21.39 12.49
N LEU C 38 21.75 -21.87 11.31
CA LEU C 38 21.61 -21.10 10.08
C LEU C 38 20.16 -20.93 9.67
N LEU C 39 19.28 -21.83 10.11
CA LEU C 39 17.86 -21.72 9.78
C LEU C 39 17.15 -20.73 10.68
N THR C 40 17.54 -20.68 11.95
CA THR C 40 16.78 -19.92 12.93
C THR C 40 17.21 -18.47 13.05
N ASP C 41 18.26 -18.04 12.34
CA ASP C 41 18.52 -16.61 12.27
C ASP C 41 17.99 -16.02 10.97
N GLU C 42 17.78 -16.87 9.97
CA GLU C 42 17.14 -16.41 8.74
C GLU C 42 15.65 -16.19 8.93
N VAL C 43 14.96 -17.14 9.58
CA VAL C 43 13.52 -17.01 9.71
C VAL C 43 13.16 -16.03 10.83
N SER C 44 14.03 -15.87 11.83
CA SER C 44 13.77 -14.87 12.86
C SER C 44 13.98 -13.45 12.35
N TYR C 45 14.77 -13.29 11.29
CA TYR C 45 14.86 -11.99 10.64
C TYR C 45 13.59 -11.68 9.84
N ARG C 46 13.05 -12.69 9.15
CA ARG C 46 11.86 -12.49 8.34
C ARG C 46 10.63 -12.23 9.20
N ILE C 47 10.59 -12.77 10.41
CA ILE C 47 9.52 -12.41 11.34
C ILE C 47 9.73 -10.99 11.83
N LYS C 48 10.97 -10.60 12.10
CA LYS C 48 11.27 -9.24 12.51
C LYS C 48 11.10 -8.25 11.36
N GLU C 49 11.35 -8.69 10.14
CA GLU C 49 11.18 -7.80 8.98
C GLU C 49 9.70 -7.55 8.70
N ILE C 50 8.85 -8.54 8.97
CA ILE C 50 7.43 -8.41 8.67
C ILE C 50 6.71 -7.67 9.79
N ALA C 51 7.04 -7.98 11.05
CA ALA C 51 6.42 -7.31 12.18
C ALA C 51 6.79 -5.84 12.26
N GLN C 52 7.98 -5.47 11.76
CA GLN C 52 8.29 -4.05 11.61
C GLN C 52 7.54 -3.45 10.44
N ASP C 53 7.24 -4.26 9.43
CA ASP C 53 6.50 -3.81 8.26
C ASP C 53 4.99 -3.89 8.46
N ALA C 54 4.52 -4.75 9.36
CA ALA C 54 3.11 -4.76 9.73
C ALA C 54 2.76 -3.65 10.70
N LEU C 55 3.76 -3.07 11.36
CA LEU C 55 3.52 -1.91 12.21
C LEU C 55 3.32 -0.64 11.40
N LYS C 56 3.70 -0.64 10.12
CA LYS C 56 3.39 0.48 9.26
C LYS C 56 1.91 0.53 8.93
N PHE C 57 1.29 -0.64 8.71
CA PHE C 57 -0.14 -0.67 8.45
C PHE C 57 -0.95 -0.41 9.71
N MET C 58 -0.43 -0.74 10.87
CA MET C 58 -1.15 -0.41 12.12
C MET C 58 -1.23 1.11 12.27
N HIS C 59 -0.11 1.80 12.12
CA HIS C 59 -0.07 3.28 12.27
C HIS C 59 -0.90 3.98 11.20
N MET C 60 -0.82 3.52 9.95
CA MET C 60 -1.57 4.11 8.81
C MET C 60 -3.08 3.94 8.98
N GLY C 61 -3.51 2.82 9.55
CA GLY C 61 -4.94 2.56 9.79
C GLY C 61 -5.40 3.25 11.08
N LYS C 62 -4.49 3.95 11.76
CA LYS C 62 -4.81 4.68 13.00
C LYS C 62 -5.31 3.74 14.10
N ARG C 63 -4.68 2.58 14.25
CA ARG C 63 -5.03 1.64 15.34
C ARG C 63 -3.81 1.50 16.26
N GLN C 64 -4.02 1.05 17.50
CA GLN C 64 -2.89 0.79 18.42
C GLN C 64 -2.75 -0.73 18.62
N LYS C 65 -3.60 -1.51 17.96
CA LYS C 65 -3.55 -2.98 18.07
C LYS C 65 -3.21 -3.56 16.70
N LEU C 66 -2.15 -4.37 16.62
CA LEU C 66 -1.81 -5.03 15.35
C LEU C 66 -2.88 -6.08 15.07
N THR C 67 -3.77 -5.85 14.10
CA THR C 67 -4.73 -6.90 13.82
C THR C 67 -4.12 -8.00 12.95
N THR C 68 -4.91 -9.05 12.74
CA THR C 68 -4.48 -10.20 11.96
C THR C 68 -4.35 -9.88 10.48
N SER C 69 -5.02 -8.82 10.02
CA SER C 69 -4.95 -8.43 8.62
C SER C 69 -3.73 -7.59 8.29
N ASP C 70 -3.06 -7.02 9.30
CA ASP C 70 -1.85 -6.24 9.06
C ASP C 70 -0.72 -7.11 8.54
N ILE C 71 -0.62 -8.34 9.03
CA ILE C 71 0.40 -9.27 8.55
C ILE C 71 0.06 -9.79 7.17
N ASP C 72 -1.23 -9.76 6.80
CA ASP C 72 -1.61 -10.16 5.46
C ASP C 72 -1.18 -9.13 4.42
N TYR C 73 -1.19 -7.85 4.78
CA TYR C 73 -0.71 -6.81 3.88
C TYR C 73 0.79 -6.62 3.95
N ALA C 74 1.39 -6.91 5.11
CA ALA C 74 2.83 -6.86 5.23
C ALA C 74 3.50 -7.98 4.46
N LEU C 75 2.84 -9.14 4.36
CA LEU C 75 3.38 -10.23 3.56
C LEU C 75 3.26 -9.93 2.07
N LYS C 76 2.09 -9.41 1.66
CA LYS C 76 1.87 -9.03 0.26
C LYS C 76 2.80 -7.91 -0.18
N LEU C 77 3.20 -7.05 0.75
CA LEU C 77 4.14 -5.98 0.45
C LEU C 77 5.54 -6.55 0.16
N LYS C 78 5.92 -7.62 0.83
CA LYS C 78 7.20 -8.27 0.62
C LYS C 78 7.15 -9.33 -0.46
N ASN C 79 6.12 -9.31 -1.31
CA ASN C 79 5.93 -10.24 -2.45
C ASN C 79 5.85 -11.70 -2.02
N VAL C 80 5.39 -11.95 -0.81
CA VAL C 80 5.14 -13.29 -0.30
C VAL C 80 3.63 -13.43 -0.15
N GLU C 81 3.09 -14.57 -0.56
CA GLU C 81 1.62 -14.77 -0.52
C GLU C 81 1.13 -14.74 0.93
N PRO C 82 0.01 -14.04 1.24
CA PRO C 82 -0.53 -13.99 2.59
C PRO C 82 -1.08 -15.34 3.07
N LEU C 83 -1.21 -16.32 2.17
CA LEU C 83 -1.72 -17.68 2.54
C LEU C 83 -0.77 -18.30 3.58
N TYR C 84 -1.32 -18.85 4.67
CA TYR C 84 -0.48 -19.42 5.76
C TYR C 84 -0.61 -20.94 5.80
N GLY C 85 -1.85 -21.45 5.69
CA GLY C 85 -2.10 -22.90 5.74
C GLY C 85 -1.50 -23.65 4.58
N PHE C 86 -1.51 -23.07 3.38
CA PHE C 86 -1.03 -23.82 2.19
C PHE C 86 -0.11 -22.96 1.34
N HIS C 87 0.67 -23.59 0.45
CA HIS C 87 1.49 -22.82 -0.48
C HIS C 87 1.32 -23.39 -1.87
N ALA C 88 0.86 -22.56 -2.80
CA ALA C 88 0.61 -22.97 -4.18
C ALA C 88 1.81 -22.60 -5.04
N GLN C 89 2.52 -23.62 -5.52
CA GLN C 89 3.71 -23.38 -6.36
C GLN C 89 3.33 -22.58 -7.61
N GLU C 90 2.28 -23.00 -8.32
CA GLU C 90 1.82 -22.29 -9.55
C GLU C 90 1.36 -20.88 -9.16
N PHE C 91 0.62 -20.72 -8.06
CA PHE C 91 0.20 -19.39 -7.54
C PHE C 91 -1.00 -18.83 -8.31
N ILE C 92 -1.51 -19.56 -9.31
CA ILE C 92 -2.62 -19.04 -10.16
C ILE C 92 -4.00 -19.19 -9.50
N PRO C 93 -4.35 -20.25 -8.73
CA PRO C 93 -5.67 -20.31 -8.11
C PRO C 93 -5.89 -19.13 -7.15
N PHE C 94 -4.89 -18.81 -6.32
CA PHE C 94 -4.99 -17.65 -5.40
C PHE C 94 -3.72 -16.83 -5.57
N ARG C 95 -3.85 -15.60 -6.09
CA ARG C 95 -2.64 -14.79 -6.36
C ARG C 95 -2.58 -13.66 -5.32
N PHE C 96 -1.74 -13.80 -4.30
CA PHE C 96 -1.64 -12.77 -3.24
C PHE C 96 -3.02 -12.46 -2.67
N ALA C 97 -3.85 -13.48 -2.48
CA ALA C 97 -5.20 -13.26 -1.89
C ALA C 97 -5.21 -13.82 -0.48
N SER C 98 -5.53 -12.98 0.51
CA SER C 98 -5.52 -13.42 1.92
C SER C 98 -6.77 -14.25 2.20
N GLY C 99 -6.59 -15.41 2.82
CA GLY C 99 -7.73 -16.21 3.22
C GLY C 99 -8.13 -16.00 4.66
N GLY C 100 -7.56 -14.98 5.30
CA GLY C 100 -7.92 -14.64 6.66
C GLY C 100 -7.31 -15.49 7.74
N GLY C 101 -6.29 -16.28 7.42
CA GLY C 101 -5.64 -17.09 8.42
C GLY C 101 -6.44 -18.33 8.79
N ARG C 102 -5.95 -19.03 9.79
CA ARG C 102 -6.58 -20.25 10.29
C ARG C 102 -6.98 -20.05 11.74
N GLU C 103 -8.26 -20.23 12.04
CA GLU C 103 -8.77 -20.11 13.40
C GLU C 103 -8.39 -21.38 14.16
N LEU C 104 -7.18 -21.38 14.71
CA LEU C 104 -6.65 -22.52 15.44
C LEU C 104 -6.15 -22.06 16.81
N TYR C 105 -6.15 -22.99 17.77
CA TYR C 105 -5.80 -22.70 19.14
C TYR C 105 -4.75 -23.66 19.64
N PHE C 106 -4.17 -23.32 20.80
CA PHE C 106 -3.28 -24.25 21.50
C PHE C 106 -4.08 -25.27 22.30
N TYR C 107 -5.16 -24.83 22.95
CA TYR C 107 -6.00 -25.69 23.76
C TYR C 107 -7.19 -26.25 23.00
N GLU C 108 -7.06 -26.44 21.68
CA GLU C 108 -8.16 -26.91 20.87
C GLU C 108 -8.33 -28.42 21.00
N GLU C 109 -9.43 -28.92 20.45
CA GLU C 109 -9.79 -30.33 20.54
C GLU C 109 -9.16 -31.16 19.43
N LYS C 110 -8.81 -30.54 18.30
CA LYS C 110 -8.16 -31.11 17.11
C LYS C 110 -9.02 -32.16 16.40
N GLU C 111 -10.30 -32.26 16.76
CA GLU C 111 -11.26 -33.12 16.06
C GLU C 111 -12.66 -32.68 16.47
N VAL C 112 -13.49 -32.36 15.49
CA VAL C 112 -14.87 -31.97 15.71
C VAL C 112 -15.78 -32.83 14.85
N ASP C 113 -17.05 -32.86 15.22
CA ASP C 113 -18.06 -33.53 14.42
C ASP C 113 -18.58 -32.55 13.37
N LEU C 114 -18.82 -33.06 12.16
CA LEU C 114 -19.11 -32.22 11.01
C LEU C 114 -20.52 -31.67 11.01
N SER C 115 -21.40 -32.17 11.88
CA SER C 115 -22.73 -31.61 12.04
C SER C 115 -22.83 -30.71 13.27
N ASP C 116 -21.78 -30.63 14.07
CA ASP C 116 -21.74 -29.67 15.16
C ASP C 116 -21.56 -28.25 14.61
N ILE C 117 -20.76 -28.12 13.55
CA ILE C 117 -20.52 -26.81 12.94
C ILE C 117 -21.74 -26.32 12.18
N ILE C 118 -22.58 -27.23 11.67
CA ILE C 118 -23.74 -26.79 10.92
C ILE C 118 -24.86 -26.33 11.86
N ASN C 119 -25.07 -27.04 12.96
CA ASN C 119 -26.22 -26.79 13.81
C ASN C 119 -26.03 -25.60 14.76
N THR C 120 -24.84 -25.03 14.85
CA THR C 120 -24.67 -23.88 15.74
C THR C 120 -25.19 -22.62 15.06
N PRO C 121 -25.77 -21.69 15.84
CA PRO C 121 -26.29 -20.46 15.23
C PRO C 121 -25.17 -19.51 14.83
N LEU C 122 -25.35 -18.87 13.68
CA LEU C 122 -24.35 -17.94 13.16
C LEU C 122 -24.38 -16.65 13.97
N PRO C 123 -23.23 -16.00 14.14
CA PRO C 123 -23.19 -14.74 14.89
C PRO C 123 -23.85 -13.61 14.13
N ARG C 124 -24.30 -12.62 14.90
CA ARG C 124 -25.06 -11.51 14.34
C ARG C 124 -24.13 -10.54 13.64
N VAL C 125 -24.44 -10.21 12.39
CA VAL C 125 -23.74 -9.17 11.64
C VAL C 125 -24.03 -7.84 12.32
N PRO C 126 -23.01 -7.08 12.73
CA PRO C 126 -23.25 -5.86 13.51
C PRO C 126 -23.77 -4.73 12.61
N LEU C 127 -24.02 -3.60 13.26
CA LEU C 127 -24.61 -2.46 12.57
C LEU C 127 -23.62 -1.82 11.62
N ASP C 128 -24.13 -1.23 10.54
CA ASP C 128 -23.29 -0.57 9.57
C ASP C 128 -22.85 0.80 10.10
N VAL C 129 -21.83 1.36 9.45
CA VAL C 129 -21.21 2.59 9.94
C VAL C 129 -22.12 3.78 9.67
N CYS C 130 -22.36 4.59 10.69
CA CYS C 130 -23.18 5.77 10.60
C CYS C 130 -22.41 6.97 11.16
N LEU C 131 -22.88 8.16 10.83
CA LEU C 131 -22.19 9.40 11.19
C LEU C 131 -23.09 10.20 12.12
N LYS C 132 -22.72 10.25 13.40
CA LYS C 132 -23.39 11.07 14.39
C LYS C 132 -22.49 12.22 14.81
N ALA C 133 -23.08 13.39 15.01
CA ALA C 133 -22.35 14.56 15.44
C ALA C 133 -22.75 14.96 16.85
N HIS C 134 -21.79 15.51 17.60
CA HIS C 134 -22.04 16.01 18.94
C HIS C 134 -21.09 17.18 19.17
N TRP C 135 -20.93 17.59 20.43
CA TRP C 135 -20.17 18.78 20.78
C TRP C 135 -19.06 18.40 21.75
N LEU C 136 -17.80 18.59 21.32
CA LEU C 136 -16.71 18.49 22.29
C LEU C 136 -16.59 19.75 23.14
N SER C 137 -16.81 20.92 22.54
CA SER C 137 -16.59 22.16 23.25
C SER C 137 -17.65 23.17 22.86
N ILE C 138 -18.24 23.82 23.84
CA ILE C 138 -19.14 24.94 23.64
C ILE C 138 -18.42 26.17 24.18
N GLU C 139 -17.95 27.03 23.25
CA GLU C 139 -17.14 28.23 23.45
C GLU C 139 -16.01 28.09 24.46
N GLY C 140 -15.40 26.91 24.53
CA GLY C 140 -14.29 26.65 25.43
C GLY C 140 -14.56 25.61 26.49
N CYS C 141 -15.84 25.36 26.82
CA CYS C 141 -16.21 24.45 27.89
C CYS C 141 -16.71 23.13 27.31
N GLN C 142 -16.28 22.03 27.90
CA GLN C 142 -16.68 20.71 27.45
C GLN C 142 -17.98 20.31 28.12
N PRO C 143 -19.04 19.99 27.38
CA PRO C 143 -20.30 19.61 28.01
C PRO C 143 -20.28 18.20 28.55
N ALA C 144 -21.13 17.97 29.55
CA ALA C 144 -21.24 16.66 30.20
C ALA C 144 -22.37 15.85 29.56
N ILE C 145 -22.24 15.63 28.26
CA ILE C 145 -23.18 14.81 27.50
C ILE C 145 -22.63 13.39 27.52
N PRO C 146 -23.41 12.34 27.25
CA PRO C 146 -22.86 10.97 27.29
C PRO C 146 -21.87 10.65 26.18
N GLU C 147 -21.70 11.49 25.18
CA GLU C 147 -20.65 11.32 24.19
C GLU C 147 -19.31 11.86 24.64
N ASN C 148 -19.25 12.46 25.83
CA ASN C 148 -18.05 12.99 26.45
C ASN C 148 -17.65 12.14 27.66
N PRO C 149 -16.36 12.03 27.97
CA PRO C 149 -15.91 11.05 28.98
C PRO C 149 -16.37 11.32 30.41
N PRO C 150 -16.23 12.55 30.97
CA PRO C 150 -16.46 12.51 32.42
C PRO C 150 -17.93 12.62 32.82
N ASN D 24 -16.50 -7.75 21.03
CA ASN D 24 -17.56 -8.68 20.57
C ASN D 24 -18.02 -8.27 19.18
N PRO D 25 -18.62 -7.08 18.92
CA PRO D 25 -19.10 -6.74 17.59
C PRO D 25 -18.09 -6.70 16.44
N ALA D 26 -16.87 -6.20 16.70
CA ALA D 26 -15.82 -6.15 15.65
C ALA D 26 -15.39 -7.57 15.30
N ASP D 27 -15.34 -8.47 16.29
CA ASP D 27 -15.00 -9.88 16.09
C ASP D 27 -16.14 -10.39 15.27
N ASN D 28 -17.38 -10.06 15.60
CA ASN D 28 -18.60 -10.57 14.95
C ASN D 28 -18.67 -10.14 13.50
N TYR D 29 -18.26 -8.89 13.20
CA TYR D 29 -18.22 -8.37 11.82
C TYR D 29 -17.44 -9.36 10.93
N HIS D 30 -16.24 -9.75 11.37
CA HIS D 30 -15.43 -10.73 10.59
C HIS D 30 -15.94 -12.15 10.76
N LEU D 31 -16.33 -12.51 11.98
CA LEU D 31 -16.69 -13.91 12.29
C LEU D 31 -18.00 -14.31 11.66
N ALA D 32 -18.97 -13.46 11.53
CA ALA D 32 -20.25 -13.87 10.97
C ALA D 32 -19.86 -14.31 9.58
N ARG D 33 -19.12 -13.49 8.84
CA ARG D 33 -18.81 -13.92 7.45
C ARG D 33 -17.80 -15.09 7.39
N ARG D 34 -17.00 -15.35 8.43
CA ARG D 34 -16.13 -16.56 8.40
C ARG D 34 -16.87 -17.82 8.80
N ARG D 35 -17.78 -17.69 9.79
CA ARG D 35 -18.55 -18.85 10.31
C ARG D 35 -19.50 -19.32 9.23
N THR D 36 -20.10 -18.40 8.46
CA THR D 36 -20.92 -18.89 7.33
C THR D 36 -19.98 -19.64 6.40
N LEU D 37 -18.78 -19.13 6.15
CA LEU D 37 -17.91 -19.88 5.21
C LEU D 37 -17.59 -21.26 5.76
N GLN D 38 -17.36 -21.38 7.07
CA GLN D 38 -17.08 -22.69 7.71
C GLN D 38 -18.27 -23.63 7.60
N VAL D 39 -19.48 -23.16 7.78
CA VAL D 39 -20.69 -24.01 7.65
C VAL D 39 -20.82 -24.46 6.21
N VAL D 40 -20.52 -23.58 5.26
CA VAL D 40 -20.55 -23.97 3.83
C VAL D 40 -19.54 -25.10 3.63
N VAL D 41 -18.36 -24.95 4.20
CA VAL D 41 -17.33 -26.00 4.03
C VAL D 41 -17.82 -27.30 4.64
N SER D 42 -18.39 -27.25 5.84
CA SER D 42 -18.83 -28.47 6.54
C SER D 42 -19.89 -29.14 5.70
N SER D 43 -20.81 -28.38 5.12
CA SER D 43 -21.89 -28.92 4.27
C SER D 43 -21.36 -29.58 3.00
N LEU D 44 -20.41 -28.94 2.32
CA LEU D 44 -19.81 -29.61 1.13
C LEU D 44 -19.06 -30.89 1.53
N LEU D 45 -18.38 -30.87 2.69
CA LEU D 45 -17.70 -32.10 3.17
C LEU D 45 -18.73 -33.21 3.44
N THR D 46 -19.85 -32.87 4.05
CA THR D 46 -20.89 -33.88 4.31
C THR D 46 -21.41 -34.43 2.99
N GLU D 47 -21.60 -33.56 2.01
CA GLU D 47 -22.16 -34.01 0.71
C GLU D 47 -21.16 -35.00 0.11
N ALA D 48 -19.87 -34.72 0.25
CA ALA D 48 -18.85 -35.66 -0.25
C ALA D 48 -19.00 -37.03 0.39
N GLY D 49 -19.17 -37.13 1.70
CA GLY D 49 -19.22 -38.41 2.42
C GLY D 49 -18.53 -38.33 3.76
N PHE D 50 -17.91 -37.21 4.06
CA PHE D 50 -17.15 -37.10 5.31
C PHE D 50 -18.10 -36.77 6.46
N GLU D 51 -18.05 -37.50 7.57
CA GLU D 51 -18.83 -37.16 8.76
C GLU D 51 -17.77 -37.04 9.82
N SER D 52 -17.71 -35.94 10.57
CA SER D 52 -16.61 -35.73 11.54
C SER D 52 -15.26 -35.58 10.86
N ALA D 53 -14.82 -34.36 10.63
CA ALA D 53 -13.52 -34.04 10.09
C ALA D 53 -12.59 -33.52 11.17
N GLU D 54 -11.29 -33.53 10.86
CA GLU D 54 -10.29 -32.93 11.73
C GLU D 54 -10.47 -31.42 11.78
N LYS D 55 -10.11 -30.81 12.90
CA LYS D 55 -10.40 -29.39 13.10
C LYS D 55 -9.50 -28.52 12.22
N ALA D 56 -8.21 -28.85 12.14
CA ALA D 56 -7.28 -28.08 11.32
C ALA D 56 -7.55 -28.24 9.83
N SER D 57 -8.23 -29.31 9.43
CA SER D 57 -8.59 -29.52 8.04
C SER D 57 -9.82 -28.73 7.62
N VAL D 58 -10.62 -28.25 8.57
CA VAL D 58 -11.76 -27.40 8.25
C VAL D 58 -11.35 -25.94 8.15
N GLU D 59 -10.54 -25.45 9.09
CA GLU D 59 -10.00 -24.09 8.96
C GLU D 59 -8.98 -23.96 7.83
N THR D 60 -8.42 -25.07 7.34
CA THR D 60 -7.63 -24.99 6.12
C THR D 60 -8.53 -24.76 4.92
N LEU D 61 -9.59 -25.57 4.79
CA LEU D 61 -10.41 -25.52 3.59
C LEU D 61 -11.29 -24.28 3.51
N THR D 62 -11.69 -23.73 4.66
CA THR D 62 -12.44 -22.48 4.64
C THR D 62 -11.53 -21.27 4.49
N GLU D 63 -10.22 -21.45 4.61
CA GLU D 63 -9.27 -20.40 4.27
C GLU D 63 -8.98 -20.40 2.78
N MET D 64 -9.00 -21.57 2.15
CA MET D 64 -8.92 -21.65 0.70
C MET D 64 -10.21 -21.20 0.03
N LEU D 65 -11.33 -21.24 0.76
CA LEU D 65 -12.60 -20.78 0.19
C LEU D 65 -12.70 -19.27 0.22
N GLN D 66 -12.27 -18.65 1.33
CA GLN D 66 -12.27 -17.18 1.41
C GLN D 66 -11.24 -16.58 0.46
N SER D 67 -10.08 -17.23 0.33
CA SER D 67 -9.07 -16.77 -0.63
C SER D 67 -9.47 -16.99 -2.07
N TYR D 68 -10.45 -17.85 -2.33
CA TYR D 68 -10.92 -18.07 -3.69
C TYR D 68 -11.99 -17.06 -4.09
N ILE D 69 -12.88 -16.69 -3.17
CA ILE D 69 -13.85 -15.65 -3.47
C ILE D 69 -13.16 -14.29 -3.59
N SER D 70 -12.14 -14.06 -2.76
CA SER D 70 -11.38 -12.82 -2.82
C SER D 70 -10.47 -12.73 -4.04
N GLU D 71 -10.23 -13.84 -4.75
CA GLU D 71 -9.39 -13.82 -5.93
C GLU D 71 -10.19 -13.62 -7.22
N ILE D 72 -11.43 -14.11 -7.27
CA ILE D 72 -12.32 -13.71 -8.35
C ILE D 72 -12.85 -12.30 -8.14
N GLY D 73 -12.77 -11.79 -6.91
CA GLY D 73 -13.12 -10.40 -6.68
C GLY D 73 -12.07 -9.45 -7.24
N ARG D 74 -10.80 -9.76 -7.01
CA ARG D 74 -9.73 -8.87 -7.44
C ARG D 74 -9.40 -9.02 -8.92
N SER D 75 -9.62 -10.21 -9.49
CA SER D 75 -9.19 -10.44 -10.86
C SER D 75 -10.28 -10.14 -11.88
N ALA D 76 -11.55 -10.36 -11.54
CA ALA D 76 -12.61 -9.98 -12.48
C ALA D 76 -12.87 -8.48 -12.44
N LYS D 77 -12.55 -7.82 -11.33
CA LYS D 77 -12.53 -6.37 -11.32
C LYS D 77 -11.37 -5.83 -12.14
N SER D 78 -10.24 -6.54 -12.14
CA SER D 78 -9.10 -6.11 -12.93
C SER D 78 -9.32 -6.32 -14.42
N TYR D 79 -10.04 -7.38 -14.79
CA TYR D 79 -10.28 -7.64 -16.20
C TYR D 79 -11.31 -6.70 -16.79
N CYS D 80 -12.29 -6.26 -16.00
CA CYS D 80 -13.27 -5.32 -16.52
C CYS D 80 -12.71 -3.91 -16.57
N GLU D 81 -11.96 -3.50 -15.54
CA GLU D 81 -11.35 -2.18 -15.52
C GLU D 81 -10.23 -2.03 -16.52
N HIS D 82 -9.64 -3.14 -16.97
CA HIS D 82 -8.72 -3.07 -18.10
C HIS D 82 -9.46 -2.72 -19.38
N THR D 83 -10.72 -3.12 -19.49
CA THR D 83 -11.58 -2.78 -20.61
C THR D 83 -12.43 -1.55 -20.34
N ALA D 84 -11.95 -0.66 -19.46
CA ALA D 84 -12.50 0.67 -19.17
C ALA D 84 -13.90 0.63 -18.54
N ARG D 85 -14.31 -0.50 -17.97
CA ARG D 85 -15.61 -0.61 -17.33
C ARG D 85 -15.46 -0.63 -15.82
N THR D 86 -16.59 -0.55 -15.12
CA THR D 86 -16.59 -0.53 -13.66
C THR D 86 -17.30 -1.72 -13.02
N GLN D 87 -18.30 -2.29 -13.68
CA GLN D 87 -18.89 -3.49 -13.09
C GLN D 87 -18.75 -4.66 -14.04
N PRO D 88 -18.42 -5.84 -13.54
CA PRO D 88 -18.05 -6.97 -14.41
C PRO D 88 -19.25 -7.75 -14.93
N THR D 89 -19.15 -8.12 -16.20
CA THR D 89 -20.18 -8.89 -16.88
C THR D 89 -19.87 -10.38 -16.75
N LEU D 90 -20.56 -11.20 -17.54
CA LEU D 90 -20.26 -12.63 -17.55
C LEU D 90 -18.97 -12.92 -18.30
N SER D 91 -18.66 -12.13 -19.33
CA SER D 91 -17.45 -12.37 -20.13
C SER D 91 -16.18 -12.02 -19.39
N ASP D 92 -16.26 -11.32 -18.26
CA ASP D 92 -15.09 -11.00 -17.45
C ASP D 92 -14.81 -12.05 -16.40
N ILE D 93 -15.77 -12.93 -16.10
CA ILE D 93 -15.59 -13.95 -15.08
C ILE D 93 -15.22 -15.26 -15.75
N VAL D 94 -15.76 -15.50 -16.95
CA VAL D 94 -15.38 -16.69 -17.71
C VAL D 94 -13.99 -16.56 -18.32
N VAL D 95 -13.40 -15.37 -18.30
CA VAL D 95 -11.97 -15.23 -18.54
C VAL D 95 -11.18 -15.22 -17.23
N THR D 96 -11.79 -14.79 -16.13
CA THR D 96 -11.16 -14.87 -14.82
C THR D 96 -11.02 -16.31 -14.33
N LEU D 97 -12.06 -17.12 -14.55
CA LEU D 97 -12.02 -18.50 -14.11
C LEU D 97 -11.13 -19.35 -15.01
N VAL D 98 -10.99 -18.96 -16.29
CA VAL D 98 -10.03 -19.61 -17.17
C VAL D 98 -8.61 -19.37 -16.70
N GLU D 99 -8.31 -18.15 -16.27
CA GLU D 99 -6.98 -17.83 -15.76
C GLU D 99 -6.70 -18.41 -14.38
N MET D 100 -7.68 -19.04 -13.74
CA MET D 100 -7.45 -19.84 -12.54
C MET D 100 -7.56 -21.33 -12.80
N GLY D 101 -7.80 -21.74 -14.05
CA GLY D 101 -7.88 -23.15 -14.38
C GLY D 101 -9.10 -23.84 -13.80
N PHE D 102 -10.29 -23.47 -14.26
CA PHE D 102 -11.52 -23.96 -13.64
C PHE D 102 -12.31 -24.94 -14.49
N ASN D 103 -12.23 -24.86 -15.82
CA ASN D 103 -13.04 -25.64 -16.77
C ASN D 103 -14.54 -25.39 -16.51
N VAL D 104 -14.93 -24.15 -16.85
CA VAL D 104 -16.23 -23.55 -16.54
C VAL D 104 -17.43 -24.37 -17.01
N ASP D 105 -17.26 -25.17 -18.07
CA ASP D 105 -18.36 -25.95 -18.66
C ASP D 105 -18.93 -27.01 -17.71
N THR D 106 -18.15 -27.45 -16.72
CA THR D 106 -18.65 -28.43 -15.76
C THR D 106 -19.55 -27.83 -14.69
N LEU D 107 -19.70 -26.52 -14.65
CA LEU D 107 -20.50 -25.83 -13.63
C LEU D 107 -22.02 -25.93 -13.80
N PRO D 108 -22.61 -25.97 -15.01
CA PRO D 108 -24.06 -26.27 -15.07
C PRO D 108 -24.45 -27.65 -14.56
N ALA D 109 -23.56 -28.63 -14.60
CA ALA D 109 -23.87 -29.93 -14.04
C ALA D 109 -23.73 -29.96 -12.52
N TYR D 110 -22.83 -29.13 -11.97
CA TYR D 110 -22.65 -29.09 -10.53
C TYR D 110 -23.80 -28.35 -9.84
N ALA D 111 -24.41 -27.38 -10.52
CA ALA D 111 -25.46 -26.59 -9.90
C ALA D 111 -26.76 -27.36 -9.74
N LYS D 112 -26.97 -28.40 -10.55
CA LYS D 112 -28.21 -29.16 -10.55
C LYS D 112 -28.09 -30.48 -9.80
N ARG D 113 -27.34 -30.48 -8.70
CA ARG D 113 -27.25 -31.65 -7.86
C ARG D 113 -28.56 -31.92 -7.13
N SER D 114 -28.71 -33.16 -6.67
CA SER D 114 -29.80 -33.52 -5.79
C SER D 114 -29.38 -33.60 -4.34
N GLN D 115 -28.08 -33.50 -4.07
CA GLN D 115 -27.52 -33.64 -2.73
C GLN D 115 -27.25 -32.31 -2.05
N ARG D 116 -27.49 -31.20 -2.75
CA ARG D 116 -27.02 -29.91 -2.30
C ARG D 116 -27.84 -29.36 -1.12
N MET D 117 -27.18 -28.57 -0.29
CA MET D 117 -27.78 -27.90 0.84
C MET D 117 -27.83 -26.40 0.58
N VAL D 118 -28.47 -25.67 1.49
CA VAL D 118 -28.56 -24.21 1.43
C VAL D 118 -28.34 -23.68 2.84
N ILE D 119 -27.31 -22.86 3.03
CA ILE D 119 -27.08 -22.13 4.27
C ILE D 119 -27.63 -20.73 4.11
N THR D 120 -28.45 -20.30 5.06
CA THR D 120 -29.02 -18.97 5.03
C THR D 120 -27.98 -17.93 5.43
N ALA D 121 -28.27 -16.68 5.07
CA ALA D 121 -27.45 -15.55 5.49
C ALA D 121 -27.51 -15.39 7.01
N PRO D 122 -26.46 -14.87 7.64
CA PRO D 122 -26.46 -14.74 9.11
C PRO D 122 -27.42 -13.65 9.57
N PRO D 123 -27.72 -13.61 10.87
CA PRO D 123 -28.63 -12.57 11.36
C PRO D 123 -27.98 -11.19 11.33
N VAL D 124 -28.78 -10.19 10.99
CA VAL D 124 -28.31 -8.82 10.80
C VAL D 124 -28.89 -7.95 11.90
N THR D 125 -28.02 -7.22 12.60
CA THR D 125 -28.47 -6.27 13.61
C THR D 125 -29.12 -5.07 12.92
N ASN D 126 -30.42 -4.93 13.08
CA ASN D 126 -31.19 -3.86 12.45
C ASN D 126 -31.48 -2.77 13.46
N GLN D 127 -31.27 -1.52 13.05
CA GLN D 127 -31.65 -0.35 13.84
C GLN D 127 -31.85 0.84 12.92
N PRO D 128 -33.05 1.45 12.90
CA PRO D 128 -33.28 2.65 12.09
C PRO D 128 -32.65 3.89 12.71
N ASN D 139 -31.06 23.77 23.65
CA ASN D 139 -31.70 24.72 24.55
C ASN D 139 -31.29 26.15 24.21
N ARG D 140 -30.01 26.45 24.38
CA ARG D 140 -29.50 27.77 24.02
C ARG D 140 -29.44 27.88 22.50
N PRO D 141 -29.74 29.06 21.94
CA PRO D 141 -29.74 29.20 20.47
C PRO D 141 -28.33 29.23 19.90
N HIS D 142 -28.25 28.97 18.60
CA HIS D 142 -26.97 28.92 17.92
C HIS D 142 -26.43 30.33 17.70
N PRO D 143 -25.15 30.55 17.96
CA PRO D 143 -24.50 31.80 17.51
C PRO D 143 -24.37 31.81 16.00
N PRO D 144 -24.25 32.98 15.37
CA PRO D 144 -24.34 33.04 13.90
C PRO D 144 -23.19 32.41 13.14
N HIS D 145 -22.12 31.98 13.81
CA HIS D 145 -21.07 31.24 13.14
C HIS D 145 -21.33 29.74 13.12
N ILE D 146 -22.46 29.29 13.68
CA ILE D 146 -22.87 27.89 13.63
C ILE D 146 -24.19 27.83 12.88
N PRO D 147 -24.24 27.17 11.73
CA PRO D 147 -25.51 27.03 10.99
C PRO D 147 -26.50 26.12 11.72
N SER D 148 -27.72 26.07 11.17
CA SER D 148 -28.81 25.36 11.81
C SER D 148 -28.69 23.85 11.71
N HIS D 149 -27.90 23.33 10.77
CA HIS D 149 -27.83 21.90 10.55
C HIS D 149 -26.88 21.18 11.49
N PHE D 150 -26.07 21.93 12.24
CA PHE D 150 -25.28 21.32 13.30
C PHE D 150 -26.20 20.96 14.47
N PRO D 151 -25.78 20.02 15.33
CA PRO D 151 -26.63 19.64 16.46
C PRO D 151 -26.87 20.78 17.43
N GLU D 152 -28.03 20.72 18.09
CA GLU D 152 -28.44 21.77 18.99
C GLU D 152 -27.56 21.79 20.23
N PHE D 153 -27.43 22.96 20.83
CA PHE D 153 -26.72 23.08 22.09
C PHE D 153 -27.47 22.33 23.18
N PRO D 154 -26.77 21.60 24.05
CA PRO D 154 -27.47 20.75 25.02
C PRO D 154 -28.10 21.54 26.17
N ASP D 155 -28.66 20.80 27.11
CA ASP D 155 -29.18 21.40 28.35
C ASP D 155 -28.02 22.06 29.09
N PRO D 156 -28.16 23.33 29.52
CA PRO D 156 -27.06 23.96 30.27
C PRO D 156 -26.99 23.57 31.74
N HIS D 157 -27.15 22.27 32.04
CA HIS D 157 -26.55 21.64 33.19
C HIS D 157 -25.16 21.12 32.86
N THR D 158 -24.80 21.11 31.57
CA THR D 158 -23.64 20.42 31.05
C THR D 158 -22.43 21.34 30.82
N TYR D 159 -22.66 22.56 30.32
CA TYR D 159 -21.54 23.47 30.07
C TYR D 159 -21.77 24.80 30.76
N PRO E 13 3.21 -22.18 25.33
CA PRO E 13 4.00 -23.12 24.53
C PRO E 13 5.45 -22.70 24.39
N LYS E 14 6.27 -23.55 23.77
CA LYS E 14 7.70 -23.25 23.65
C LYS E 14 7.96 -22.21 22.56
N ASP E 15 7.57 -22.52 21.33
CA ASP E 15 7.86 -21.63 20.21
C ASP E 15 6.91 -20.45 20.16
N ALA E 16 5.78 -20.51 20.87
CA ALA E 16 4.85 -19.39 20.93
C ALA E 16 5.21 -18.37 21.99
N GLN E 17 6.01 -18.76 23.00
CA GLN E 17 6.50 -17.80 23.96
C GLN E 17 7.70 -17.02 23.45
N MET E 18 8.44 -17.59 22.50
CA MET E 18 9.51 -16.83 21.85
C MET E 18 8.95 -15.84 20.84
N MET E 19 7.77 -16.12 20.30
CA MET E 19 7.15 -15.22 19.35
C MET E 19 6.62 -13.97 20.03
N ALA E 20 6.20 -14.08 21.29
CA ALA E 20 5.80 -12.91 22.06
C ALA E 20 6.99 -12.08 22.53
N GLN E 21 8.20 -12.61 22.44
CA GLN E 21 9.42 -11.85 22.74
C GLN E 21 10.04 -11.22 21.51
N ILE E 22 9.77 -11.75 20.32
CA ILE E 22 10.18 -11.08 19.10
C ILE E 22 9.34 -9.82 18.88
N LEU E 23 8.05 -9.88 19.23
CA LEU E 23 7.19 -8.71 19.11
C LEU E 23 7.50 -7.68 20.19
N LYS E 24 7.80 -8.12 21.41
CA LYS E 24 8.10 -7.19 22.48
C LYS E 24 9.47 -6.54 22.31
N ASP E 25 10.39 -7.21 21.61
CA ASP E 25 11.66 -6.58 21.26
C ASP E 25 11.50 -5.56 20.15
N MET E 26 10.44 -5.67 19.36
CA MET E 26 10.10 -4.66 18.36
C MET E 26 9.12 -3.62 18.90
N GLY E 27 8.89 -3.60 20.20
CA GLY E 27 8.05 -2.60 20.82
C GLY E 27 6.56 -2.77 20.62
N ILE E 28 6.13 -3.90 20.06
CA ILE E 28 4.70 -4.15 19.82
C ILE E 28 4.10 -4.58 21.17
N THR E 29 3.48 -3.63 21.86
CA THR E 29 2.88 -3.95 23.15
C THR E 29 1.53 -4.64 22.98
N GLU E 30 0.68 -4.09 22.11
CA GLU E 30 -0.68 -4.58 21.92
C GLU E 30 -0.79 -5.33 20.61
N TYR E 31 -1.30 -6.56 20.67
CA TYR E 31 -1.54 -7.35 19.47
C TYR E 31 -2.66 -8.34 19.74
N GLU E 32 -3.28 -8.78 18.66
CA GLU E 32 -4.34 -9.79 18.75
C GLU E 32 -3.74 -11.14 19.11
N PRO E 33 -4.52 -12.03 19.73
CA PRO E 33 -4.00 -13.38 20.03
C PRO E 33 -3.77 -14.24 18.79
N ARG E 34 -4.42 -13.93 17.67
CA ARG E 34 -4.21 -14.66 16.43
C ARG E 34 -2.97 -14.19 15.67
N VAL E 35 -2.25 -13.21 16.20
CA VAL E 35 -1.05 -12.70 15.55
C VAL E 35 0.12 -13.66 15.74
N ILE E 36 0.26 -14.21 16.95
CA ILE E 36 1.31 -15.16 17.24
C ILE E 36 1.10 -16.46 16.48
N ASN E 37 -0.17 -16.88 16.36
CA ASN E 37 -0.50 -18.16 15.74
C ASN E 37 -0.18 -18.20 14.26
N GLN E 38 -0.25 -17.06 13.58
CA GLN E 38 0.00 -17.05 12.14
C GLN E 38 1.38 -16.55 11.76
N MET E 39 2.12 -15.96 12.69
CA MET E 39 3.56 -15.78 12.45
C MET E 39 4.30 -17.09 12.65
N LEU E 40 3.82 -17.95 13.55
CA LEU E 40 4.34 -19.30 13.64
C LEU E 40 3.94 -20.12 12.42
N GLU E 41 2.77 -19.85 11.84
CA GLU E 41 2.34 -20.54 10.64
C GLU E 41 3.16 -20.10 9.43
N PHE E 42 3.63 -18.85 9.43
CA PHE E 42 4.52 -18.39 8.37
C PHE E 42 5.92 -18.91 8.58
N ALA E 43 6.40 -18.91 9.83
CA ALA E 43 7.73 -19.41 10.13
C ALA E 43 7.85 -20.90 9.85
N PHE E 44 6.78 -21.66 10.07
CA PHE E 44 6.78 -23.07 9.70
C PHE E 44 6.74 -23.23 8.19
N ARG E 45 5.96 -22.38 7.50
CA ARG E 45 5.89 -22.44 6.05
C ARG E 45 7.22 -22.04 5.40
N TYR E 46 7.97 -21.16 6.04
CA TYR E 46 9.24 -20.71 5.48
C TYR E 46 10.35 -21.73 5.69
N VAL E 47 10.35 -22.48 6.79
CA VAL E 47 11.43 -23.43 7.00
C VAL E 47 11.18 -24.75 6.29
N THR E 48 9.92 -25.10 6.02
CA THR E 48 9.61 -26.28 5.23
C THR E 48 9.60 -26.00 3.73
N THR E 49 9.99 -24.81 3.30
CA THR E 49 10.30 -24.57 1.90
C THR E 49 11.75 -24.22 1.67
N ILE E 50 12.51 -23.91 2.72
CA ILE E 50 13.97 -23.86 2.62
C ILE E 50 14.53 -25.28 2.64
N LEU E 51 14.09 -26.08 3.60
CA LEU E 51 14.61 -27.44 3.75
C LEU E 51 14.09 -28.37 2.67
N ASP E 52 12.91 -28.09 2.12
CA ASP E 52 12.43 -28.86 0.99
C ASP E 52 13.29 -28.59 -0.23
N ASP E 53 13.65 -27.33 -0.47
CA ASP E 53 14.58 -27.00 -1.54
C ASP E 53 16.02 -27.37 -1.21
N ALA E 54 16.35 -27.53 0.07
CA ALA E 54 17.73 -27.87 0.43
C ALA E 54 18.06 -29.31 0.06
N LYS E 55 17.11 -30.23 0.22
CA LYS E 55 17.36 -31.61 -0.19
C LYS E 55 17.20 -31.81 -1.69
N ILE E 56 16.51 -30.90 -2.38
CA ILE E 56 16.55 -30.89 -3.84
C ILE E 56 17.93 -30.48 -4.33
N TYR E 57 18.54 -29.51 -3.65
CA TYR E 57 19.89 -29.09 -4.01
C TYR E 57 20.95 -30.08 -3.55
N SER E 58 20.66 -30.86 -2.50
CA SER E 58 21.58 -31.89 -2.06
C SER E 58 21.59 -33.07 -3.03
N SER E 59 20.41 -33.44 -3.54
CA SER E 59 20.33 -34.49 -4.55
C SER E 59 20.92 -34.04 -5.89
N HIS E 60 20.96 -32.74 -6.14
CA HIS E 60 21.66 -32.24 -7.32
C HIS E 60 23.17 -32.41 -7.18
N ALA E 61 23.70 -32.13 -5.99
CA ALA E 61 25.12 -32.30 -5.72
C ALA E 61 25.49 -33.73 -5.33
N LYS E 62 24.48 -34.61 -5.17
CA LYS E 62 24.63 -36.03 -4.87
C LYS E 62 25.40 -36.26 -3.57
N LYS E 63 24.79 -35.80 -2.48
CA LYS E 63 25.28 -36.09 -1.14
C LYS E 63 24.10 -36.49 -0.26
N ALA E 64 24.31 -37.53 0.55
CA ALA E 64 23.23 -38.08 1.36
C ALA E 64 22.90 -37.23 2.58
N THR E 65 23.80 -36.35 2.98
CA THR E 65 23.57 -35.48 4.14
C THR E 65 23.37 -34.05 3.67
N VAL E 66 22.27 -33.45 4.07
CA VAL E 66 22.00 -32.04 3.78
C VAL E 66 22.83 -31.21 4.75
N ASP E 67 23.93 -30.65 4.26
CA ASP E 67 24.84 -29.89 5.11
C ASP E 67 24.57 -28.40 4.95
N ALA E 68 25.46 -27.58 5.52
CA ALA E 68 25.17 -26.15 5.68
C ALA E 68 25.27 -25.36 4.38
N ASP E 69 26.00 -25.86 3.38
CA ASP E 69 26.04 -25.14 2.12
C ASP E 69 24.75 -25.33 1.32
N ASP E 70 24.03 -26.42 1.58
CA ASP E 70 22.73 -26.63 0.94
C ASP E 70 21.70 -25.65 1.48
N VAL E 71 21.74 -25.37 2.78
CA VAL E 71 20.83 -24.39 3.36
C VAL E 71 21.29 -22.98 3.02
N ARG E 72 22.60 -22.77 2.85
CA ARG E 72 23.07 -21.47 2.35
C ARG E 72 22.63 -21.24 0.90
N LEU E 73 22.53 -22.30 0.11
CA LEU E 73 22.05 -22.14 -1.26
C LEU E 73 20.53 -21.96 -1.29
N ALA E 74 19.80 -22.71 -0.47
CA ALA E 74 18.35 -22.65 -0.51
C ALA E 74 17.80 -21.38 0.13
N ILE E 75 18.57 -20.72 0.99
CA ILE E 75 18.12 -19.44 1.54
C ILE E 75 18.27 -18.34 0.50
N GLN E 76 19.44 -18.25 -0.13
CA GLN E 76 19.72 -17.16 -1.06
C GLN E 76 19.08 -17.35 -2.43
N CYS E 77 18.57 -18.54 -2.73
CA CYS E 77 17.77 -18.72 -3.94
C CYS E 77 16.27 -18.61 -3.67
N ARG E 78 15.86 -18.61 -2.40
CA ARG E 78 14.49 -18.28 -2.06
C ARG E 78 14.32 -16.80 -1.74
N ALA E 79 15.36 -16.16 -1.19
CA ALA E 79 15.34 -14.73 -0.94
C ALA E 79 15.56 -13.92 -2.22
N ASP E 80 15.99 -14.55 -3.31
CA ASP E 80 16.11 -13.89 -4.59
C ASP E 80 14.78 -13.81 -5.32
N GLN E 81 13.80 -14.61 -4.92
CA GLN E 81 12.48 -14.58 -5.54
C GLN E 81 11.39 -14.10 -4.61
N SER E 82 11.40 -14.49 -3.33
CA SER E 82 10.25 -14.21 -2.46
C SER E 82 10.28 -12.79 -1.92
N PHE E 83 11.29 -12.46 -1.12
CA PHE E 83 11.31 -11.20 -0.37
C PHE E 83 11.93 -10.11 -1.24
N THR E 84 11.09 -9.33 -1.89
CA THR E 84 11.55 -8.19 -2.67
C THR E 84 11.55 -6.93 -1.81
N SER E 85 11.85 -5.81 -2.46
CA SER E 85 12.02 -4.54 -1.77
C SER E 85 11.55 -3.44 -2.70
N PRO E 86 11.33 -2.23 -2.19
CA PRO E 86 11.09 -1.07 -3.07
C PRO E 86 12.29 -0.76 -3.94
N PRO E 87 12.12 0.01 -5.00
CA PRO E 87 13.25 0.34 -5.88
C PRO E 87 14.29 1.19 -5.16
N PRO E 88 15.56 1.09 -5.56
CA PRO E 88 16.63 1.76 -4.82
C PRO E 88 16.71 3.24 -5.15
N ARG E 89 17.55 3.95 -4.37
CA ARG E 89 17.60 5.40 -4.45
C ARG E 89 18.29 5.89 -5.72
N ASP E 90 19.25 5.14 -6.24
CA ASP E 90 19.88 5.53 -7.50
C ASP E 90 18.98 5.25 -8.70
N PHE E 91 17.98 4.37 -8.54
CA PHE E 91 16.99 4.14 -9.57
C PHE E 91 15.85 5.14 -9.50
N LEU E 92 15.47 5.56 -8.29
CA LEU E 92 14.39 6.52 -8.14
C LEU E 92 14.84 7.92 -8.54
N LEU E 93 16.10 8.26 -8.32
CA LEU E 93 16.59 9.57 -8.68
C LEU E 93 16.90 9.70 -10.17
N ASP E 94 17.04 8.57 -10.88
CA ASP E 94 17.26 8.62 -12.31
C ASP E 94 15.95 8.77 -13.06
N ILE E 95 14.90 8.08 -12.62
CA ILE E 95 13.60 8.24 -13.25
C ILE E 95 12.93 9.53 -12.83
N ALA E 96 13.37 10.15 -11.73
CA ALA E 96 12.84 11.44 -11.35
C ALA E 96 13.35 12.53 -12.27
N ARG E 97 14.67 12.62 -12.44
CA ARG E 97 15.28 13.65 -13.29
C ARG E 97 14.97 13.44 -14.76
N GLN E 98 14.61 12.21 -15.17
CA GLN E 98 14.14 11.99 -16.53
C GLN E 98 12.71 12.48 -16.71
N ARG E 99 11.94 12.51 -15.63
CA ARG E 99 10.54 12.93 -15.65
C ARG E 99 10.38 14.41 -15.29
N ASN E 100 11.17 14.91 -14.34
CA ASN E 100 11.06 16.29 -13.89
C ASN E 100 11.69 17.30 -14.85
N GLN E 101 12.35 16.84 -15.91
CA GLN E 101 12.88 17.75 -16.91
C GLN E 101 11.80 18.24 -17.87
N THR E 102 10.78 17.43 -18.09
CA THR E 102 9.71 17.79 -19.02
C THR E 102 8.86 18.90 -18.41
N PRO E 103 8.68 20.03 -19.12
CA PRO E 103 7.92 21.15 -18.55
C PRO E 103 6.44 20.83 -18.46
N LEU E 104 5.77 21.56 -17.57
CA LEU E 104 4.35 21.35 -17.33
C LEU E 104 3.53 21.84 -18.53
N PRO E 105 2.55 21.07 -18.96
CA PRO E 105 1.73 21.49 -20.10
C PRO E 105 0.71 22.55 -19.71
N LEU E 106 0.33 23.36 -20.69
CA LEU E 106 -0.72 24.33 -20.49
C LEU E 106 -2.08 23.65 -20.51
N ILE E 107 -3.09 24.36 -20.04
CA ILE E 107 -4.43 23.82 -19.86
C ILE E 107 -5.36 24.50 -20.85
N LYS E 108 -6.17 23.70 -21.55
CA LYS E 108 -7.22 24.26 -22.38
C LYS E 108 -8.31 24.84 -21.48
N PRO E 109 -8.86 26.02 -21.81
CA PRO E 109 -9.66 26.75 -20.85
C PRO E 109 -11.06 26.20 -20.59
N TYR E 110 -11.69 25.62 -21.60
CA TYR E 110 -13.06 25.11 -21.46
C TYR E 110 -13.18 23.73 -22.08
N SER E 111 -12.25 22.84 -21.74
CA SER E 111 -12.26 21.48 -22.29
C SER E 111 -13.37 20.64 -21.68
N GLY E 112 -13.81 20.97 -20.46
CA GLY E 112 -14.87 20.24 -19.82
C GLY E 112 -14.39 19.53 -18.57
N PRO E 113 -14.91 18.33 -18.31
CA PRO E 113 -14.32 17.48 -17.27
C PRO E 113 -12.96 16.96 -17.69
N ARG E 114 -11.91 17.43 -17.01
CA ARG E 114 -10.54 17.11 -17.40
C ARG E 114 -10.22 15.66 -17.02
N LEU E 115 -10.07 14.81 -18.03
CA LEU E 115 -9.87 13.39 -17.85
C LEU E 115 -8.79 12.92 -18.81
N PRO E 116 -8.19 11.75 -18.55
CA PRO E 116 -7.30 11.13 -19.54
C PRO E 116 -8.04 10.68 -20.78
N PRO E 117 -7.33 10.19 -21.81
CA PRO E 117 -8.02 9.52 -22.93
C PRO E 117 -8.86 8.35 -22.46
N ASP E 118 -9.92 8.06 -23.23
CA ASP E 118 -11.00 7.20 -22.76
C ASP E 118 -10.59 5.74 -22.62
N ARG E 119 -9.47 5.34 -23.20
CA ARG E 119 -8.93 4.01 -22.96
C ARG E 119 -8.11 3.93 -21.68
N TYR E 120 -7.93 5.04 -20.97
CA TYR E 120 -7.25 5.06 -19.69
C TYR E 120 -8.19 5.37 -18.54
N CYS E 121 -9.45 5.68 -18.83
CA CYS E 121 -10.46 5.95 -17.81
C CYS E 121 -11.34 4.72 -17.61
N LEU E 122 -12.27 4.84 -16.67
CA LEU E 122 -13.23 3.78 -16.37
C LEU E 122 -14.65 4.21 -16.74
N THR E 123 -14.80 4.86 -17.89
CA THR E 123 -16.08 5.40 -18.33
C THR E 123 -16.45 4.76 -19.67
N ALA E 124 -17.14 3.63 -19.60
CA ALA E 124 -17.61 2.87 -20.76
C ALA E 124 -19.11 2.63 -20.57
N PRO E 125 -19.83 2.25 -21.64
CA PRO E 125 -21.28 2.02 -21.49
C PRO E 125 -21.70 0.94 -20.51
N ASN E 126 -20.81 0.01 -20.13
CA ASN E 126 -20.90 -0.81 -18.92
C ASN E 126 -22.15 -1.69 -18.89
N TYR E 127 -22.18 -2.65 -19.81
CA TYR E 127 -23.37 -3.43 -20.13
C TYR E 127 -23.68 -4.47 -19.05
N ARG E 128 -24.84 -5.12 -19.20
CA ARG E 128 -25.30 -6.18 -18.31
C ARG E 128 -26.26 -7.07 -19.09
N LEU E 129 -26.47 -8.29 -18.57
CA LEU E 129 -27.33 -9.24 -19.28
C LEU E 129 -28.80 -8.95 -19.08
N LYS E 130 -29.58 -9.20 -20.13
CA LYS E 130 -31.02 -9.06 -20.06
C LYS E 130 -31.62 -10.20 -19.23
N SER E 131 -32.43 -9.85 -18.25
CA SER E 131 -33.10 -10.85 -17.42
C SER E 131 -34.26 -11.46 -18.21
N LEU E 132 -34.18 -12.77 -18.44
CA LEU E 132 -35.26 -13.48 -19.12
C LEU E 132 -35.29 -14.93 -18.67
N THR F 114 -24.35 -20.50 -26.51
CA THR F 114 -24.06 -19.73 -25.27
C THR F 114 -24.44 -20.55 -24.03
N PRO F 115 -23.82 -21.71 -23.74
CA PRO F 115 -24.28 -22.52 -22.64
C PRO F 115 -24.20 -21.79 -21.28
N LEU F 116 -23.08 -21.13 -21.00
CA LEU F 116 -22.91 -20.40 -19.73
C LEU F 116 -23.81 -19.18 -19.70
N VAL F 117 -24.03 -18.49 -20.81
CA VAL F 117 -25.00 -17.36 -20.75
C VAL F 117 -26.37 -17.92 -20.39
N ASP F 118 -26.75 -19.06 -20.96
CA ASP F 118 -28.03 -19.68 -20.57
C ASP F 118 -28.03 -20.02 -19.08
N PHE F 119 -26.94 -20.57 -18.57
CA PHE F 119 -26.88 -20.98 -17.15
C PHE F 119 -27.01 -19.75 -16.28
N LEU F 120 -26.35 -18.65 -16.65
CA LEU F 120 -26.42 -17.47 -15.75
C LEU F 120 -27.83 -16.92 -15.79
N MET F 121 -28.46 -16.97 -16.95
CA MET F 121 -29.87 -16.52 -17.02
C MET F 121 -30.76 -17.41 -16.16
N GLN F 122 -30.50 -18.72 -16.09
CA GLN F 122 -31.24 -19.60 -15.16
C GLN F 122 -30.90 -19.32 -13.69
N LEU F 123 -29.71 -18.82 -13.39
CA LEU F 123 -29.24 -18.57 -11.99
C LEU F 123 -30.16 -17.65 -11.20
N GLU F 124 -31.05 -16.87 -11.81
CA GLU F 124 -32.12 -16.16 -11.05
C GLU F 124 -33.10 -17.27 -10.64
N ASP F 125 -33.59 -17.26 -9.41
CA ASP F 125 -34.47 -18.34 -8.89
C ASP F 125 -33.65 -19.53 -8.39
N TYR F 126 -32.31 -19.42 -8.40
CA TYR F 126 -31.45 -20.49 -7.84
C TYR F 126 -30.82 -19.97 -6.55
N THR F 127 -30.90 -20.75 -5.48
CA THR F 127 -30.22 -20.35 -4.22
C THR F 127 -28.97 -21.21 -4.07
N PRO F 128 -27.76 -20.63 -4.02
CA PRO F 128 -26.55 -21.40 -3.84
C PRO F 128 -26.26 -21.74 -2.37
N THR F 129 -25.37 -22.69 -2.12
CA THR F 129 -25.01 -23.15 -0.79
C THR F 129 -24.42 -22.03 0.06
N ILE F 130 -23.63 -21.15 -0.57
CA ILE F 130 -23.10 -19.97 0.11
C ILE F 130 -24.13 -18.86 -0.09
N PRO F 131 -24.47 -18.09 0.95
CA PRO F 131 -25.40 -16.97 0.76
C PRO F 131 -24.76 -15.85 -0.05
N ASP F 132 -25.61 -15.02 -0.65
CA ASP F 132 -25.13 -13.87 -1.39
C ASP F 132 -24.78 -12.70 -0.48
N ALA F 133 -25.21 -12.73 0.78
CA ALA F 133 -24.76 -11.75 1.76
C ALA F 133 -23.35 -12.04 2.24
N VAL F 134 -22.87 -13.26 2.05
CA VAL F 134 -21.52 -13.66 2.46
C VAL F 134 -20.58 -13.71 1.27
N THR F 135 -21.06 -14.22 0.13
CA THR F 135 -20.26 -14.15 -1.10
C THR F 135 -20.10 -12.70 -1.56
N GLY F 136 -21.15 -11.90 -1.43
CA GLY F 136 -21.07 -10.49 -1.77
C GLY F 136 -20.24 -9.68 -0.79
N TYR F 137 -20.04 -10.17 0.43
CA TYR F 137 -19.18 -9.47 1.37
C TYR F 137 -17.72 -9.57 0.98
N TYR F 138 -17.28 -10.78 0.62
CA TYR F 138 -15.90 -10.98 0.20
C TYR F 138 -15.65 -10.50 -1.22
N LEU F 139 -16.69 -10.22 -1.98
CA LEU F 139 -16.50 -9.57 -3.28
C LEU F 139 -16.38 -8.06 -3.10
N ASN F 140 -17.17 -7.48 -2.19
CA ASN F 140 -17.05 -6.05 -1.89
C ASN F 140 -15.73 -5.71 -1.24
N ARG F 141 -15.11 -6.69 -0.57
CA ARG F 141 -13.81 -6.49 0.05
C ARG F 141 -12.72 -6.34 -1.01
N ALA F 142 -12.93 -6.85 -2.22
CA ALA F 142 -11.96 -6.78 -3.29
C ALA F 142 -12.36 -5.82 -4.40
N GLY F 143 -13.39 -5.00 -4.19
CA GLY F 143 -13.81 -4.02 -5.18
C GLY F 143 -14.95 -4.46 -6.08
N PHE F 144 -15.24 -5.76 -6.12
CA PHE F 144 -16.36 -6.29 -6.90
C PHE F 144 -17.67 -5.88 -6.22
N GLU F 145 -18.48 -5.05 -6.88
CA GLU F 145 -19.72 -4.60 -6.29
C GLU F 145 -20.90 -5.33 -6.93
N ALA F 146 -21.96 -5.50 -6.13
CA ALA F 146 -23.11 -6.33 -6.51
C ALA F 146 -24.01 -5.56 -7.49
N SER F 147 -23.63 -5.61 -8.77
CA SER F 147 -24.49 -5.05 -9.80
C SER F 147 -25.63 -5.99 -10.13
N ASP F 148 -25.26 -7.29 -10.28
CA ASP F 148 -26.23 -8.38 -10.62
C ASP F 148 -26.10 -9.60 -9.67
N PRO F 149 -27.19 -10.06 -9.03
CA PRO F 149 -27.22 -11.22 -8.15
C PRO F 149 -26.79 -12.52 -8.81
N ARG F 150 -27.14 -12.71 -10.06
CA ARG F 150 -26.83 -13.94 -10.81
C ARG F 150 -25.32 -14.08 -10.90
N ILE F 151 -24.59 -12.99 -11.14
CA ILE F 151 -23.11 -13.02 -11.19
C ILE F 151 -22.58 -13.38 -9.81
N ILE F 152 -23.16 -12.77 -8.78
CA ILE F 152 -22.66 -13.23 -7.45
C ILE F 152 -22.87 -14.73 -7.31
N ARG F 153 -24.01 -15.27 -7.72
CA ARG F 153 -24.33 -16.70 -7.56
C ARG F 153 -23.40 -17.58 -8.37
N LEU F 154 -23.04 -17.21 -9.59
CA LEU F 154 -22.05 -18.00 -10.37
C LEU F 154 -20.70 -18.00 -9.66
N ILE F 155 -20.26 -16.87 -9.12
CA ILE F 155 -18.98 -16.87 -8.36
C ILE F 155 -19.09 -17.80 -7.15
N SER F 156 -20.21 -17.76 -6.45
CA SER F 156 -20.40 -18.65 -5.28
C SER F 156 -20.34 -20.12 -5.71
N LEU F 157 -21.00 -20.49 -6.80
CA LEU F 157 -20.98 -21.88 -7.29
C LEU F 157 -19.58 -22.29 -7.73
N ALA F 158 -18.82 -21.43 -8.35
CA ALA F 158 -17.42 -21.75 -8.73
C ALA F 158 -16.57 -22.02 -7.49
N ALA F 159 -16.71 -21.19 -6.47
CA ALA F 159 -15.95 -21.49 -5.24
C ALA F 159 -16.39 -22.83 -4.66
N GLN F 160 -17.69 -23.08 -4.69
CA GLN F 160 -18.20 -24.33 -4.10
C GLN F 160 -17.59 -25.48 -4.88
N LYS F 161 -17.53 -25.42 -6.20
CA LYS F 161 -17.01 -26.55 -7.00
C LYS F 161 -15.56 -26.72 -6.62
N PHE F 162 -14.80 -25.65 -6.46
CA PHE F 162 -13.39 -25.91 -6.10
C PHE F 162 -13.32 -26.67 -4.78
N ILE F 163 -14.01 -26.18 -3.76
CA ILE F 163 -13.85 -26.88 -2.45
C ILE F 163 -14.35 -28.31 -2.57
N SER F 164 -15.46 -28.54 -3.27
CA SER F 164 -16.07 -29.88 -3.40
C SER F 164 -15.15 -30.84 -4.12
N ASP F 165 -14.50 -30.41 -5.18
CA ASP F 165 -13.54 -31.27 -5.90
C ASP F 165 -12.38 -31.62 -4.99
N ILE F 166 -11.85 -30.64 -4.26
CA ILE F 166 -10.76 -31.04 -3.33
C ILE F 166 -11.30 -32.08 -2.35
N ALA F 167 -12.49 -31.87 -1.80
CA ALA F 167 -13.04 -32.79 -0.80
C ALA F 167 -13.25 -34.18 -1.36
N ASN F 168 -13.75 -34.31 -2.57
CA ASN F 168 -14.00 -35.62 -3.20
C ASN F 168 -12.68 -36.35 -3.43
N ASP F 169 -11.64 -35.63 -3.88
CA ASP F 169 -10.32 -36.29 -4.05
C ASP F 169 -9.81 -36.77 -2.70
N ALA F 170 -10.00 -35.95 -1.66
CA ALA F 170 -9.57 -36.35 -0.31
C ALA F 170 -10.32 -37.58 0.14
N LEU F 171 -11.61 -37.68 -0.16
CA LEU F 171 -12.42 -38.88 0.20
C LEU F 171 -11.94 -40.10 -0.56
N GLN F 172 -11.58 -39.96 -1.83
CA GLN F 172 -11.02 -41.16 -2.51
C GLN F 172 -9.75 -41.57 -1.76
N HIS F 173 -8.90 -40.63 -1.39
CA HIS F 173 -7.70 -41.04 -0.61
C HIS F 173 -8.08 -41.71 0.73
N CYS F 174 -9.05 -41.18 1.47
CA CYS F 174 -9.47 -41.78 2.77
C CYS F 174 -10.01 -43.19 2.54
N LYS F 175 -10.83 -43.40 1.51
CA LYS F 175 -11.42 -44.73 1.20
C LYS F 175 -10.30 -45.69 0.85
N MET F 176 -9.30 -45.22 0.10
CA MET F 176 -8.13 -46.08 -0.25
C MET F 176 -7.36 -46.46 1.02
N LYS F 177 -7.11 -45.52 1.92
CA LYS F 177 -6.28 -45.91 3.08
C LYS F 177 -7.12 -46.77 4.02
N LYS F 192 -14.17 -44.20 4.39
CA LYS F 192 -14.67 -42.81 4.26
C LYS F 192 -14.53 -42.10 5.61
N TYR F 193 -15.62 -41.56 6.14
CA TYR F 193 -15.62 -40.95 7.49
C TYR F 193 -14.70 -39.75 7.70
N THR F 194 -13.80 -39.73 8.69
CA THR F 194 -13.01 -38.54 9.10
C THR F 194 -12.04 -37.97 8.07
N LEU F 195 -12.02 -36.63 7.93
CA LEU F 195 -11.10 -35.96 6.98
C LEU F 195 -9.91 -35.51 7.78
N THR F 196 -8.74 -36.00 7.42
CA THR F 196 -7.56 -35.65 8.20
C THR F 196 -6.60 -34.91 7.30
N MET F 197 -5.70 -34.16 7.88
CA MET F 197 -4.66 -33.41 7.17
C MET F 197 -3.80 -34.32 6.31
N GLU F 198 -3.69 -35.60 6.64
CA GLU F 198 -2.99 -36.56 5.80
C GLU F 198 -3.86 -37.07 4.66
N ASP F 199 -5.11 -36.63 4.57
CA ASP F 199 -5.93 -36.81 3.39
C ASP F 199 -5.93 -35.58 2.49
N LEU F 200 -5.87 -34.39 3.08
CA LEU F 200 -5.74 -33.17 2.32
C LEU F 200 -4.35 -33.01 1.71
N THR F 201 -3.34 -33.67 2.28
CA THR F 201 -1.98 -33.52 1.76
C THR F 201 -1.77 -34.18 0.39
N PRO F 202 -2.18 -35.44 0.14
CA PRO F 202 -2.05 -35.93 -1.25
C PRO F 202 -3.14 -35.43 -2.16
N ALA F 203 -4.26 -34.93 -1.63
CA ALA F 203 -5.34 -34.44 -2.48
C ALA F 203 -4.98 -33.12 -3.14
N LEU F 204 -4.30 -32.25 -2.41
CA LEU F 204 -3.84 -30.97 -2.94
C LEU F 204 -2.48 -31.07 -3.63
N SER F 205 -1.82 -32.22 -3.56
CA SER F 205 -0.51 -32.36 -4.18
C SER F 205 -0.60 -32.49 -5.69
N GLU F 206 -1.69 -33.07 -6.21
CA GLU F 206 -1.89 -33.04 -7.65
C GLU F 206 -2.33 -31.67 -8.13
N TYR F 207 -2.89 -30.85 -7.24
CA TYR F 207 -3.20 -29.47 -7.57
C TYR F 207 -1.98 -28.56 -7.54
N GLY F 208 -0.85 -29.06 -7.05
CA GLY F 208 0.33 -28.25 -6.89
C GLY F 208 0.34 -27.39 -5.65
N ILE F 209 -0.46 -27.75 -4.65
CA ILE F 209 -0.60 -26.99 -3.41
C ILE F 209 -0.05 -27.84 -2.28
N ASN F 210 1.01 -27.36 -1.64
CA ASN F 210 1.60 -28.04 -0.49
C ASN F 210 0.96 -27.50 0.78
N VAL F 211 0.09 -28.29 1.38
CA VAL F 211 -0.59 -27.89 2.61
C VAL F 211 0.38 -28.09 3.78
N LYS F 212 0.22 -27.28 4.83
CA LYS F 212 1.14 -27.29 5.96
C LYS F 212 0.43 -27.79 7.21
N LYS F 213 1.12 -28.66 7.95
CA LYS F 213 0.64 -29.05 9.27
C LYS F 213 0.81 -27.88 10.23
N PRO F 214 0.00 -27.81 11.29
CA PRO F 214 0.20 -26.75 12.29
C PRO F 214 1.52 -26.84 13.04
N HIS F 215 1.73 -27.95 13.77
CA HIS F 215 3.02 -28.39 14.33
C HIS F 215 3.58 -27.45 15.41
N TYR F 216 2.89 -26.35 15.73
CA TYR F 216 3.40 -25.36 16.67
C TYR F 216 2.41 -25.05 17.79
N PHE F 217 1.36 -25.86 17.93
CA PHE F 217 0.36 -25.60 18.96
C PHE F 217 0.38 -26.69 20.04
N ASN G 55 25.27 -8.56 -30.23
CA ASN G 55 25.05 -8.74 -28.80
C ASN G 55 23.60 -9.10 -28.51
N GLN G 56 22.69 -8.62 -29.35
CA GLN G 56 21.27 -8.92 -29.20
C GLN G 56 21.00 -10.37 -29.57
N VAL G 57 20.35 -11.10 -28.65
CA VAL G 57 20.10 -12.52 -28.85
C VAL G 57 18.74 -12.80 -29.48
N LEU G 58 17.79 -11.87 -29.40
CA LEU G 58 16.48 -12.03 -30.00
C LEU G 58 16.31 -11.00 -31.10
N THR G 59 16.06 -11.45 -32.32
CA THR G 59 16.28 -10.66 -33.53
C THR G 59 15.07 -9.84 -33.95
N LYS G 60 14.01 -9.77 -33.13
CA LYS G 60 12.81 -8.93 -33.27
C LYS G 60 11.91 -9.36 -34.43
N LYS G 61 12.36 -10.31 -35.24
CA LYS G 61 11.54 -10.89 -36.30
C LYS G 61 11.05 -12.29 -35.94
N LYS G 62 11.88 -13.06 -35.22
CA LYS G 62 11.41 -14.33 -34.67
C LYS G 62 10.43 -14.13 -33.52
N LEU G 63 10.46 -12.96 -32.88
CA LEU G 63 9.43 -12.62 -31.90
C LEU G 63 8.09 -12.38 -32.57
N GLN G 64 8.11 -11.82 -33.78
CA GLN G 64 6.88 -11.63 -34.53
C GLN G 64 6.33 -12.94 -35.07
N ASP G 65 7.17 -13.96 -35.22
CA ASP G 65 6.67 -15.29 -35.55
C ASP G 65 6.15 -16.02 -34.32
N LEU G 66 6.56 -15.59 -33.12
CA LEU G 66 5.94 -16.11 -31.91
C LEU G 66 4.54 -15.58 -31.71
N VAL G 67 4.22 -14.43 -32.31
CA VAL G 67 2.87 -13.90 -32.24
C VAL G 67 2.00 -14.42 -33.37
N ARG G 68 2.58 -14.63 -34.56
CA ARG G 68 1.83 -15.17 -35.69
C ARG G 68 1.37 -16.60 -35.46
N GLU G 69 2.13 -17.38 -34.68
CA GLU G 69 1.71 -18.74 -34.36
C GLU G 69 0.52 -18.75 -33.42
N VAL G 70 0.43 -17.79 -32.50
CA VAL G 70 -0.71 -17.71 -31.60
C VAL G 70 -1.92 -17.12 -32.32
N ASP G 71 -1.78 -15.89 -32.84
CA ASP G 71 -2.84 -15.26 -33.62
C ASP G 71 -2.27 -14.88 -34.99
N PRO G 72 -2.88 -15.33 -36.09
CA PRO G 72 -2.43 -14.86 -37.41
C PRO G 72 -2.77 -13.40 -37.68
N ASN G 73 -3.72 -12.83 -36.93
CA ASN G 73 -4.09 -11.42 -37.05
C ASN G 73 -3.83 -10.75 -35.70
N GLU G 74 -2.59 -10.31 -35.50
CA GLU G 74 -2.23 -9.56 -34.31
C GLU G 74 -0.94 -8.80 -34.58
N GLN G 75 -0.87 -7.56 -34.12
CA GLN G 75 0.31 -6.72 -34.28
C GLN G 75 0.64 -6.07 -32.94
N LEU G 76 1.84 -6.31 -32.45
CA LEU G 76 2.28 -5.66 -31.23
C LEU G 76 2.66 -4.21 -31.51
N ASP G 77 2.84 -3.46 -30.43
CA ASP G 77 3.33 -2.07 -30.58
C ASP G 77 4.84 -2.15 -30.46
N GLU G 78 5.54 -1.12 -30.93
CA GLU G 78 7.00 -1.08 -30.81
C GLU G 78 7.40 -1.04 -29.33
N ASP G 79 6.68 -0.30 -28.49
CA ASP G 79 7.01 -0.32 -27.05
C ASP G 79 6.85 -1.73 -26.51
N VAL G 80 5.76 -2.41 -26.88
CA VAL G 80 5.51 -3.76 -26.34
C VAL G 80 6.66 -4.64 -26.80
N GLU G 81 7.08 -4.55 -28.05
CA GLU G 81 8.15 -5.44 -28.54
C GLU G 81 9.43 -5.17 -27.76
N GLU G 82 9.77 -3.91 -27.53
CA GLU G 82 11.02 -3.60 -26.82
C GLU G 82 10.94 -4.11 -25.39
N MET G 83 9.81 -3.95 -24.70
CA MET G 83 9.69 -4.48 -23.32
C MET G 83 9.79 -6.00 -23.32
N LEU G 84 9.22 -6.67 -24.31
CA LEU G 84 9.30 -8.14 -24.40
C LEU G 84 10.75 -8.54 -24.59
N LEU G 85 11.50 -7.81 -25.40
CA LEU G 85 12.94 -8.10 -25.57
C LEU G 85 13.68 -7.88 -24.25
N GLN G 86 13.35 -6.84 -23.51
CA GLN G 86 13.99 -6.64 -22.19
C GLN G 86 13.65 -7.77 -21.23
N ILE G 87 12.41 -8.23 -21.23
CA ILE G 87 11.98 -9.36 -20.35
C ILE G 87 12.77 -10.60 -20.73
N ALA G 88 12.95 -10.84 -22.02
CA ALA G 88 13.75 -12.01 -22.46
C ALA G 88 15.17 -11.87 -21.96
N ASP G 89 15.75 -10.69 -22.09
CA ASP G 89 17.16 -10.52 -21.71
C ASP G 89 17.28 -10.76 -20.21
N ASP G 90 16.33 -10.23 -19.47
CA ASP G 90 16.39 -10.36 -18.00
C ASP G 90 16.24 -11.82 -17.62
N PHE G 91 15.37 -12.56 -18.31
CA PHE G 91 15.15 -13.99 -18.01
C PHE G 91 16.46 -14.69 -18.26
N ILE G 92 17.08 -14.42 -19.40
CA ILE G 92 18.31 -15.19 -19.68
C ILE G 92 19.27 -14.88 -18.54
N GLU G 93 19.43 -13.62 -18.18
CA GLU G 93 20.45 -13.34 -17.14
C GLU G 93 20.13 -14.02 -15.84
N SER G 94 18.91 -13.92 -15.33
CA SER G 94 18.61 -14.50 -14.00
C SER G 94 18.79 -16.01 -14.05
N VAL G 95 18.30 -16.64 -15.12
CA VAL G 95 18.36 -18.11 -15.18
C VAL G 95 19.82 -18.51 -15.17
N VAL G 96 20.64 -17.87 -16.00
CA VAL G 96 22.05 -18.29 -16.08
C VAL G 96 22.70 -18.03 -14.73
N THR G 97 22.47 -16.90 -14.08
CA THR G 97 23.19 -16.69 -12.82
C THR G 97 22.81 -17.78 -11.83
N ALA G 98 21.53 -18.08 -11.68
CA ALA G 98 21.20 -19.09 -10.65
C ALA G 98 21.69 -20.48 -11.01
N ALA G 99 21.65 -20.83 -12.28
CA ALA G 99 22.10 -22.15 -12.74
C ALA G 99 23.59 -22.26 -12.43
N CYS G 100 24.33 -21.18 -12.65
CA CYS G 100 25.78 -21.14 -12.35
C CYS G 100 25.98 -21.27 -10.85
N GLN G 101 25.12 -20.71 -10.01
CA GLN G 101 25.21 -20.90 -8.54
C GLN G 101 25.03 -22.38 -8.19
N LEU G 102 24.09 -23.08 -8.82
CA LEU G 102 23.88 -24.53 -8.63
C LEU G 102 25.09 -25.31 -9.12
N ALA G 103 25.71 -24.91 -10.21
CA ALA G 103 26.89 -25.59 -10.78
C ALA G 103 28.11 -25.42 -9.89
N ARG G 104 28.33 -24.23 -9.33
CA ARG G 104 29.45 -24.05 -8.36
C ARG G 104 29.15 -24.93 -7.17
N HIS G 105 27.88 -25.02 -6.79
CA HIS G 105 27.43 -25.87 -5.66
C HIS G 105 27.76 -27.33 -5.94
N ARG G 106 27.62 -27.78 -7.18
CA ARG G 106 27.89 -29.17 -7.57
C ARG G 106 29.40 -29.27 -7.83
N LYS G 107 30.16 -28.23 -7.48
CA LYS G 107 31.63 -28.21 -7.65
C LYS G 107 32.02 -28.42 -9.12
N SER G 108 31.39 -27.69 -10.04
CA SER G 108 31.65 -27.93 -11.49
C SER G 108 31.98 -26.64 -12.22
N SER G 109 32.72 -26.77 -13.32
CA SER G 109 33.01 -25.61 -14.18
C SER G 109 32.29 -25.83 -15.51
N THR G 110 31.31 -26.72 -15.56
CA THR G 110 30.70 -27.09 -16.86
C THR G 110 29.30 -26.52 -17.14
N LEU G 111 28.53 -26.01 -16.18
CA LEU G 111 27.16 -25.54 -16.52
C LEU G 111 26.39 -26.52 -17.41
N GLU G 112 26.18 -27.76 -16.99
CA GLU G 112 25.36 -28.73 -17.74
C GLU G 112 23.87 -28.37 -17.56
N VAL G 113 22.99 -28.91 -18.40
CA VAL G 113 21.54 -28.52 -18.37
C VAL G 113 20.92 -28.88 -17.02
N LYS G 114 21.22 -30.04 -16.48
CA LYS G 114 20.70 -30.41 -15.16
C LYS G 114 20.66 -29.14 -14.31
N ASP G 115 21.66 -28.25 -14.45
CA ASP G 115 21.68 -27.05 -13.62
C ASP G 115 20.65 -26.03 -14.12
N VAL G 116 20.51 -25.89 -15.43
CA VAL G 116 19.51 -24.98 -15.99
C VAL G 116 18.12 -25.54 -15.79
N GLN G 117 17.97 -26.86 -15.89
CA GLN G 117 16.66 -27.49 -15.75
C GLN G 117 16.15 -27.42 -14.32
N LEU G 118 17.05 -27.45 -13.34
CA LEU G 118 16.64 -27.40 -11.94
C LEU G 118 16.12 -26.02 -11.55
N HIS G 119 16.69 -24.96 -12.12
CA HIS G 119 16.27 -23.62 -11.78
C HIS G 119 14.92 -23.28 -12.39
N LEU G 120 14.61 -23.85 -13.55
CA LEU G 120 13.29 -23.65 -14.15
C LEU G 120 12.20 -24.35 -13.34
N GLU G 121 12.47 -25.55 -12.85
CA GLU G 121 11.42 -26.32 -12.18
C GLU G 121 11.14 -25.79 -10.78
N ARG G 122 12.14 -25.24 -10.10
CA ARG G 122 11.98 -24.84 -8.71
C ARG G 122 11.57 -23.39 -8.53
N GLN G 123 11.98 -22.49 -9.44
CA GLN G 123 11.67 -21.08 -9.30
C GLN G 123 10.71 -20.56 -10.37
N TRP G 124 10.63 -21.21 -11.52
CA TRP G 124 9.77 -20.74 -12.61
C TRP G 124 8.66 -21.71 -12.98
N ASN G 125 8.78 -23.00 -12.61
CA ASN G 125 7.81 -24.06 -12.91
C ASN G 125 7.54 -24.19 -14.41
N MET G 126 8.62 -24.43 -15.16
CA MET G 126 8.55 -24.51 -16.61
C MET G 126 8.48 -25.94 -17.13
N TRP G 127 9.36 -26.78 -16.57
CA TRP G 127 9.33 -28.22 -16.92
C TRP G 127 9.52 -28.39 -18.41
N ILE G 128 10.55 -27.77 -18.95
CA ILE G 128 10.88 -27.96 -20.39
C ILE G 128 11.42 -29.37 -20.52
N PRO G 129 10.97 -30.16 -21.52
CA PRO G 129 11.53 -31.48 -21.73
C PRO G 129 13.02 -31.28 -22.03
N GLY G 130 13.91 -32.11 -21.47
CA GLY G 130 15.36 -31.94 -21.68
C GLY G 130 15.86 -32.69 -22.89
#